data_7R0Y
# 
_entry.id   7R0Y 
# 
_audit_conform.dict_name       mmcif_pdbx.dic 
_audit_conform.dict_version    5.406 
_audit_conform.dict_location   http://mmcif.pdb.org/dictionaries/ascii/mmcif_pdbx.dic 
# 
loop_
_database_2.database_id 
_database_2.database_code 
_database_2.pdbx_database_accession 
_database_2.pdbx_DOI 
PDB   7R0Y         pdb_00007r0y 10.2210/pdb7r0y/pdb 
WWPDB D_1292120777 ?            ?                   
# 
loop_
_pdbx_audit_revision_history.ordinal 
_pdbx_audit_revision_history.data_content_type 
_pdbx_audit_revision_history.major_revision 
_pdbx_audit_revision_history.minor_revision 
_pdbx_audit_revision_history.revision_date 
_pdbx_audit_revision_history.part_number 
1 'Structure model' 1 0 2022-11-23 ? 
2 'Structure model' 1 1 2022-12-07 ? 
3 'Structure model' 1 2 2023-01-11 ? 
4 'Structure model' 1 3 2024-01-31 ? 
5 'Structure model' 1 4 2025-10-01 ? 
# 
_pdbx_audit_revision_details.ordinal             1 
_pdbx_audit_revision_details.revision_ordinal    1 
_pdbx_audit_revision_details.data_content_type   'Structure model' 
_pdbx_audit_revision_details.provider            repository 
_pdbx_audit_revision_details.type                'Initial release' 
_pdbx_audit_revision_details.description         ? 
_pdbx_audit_revision_details.details             ? 
# 
loop_
_pdbx_audit_revision_group.ordinal 
_pdbx_audit_revision_group.revision_ordinal 
_pdbx_audit_revision_group.data_content_type 
_pdbx_audit_revision_group.group 
1 2 'Structure model' 'Database references'    
2 3 'Structure model' 'Database references'    
3 4 'Structure model' 'Data collection'        
4 4 'Structure model' 'Refinement description' 
5 5 'Structure model' Advisory                 
6 5 'Structure model' 'Derived calculations'   
7 5 'Structure model' 'Structure summary'      
# 
loop_
_pdbx_audit_revision_category.ordinal 
_pdbx_audit_revision_category.revision_ordinal 
_pdbx_audit_revision_category.data_content_type 
_pdbx_audit_revision_category.category 
1  2 'Structure model' citation                      
2  2 'Structure model' citation_author               
3  3 'Structure model' citation_author               
4  4 'Structure model' chem_comp_atom                
5  4 'Structure model' chem_comp_bond                
6  4 'Structure model' pdbx_initial_refinement_model 
7  5 'Structure model' pdbx_entry_details            
8  5 'Structure model' pdbx_validate_close_contact   
9  5 'Structure model' pdbx_validate_symm_contact    
10 5 'Structure model' struct_conn                   
# 
loop_
_pdbx_audit_revision_item.ordinal 
_pdbx_audit_revision_item.revision_ordinal 
_pdbx_audit_revision_item.data_content_type 
_pdbx_audit_revision_item.item 
1 2 'Structure model' '_citation.journal_volume'                     
2 2 'Structure model' '_citation.page_first'                         
3 2 'Structure model' '_citation.page_last'                          
4 2 'Structure model' '_citation_author.identifier_ORCID'            
5 3 'Structure model' '_citation_author.identifier_ORCID'            
6 5 'Structure model' '_pdbx_entry_details.has_protein_modification' 
# 
_pdbx_database_status.status_code                     REL 
_pdbx_database_status.status_code_sf                  REL 
_pdbx_database_status.status_code_mr                  ? 
_pdbx_database_status.entry_id                        7R0Y 
_pdbx_database_status.recvd_initial_deposition_date   2022-02-02 
_pdbx_database_status.SG_entry                        N 
_pdbx_database_status.deposit_site                    PDBE 
_pdbx_database_status.process_site                    PDBE 
_pdbx_database_status.status_code_cs                  ? 
_pdbx_database_status.status_code_nmr_data            ? 
_pdbx_database_status.methods_development_category    ? 
_pdbx_database_status.pdb_format_compatible           N 
# 
_pdbx_contact_author.id                 2 
_pdbx_contact_author.email              martin.noble@ncl.ac.uk 
_pdbx_contact_author.name_first         Martin 
_pdbx_contact_author.name_last          Noble 
_pdbx_contact_author.name_mi            E.M 
_pdbx_contact_author.role               'principal investigator/group leader' 
_pdbx_contact_author.identifier_ORCID   0000-0002-3595-9807 
# 
loop_
_audit_author.name 
_audit_author.pdbx_ordinal 
_audit_author.identifier_ORCID 
'Turberville, S.' 1 0000-0003-2173-9675 
'Martin, M.P.'    2 0000-0003-4810-3351 
'Hope, I.'        3 ?                   
'Noble, M.E.M.'   4 0000-0002-3595-9807 
# 
_citation.abstract                  ? 
_citation.abstract_id_CAS           ? 
_citation.book_id_ISBN              ? 
_citation.book_publisher            ? 
_citation.book_publisher_city       ? 
_citation.book_title                ? 
_citation.coordinate_linkage        ? 
_citation.country                   US 
_citation.database_id_Medline       ? 
_citation.details                   ? 
_citation.id                        primary 
_citation.journal_abbrev            J.Med.Chem. 
_citation.journal_id_ASTM           JMCMAR 
_citation.journal_id_CSD            0151 
_citation.journal_id_ISSN           0022-2623 
_citation.journal_full              ? 
_citation.journal_issue             ? 
_citation.journal_volume            65 
_citation.language                  ? 
_citation.page_first                15416 
_citation.page_last                 15432 
_citation.title                     
;Mapping Ligand Interactions of Bromodomains BRD4 and ATAD2 with FragLites and PepLites&#9472;Halogenated Probes of Druglike and Peptide-like Molecular Interactions.
;
_citation.year                      2022 
_citation.database_id_CSD           ? 
_citation.pdbx_database_id_DOI      10.1021/acs.jmedchem.2c01357 
_citation.pdbx_database_id_PubMed   36367089 
_citation.pdbx_database_id_patent   ? 
_citation.unpublished_flag          ? 
# 
loop_
_citation_author.citation_id 
_citation_author.name 
_citation_author.ordinal 
_citation_author.identifier_ORCID 
primary 'Davison, G.'       1  0000-0001-5466-2702 
primary 'Martin, M.P.'      2  ?                   
primary 'Turberville, S.'   3  ?                   
primary 'Dormen, S.'        4  ?                   
primary 'Heath, R.'         5  ?                   
primary 'Heptinstall, A.B.' 6  ?                   
primary 'Lawson, M.'        7  ?                   
primary 'Miller, D.C.'      8  0000-0001-6846-2007 
primary 'Ng, Y.M.'          9  ?                   
primary 'Sanderson, J.N.'   10 0000-0003-1000-2897 
primary 'Hope, I.'          11 0000-0002-8002-5026 
primary 'Wood, D.J.'        12 ?                   
primary 'Cano, C.'          13 0000-0002-2032-2272 
primary 'Endicott, J.A.'    14 ?                   
primary 'Hardcastle, I.R.'  15 0000-0001-7495-3769 
primary 'Noble, M.E.M.'     16 ?                   
primary 'Waring, M.J.'      17 0000-0002-9110-8783 
# 
loop_
_entity.id 
_entity.type 
_entity.src_method 
_entity.pdbx_description 
_entity.formula_weight 
_entity.pdbx_number_of_molecules 
_entity.pdbx_ec 
_entity.pdbx_mutation 
_entity.pdbx_fragment 
_entity.details 
1 polymer     man 'ATPase family AAA domain-containing protein 2'       15453.514 1   3.6.1.3 ? bromodomain ? 
2 non-polymer syn 'SULFATE ION'                                         96.063    2   ?       ? ?           ? 
3 non-polymer syn 'CHLORIDE ION'                                        35.453    1   ?       ? ?           ? 
4 non-polymer syn '(2~{S})-2-acetamido-~{N}-prop-2-enyl-pentanediamide' 227.260   1   ?       ? ?           ? 
5 non-polymer syn 1,2-ETHANEDIOL                                        62.068    2   ?       ? ?           ? 
6 water       nat water                                                 18.015    230 ?       ? ?           ? 
# 
_entity_name_com.entity_id   1 
_entity_name_com.name        'AAA nuclear coregulator cancer-associated protein,ANCCA' 
# 
_entity_poly.entity_id                      1 
_entity_poly.type                           'polypeptide(L)' 
_entity_poly.nstd_linkage                   no 
_entity_poly.nstd_monomer                   no 
_entity_poly.pdbx_seq_one_letter_code       
;SMQEEDTFRELRIFLRNVTHRLAIDKRFRVFTKPVDPDEVPDYVTVIKQPMDLSSVISKIDLHKYLTVKDYLRDIDLICS
NALEYNPDRDPGDRLIRHRACALRDTAYAIIKEELDEDFEQLCEEIQESR
;
_entity_poly.pdbx_seq_one_letter_code_can   
;SMQEEDTFRELRIFLRNVTHRLAIDKRFRVFTKPVDPDEVPDYVTVIKQPMDLSSVISKIDLHKYLTVKDYLRDIDLICS
NALEYNPDRDPGDRLIRHRACALRDTAYAIIKEELDEDFEQLCEEIQESR
;
_entity_poly.pdbx_strand_id                 AAA 
_entity_poly.pdbx_target_identifier         ? 
# 
loop_
_pdbx_entity_nonpoly.entity_id 
_pdbx_entity_nonpoly.name 
_pdbx_entity_nonpoly.comp_id 
2 'SULFATE ION'                                         SO4 
3 'CHLORIDE ION'                                        CL  
4 '(2~{S})-2-acetamido-~{N}-prop-2-enyl-pentanediamide' HNU 
5 1,2-ETHANEDIOL                                        EDO 
6 water                                                 HOH 
# 
loop_
_entity_poly_seq.entity_id 
_entity_poly_seq.num 
_entity_poly_seq.mon_id 
_entity_poly_seq.hetero 
1 1   SER n 
1 2   MET n 
1 3   GLN n 
1 4   GLU n 
1 5   GLU n 
1 6   ASP n 
1 7   THR n 
1 8   PHE n 
1 9   ARG n 
1 10  GLU n 
1 11  LEU n 
1 12  ARG n 
1 13  ILE n 
1 14  PHE n 
1 15  LEU n 
1 16  ARG n 
1 17  ASN n 
1 18  VAL n 
1 19  THR n 
1 20  HIS n 
1 21  ARG n 
1 22  LEU n 
1 23  ALA n 
1 24  ILE n 
1 25  ASP n 
1 26  LYS n 
1 27  ARG n 
1 28  PHE n 
1 29  ARG n 
1 30  VAL n 
1 31  PHE n 
1 32  THR n 
1 33  LYS n 
1 34  PRO n 
1 35  VAL n 
1 36  ASP n 
1 37  PRO n 
1 38  ASP n 
1 39  GLU n 
1 40  VAL n 
1 41  PRO n 
1 42  ASP n 
1 43  TYR n 
1 44  VAL n 
1 45  THR n 
1 46  VAL n 
1 47  ILE n 
1 48  LYS n 
1 49  GLN n 
1 50  PRO n 
1 51  MET n 
1 52  ASP n 
1 53  LEU n 
1 54  SER n 
1 55  SER n 
1 56  VAL n 
1 57  ILE n 
1 58  SER n 
1 59  LYS n 
1 60  ILE n 
1 61  ASP n 
1 62  LEU n 
1 63  HIS n 
1 64  LYS n 
1 65  TYR n 
1 66  LEU n 
1 67  THR n 
1 68  VAL n 
1 69  LYS n 
1 70  ASP n 
1 71  TYR n 
1 72  LEU n 
1 73  ARG n 
1 74  ASP n 
1 75  ILE n 
1 76  ASP n 
1 77  LEU n 
1 78  ILE n 
1 79  CYS n 
1 80  SER n 
1 81  ASN n 
1 82  ALA n 
1 83  LEU n 
1 84  GLU n 
1 85  TYR n 
1 86  ASN n 
1 87  PRO n 
1 88  ASP n 
1 89  ARG n 
1 90  ASP n 
1 91  PRO n 
1 92  GLY n 
1 93  ASP n 
1 94  ARG n 
1 95  LEU n 
1 96  ILE n 
1 97  ARG n 
1 98  HIS n 
1 99  ARG n 
1 100 ALA n 
1 101 CYS n 
1 102 ALA n 
1 103 LEU n 
1 104 ARG n 
1 105 ASP n 
1 106 THR n 
1 107 ALA n 
1 108 TYR n 
1 109 ALA n 
1 110 ILE n 
1 111 ILE n 
1 112 LYS n 
1 113 GLU n 
1 114 GLU n 
1 115 LEU n 
1 116 ASP n 
1 117 GLU n 
1 118 ASP n 
1 119 PHE n 
1 120 GLU n 
1 121 GLN n 
1 122 LEU n 
1 123 CYS n 
1 124 GLU n 
1 125 GLU n 
1 126 ILE n 
1 127 GLN n 
1 128 GLU n 
1 129 SER n 
1 130 ARG n 
# 
_entity_src_gen.entity_id                          1 
_entity_src_gen.pdbx_src_id                        1 
_entity_src_gen.pdbx_alt_source_flag               sample 
_entity_src_gen.pdbx_seq_type                      'Biological sequence' 
_entity_src_gen.pdbx_beg_seq_num                   1 
_entity_src_gen.pdbx_end_seq_num                   130 
_entity_src_gen.gene_src_common_name               human 
_entity_src_gen.gene_src_genus                     ? 
_entity_src_gen.pdbx_gene_src_gene                 'ATAD2, L16, PRO2000' 
_entity_src_gen.gene_src_species                   ? 
_entity_src_gen.gene_src_strain                    ? 
_entity_src_gen.gene_src_tissue                    ? 
_entity_src_gen.gene_src_tissue_fraction           ? 
_entity_src_gen.gene_src_details                   ? 
_entity_src_gen.pdbx_gene_src_fragment             ? 
_entity_src_gen.pdbx_gene_src_scientific_name      'Homo sapiens' 
_entity_src_gen.pdbx_gene_src_ncbi_taxonomy_id     9606 
_entity_src_gen.pdbx_gene_src_variant              ? 
_entity_src_gen.pdbx_gene_src_cell_line            ? 
_entity_src_gen.pdbx_gene_src_atcc                 ? 
_entity_src_gen.pdbx_gene_src_organ                ? 
_entity_src_gen.pdbx_gene_src_organelle            ? 
_entity_src_gen.pdbx_gene_src_cell                 ? 
_entity_src_gen.pdbx_gene_src_cellular_location    ? 
_entity_src_gen.host_org_common_name               ? 
_entity_src_gen.pdbx_host_org_scientific_name      'Escherichia coli' 
_entity_src_gen.pdbx_host_org_ncbi_taxonomy_id     562 
_entity_src_gen.host_org_genus                     ? 
_entity_src_gen.pdbx_host_org_gene                 ? 
_entity_src_gen.pdbx_host_org_organ                ? 
_entity_src_gen.host_org_species                   ? 
_entity_src_gen.pdbx_host_org_tissue               ? 
_entity_src_gen.pdbx_host_org_tissue_fraction      ? 
_entity_src_gen.pdbx_host_org_strain               ? 
_entity_src_gen.pdbx_host_org_variant              ? 
_entity_src_gen.pdbx_host_org_cell_line            ? 
_entity_src_gen.pdbx_host_org_atcc                 ? 
_entity_src_gen.pdbx_host_org_culture_collection   ? 
_entity_src_gen.pdbx_host_org_cell                 'BL21 (DE3)' 
_entity_src_gen.pdbx_host_org_organelle            ? 
_entity_src_gen.pdbx_host_org_cellular_location    ? 
_entity_src_gen.pdbx_host_org_vector_type          pET28b 
_entity_src_gen.pdbx_host_org_vector               ? 
_entity_src_gen.host_org_details                   ? 
_entity_src_gen.expression_system_id               ? 
_entity_src_gen.plasmid_name                       ? 
_entity_src_gen.plasmid_details                    ? 
_entity_src_gen.pdbx_description                   ? 
# 
loop_
_chem_comp.id 
_chem_comp.type 
_chem_comp.mon_nstd_flag 
_chem_comp.name 
_chem_comp.pdbx_synonyms 
_chem_comp.formula 
_chem_comp.formula_weight 
ALA 'L-peptide linking' y ALANINE                                               ?                 'C3 H7 N O2'     89.093  
ARG 'L-peptide linking' y ARGININE                                              ?                 'C6 H15 N4 O2 1' 175.209 
ASN 'L-peptide linking' y ASPARAGINE                                            ?                 'C4 H8 N2 O3'    132.118 
ASP 'L-peptide linking' y 'ASPARTIC ACID'                                       ?                 'C4 H7 N O4'     133.103 
CL  non-polymer         . 'CHLORIDE ION'                                        ?                 'Cl -1'          35.453  
CYS 'L-peptide linking' y CYSTEINE                                              ?                 'C3 H7 N O2 S'   121.158 
EDO non-polymer         . 1,2-ETHANEDIOL                                        'ETHYLENE GLYCOL' 'C2 H6 O2'       62.068  
GLN 'L-peptide linking' y GLUTAMINE                                             ?                 'C5 H10 N2 O3'   146.144 
GLU 'L-peptide linking' y 'GLUTAMIC ACID'                                       ?                 'C5 H9 N O4'     147.129 
GLY 'peptide linking'   y GLYCINE                                               ?                 'C2 H5 N O2'     75.067  
HIS 'L-peptide linking' y HISTIDINE                                             ?                 'C6 H10 N3 O2 1' 156.162 
HNU non-polymer         . '(2~{S})-2-acetamido-~{N}-prop-2-enyl-pentanediamide' ?                 'C10 H17 N3 O3'  227.260 
HOH non-polymer         . WATER                                                 ?                 'H2 O'           18.015  
ILE 'L-peptide linking' y ISOLEUCINE                                            ?                 'C6 H13 N O2'    131.173 
LEU 'L-peptide linking' y LEUCINE                                               ?                 'C6 H13 N O2'    131.173 
LYS 'L-peptide linking' y LYSINE                                                ?                 'C6 H15 N2 O2 1' 147.195 
MET 'L-peptide linking' y METHIONINE                                            ?                 'C5 H11 N O2 S'  149.211 
PHE 'L-peptide linking' y PHENYLALANINE                                         ?                 'C9 H11 N O2'    165.189 
PRO 'L-peptide linking' y PROLINE                                               ?                 'C5 H9 N O2'     115.130 
SER 'L-peptide linking' y SERINE                                                ?                 'C3 H7 N O3'     105.093 
SO4 non-polymer         . 'SULFATE ION'                                         ?                 'O4 S -2'        96.063  
THR 'L-peptide linking' y THREONINE                                             ?                 'C4 H9 N O3'     119.119 
TYR 'L-peptide linking' y TYROSINE                                              ?                 'C9 H11 N O3'    181.189 
VAL 'L-peptide linking' y VALINE                                                ?                 'C5 H11 N O2'    117.146 
# 
loop_
_pdbx_poly_seq_scheme.asym_id 
_pdbx_poly_seq_scheme.entity_id 
_pdbx_poly_seq_scheme.seq_id 
_pdbx_poly_seq_scheme.mon_id 
_pdbx_poly_seq_scheme.ndb_seq_num 
_pdbx_poly_seq_scheme.pdb_seq_num 
_pdbx_poly_seq_scheme.auth_seq_num 
_pdbx_poly_seq_scheme.pdb_mon_id 
_pdbx_poly_seq_scheme.auth_mon_id 
_pdbx_poly_seq_scheme.pdb_strand_id 
_pdbx_poly_seq_scheme.pdb_ins_code 
_pdbx_poly_seq_scheme.hetero 
A 1 1   SER 1   979  979  SER SER AAA . n 
A 1 2   MET 2   980  980  MET MET AAA . n 
A 1 3   GLN 3   981  981  GLN GLN AAA . n 
A 1 4   GLU 4   982  982  GLU GLU AAA . n 
A 1 5   GLU 5   983  983  GLU GLU AAA . n 
A 1 6   ASP 6   984  984  ASP ASP AAA . n 
A 1 7   THR 7   985  985  THR THR AAA . n 
A 1 8   PHE 8   986  986  PHE PHE AAA . n 
A 1 9   ARG 9   987  987  ARG ARG AAA . n 
A 1 10  GLU 10  988  988  GLU GLU AAA . n 
A 1 11  LEU 11  989  989  LEU LEU AAA . n 
A 1 12  ARG 12  990  990  ARG ARG AAA . n 
A 1 13  ILE 13  991  991  ILE ILE AAA . n 
A 1 14  PHE 14  992  992  PHE PHE AAA . n 
A 1 15  LEU 15  993  993  LEU LEU AAA . n 
A 1 16  ARG 16  994  994  ARG ARG AAA . n 
A 1 17  ASN 17  995  995  ASN ASN AAA . n 
A 1 18  VAL 18  996  996  VAL VAL AAA . n 
A 1 19  THR 19  997  997  THR THR AAA . n 
A 1 20  HIS 20  998  998  HIS HIS AAA . n 
A 1 21  ARG 21  999  999  ARG ARG AAA . n 
A 1 22  LEU 22  1000 1000 LEU LEU AAA . n 
A 1 23  ALA 23  1001 1001 ALA ALA AAA . n 
A 1 24  ILE 24  1002 1002 ILE ILE AAA . n 
A 1 25  ASP 25  1003 1003 ASP ASP AAA . n 
A 1 26  LYS 26  1004 1004 LYS LYS AAA . n 
A 1 27  ARG 27  1005 1005 ARG ARG AAA . n 
A 1 28  PHE 28  1006 1006 PHE PHE AAA . n 
A 1 29  ARG 29  1007 1007 ARG ARG AAA . n 
A 1 30  VAL 30  1008 1008 VAL VAL AAA . n 
A 1 31  PHE 31  1009 1009 PHE PHE AAA . n 
A 1 32  THR 32  1010 1010 THR THR AAA . n 
A 1 33  LYS 33  1011 1011 LYS LYS AAA . n 
A 1 34  PRO 34  1012 1012 PRO PRO AAA . n 
A 1 35  VAL 35  1013 1013 VAL VAL AAA . n 
A 1 36  ASP 36  1014 1014 ASP ASP AAA . n 
A 1 37  PRO 37  1015 1015 PRO PRO AAA . n 
A 1 38  ASP 38  1016 1016 ASP ASP AAA . n 
A 1 39  GLU 39  1017 1017 GLU GLU AAA . n 
A 1 40  VAL 40  1018 1018 VAL VAL AAA . n 
A 1 41  PRO 41  1019 1019 PRO PRO AAA . n 
A 1 42  ASP 42  1020 1020 ASP ASP AAA . n 
A 1 43  TYR 43  1021 1021 TYR TYR AAA . n 
A 1 44  VAL 44  1022 1022 VAL VAL AAA . n 
A 1 45  THR 45  1023 1023 THR THR AAA . n 
A 1 46  VAL 46  1024 1024 VAL VAL AAA . n 
A 1 47  ILE 47  1025 1025 ILE ILE AAA . n 
A 1 48  LYS 48  1026 1026 LYS LYS AAA . n 
A 1 49  GLN 49  1027 1027 GLN GLN AAA . n 
A 1 50  PRO 50  1028 1028 PRO PRO AAA . n 
A 1 51  MET 51  1029 1029 MET MET AAA . n 
A 1 52  ASP 52  1030 1030 ASP ASP AAA . n 
A 1 53  LEU 53  1031 1031 LEU LEU AAA . n 
A 1 54  SER 54  1032 1032 SER SER AAA . n 
A 1 55  SER 55  1033 1033 SER SER AAA . n 
A 1 56  VAL 56  1034 1034 VAL VAL AAA . n 
A 1 57  ILE 57  1035 1035 ILE ILE AAA . n 
A 1 58  SER 58  1036 1036 SER SER AAA . n 
A 1 59  LYS 59  1037 1037 LYS LYS AAA . n 
A 1 60  ILE 60  1038 1038 ILE ILE AAA . n 
A 1 61  ASP 61  1039 1039 ASP ASP AAA . n 
A 1 62  LEU 62  1040 1040 LEU LEU AAA . n 
A 1 63  HIS 63  1041 1041 HIS HIS AAA . n 
A 1 64  LYS 64  1042 1042 LYS LYS AAA . n 
A 1 65  TYR 65  1043 1043 TYR TYR AAA . n 
A 1 66  LEU 66  1044 1044 LEU LEU AAA . n 
A 1 67  THR 67  1045 1045 THR THR AAA . n 
A 1 68  VAL 68  1046 1046 VAL VAL AAA . n 
A 1 69  LYS 69  1047 1047 LYS LYS AAA . n 
A 1 70  ASP 70  1048 1048 ASP ASP AAA . n 
A 1 71  TYR 71  1049 1049 TYR TYR AAA . n 
A 1 72  LEU 72  1050 1050 LEU LEU AAA . n 
A 1 73  ARG 73  1051 1051 ARG ARG AAA . n 
A 1 74  ASP 74  1052 1052 ASP ASP AAA . n 
A 1 75  ILE 75  1053 1053 ILE ILE AAA . n 
A 1 76  ASP 76  1054 1054 ASP ASP AAA . n 
A 1 77  LEU 77  1055 1055 LEU LEU AAA . n 
A 1 78  ILE 78  1056 1056 ILE ILE AAA . n 
A 1 79  CYS 79  1057 1057 CYS CYS AAA . n 
A 1 80  SER 80  1058 1058 SER SER AAA . n 
A 1 81  ASN 81  1059 1059 ASN ASN AAA . n 
A 1 82  ALA 82  1060 1060 ALA ALA AAA . n 
A 1 83  LEU 83  1061 1061 LEU LEU AAA . n 
A 1 84  GLU 84  1062 1062 GLU GLU AAA . n 
A 1 85  TYR 85  1063 1063 TYR TYR AAA . n 
A 1 86  ASN 86  1064 1064 ASN ASN AAA . n 
A 1 87  PRO 87  1065 1065 PRO PRO AAA . n 
A 1 88  ASP 88  1066 1066 ASP ASP AAA . n 
A 1 89  ARG 89  1067 1067 ARG ARG AAA . n 
A 1 90  ASP 90  1068 1068 ASP ASP AAA . n 
A 1 91  PRO 91  1069 1069 PRO PRO AAA . n 
A 1 92  GLY 92  1070 1070 GLY GLY AAA . n 
A 1 93  ASP 93  1071 1071 ASP ASP AAA . n 
A 1 94  ARG 94  1072 1072 ARG ARG AAA . n 
A 1 95  LEU 95  1073 1073 LEU LEU AAA . n 
A 1 96  ILE 96  1074 1074 ILE ILE AAA . n 
A 1 97  ARG 97  1075 1075 ARG ARG AAA . n 
A 1 98  HIS 98  1076 1076 HIS HIS AAA . n 
A 1 99  ARG 99  1077 1077 ARG ARG AAA . n 
A 1 100 ALA 100 1078 1078 ALA ALA AAA . n 
A 1 101 CYS 101 1079 1079 CYS CYS AAA . n 
A 1 102 ALA 102 1080 1080 ALA ALA AAA . n 
A 1 103 LEU 103 1081 1081 LEU LEU AAA . n 
A 1 104 ARG 104 1082 1082 ARG ARG AAA . n 
A 1 105 ASP 105 1083 1083 ASP ASP AAA . n 
A 1 106 THR 106 1084 1084 THR THR AAA . n 
A 1 107 ALA 107 1085 1085 ALA ALA AAA . n 
A 1 108 TYR 108 1086 1086 TYR TYR AAA . n 
A 1 109 ALA 109 1087 1087 ALA ALA AAA . n 
A 1 110 ILE 110 1088 1088 ILE ILE AAA . n 
A 1 111 ILE 111 1089 1089 ILE ILE AAA . n 
A 1 112 LYS 112 1090 1090 LYS LYS AAA . n 
A 1 113 GLU 113 1091 1091 GLU GLU AAA . n 
A 1 114 GLU 114 1092 1092 GLU GLU AAA . n 
A 1 115 LEU 115 1093 1093 LEU LEU AAA . n 
A 1 116 ASP 116 1094 1094 ASP ASP AAA . n 
A 1 117 GLU 117 1095 1095 GLU GLU AAA . n 
A 1 118 ASP 118 1096 1096 ASP ASP AAA . n 
A 1 119 PHE 119 1097 1097 PHE PHE AAA . n 
A 1 120 GLU 120 1098 1098 GLU GLU AAA . n 
A 1 121 GLN 121 1099 1099 GLN GLN AAA . n 
A 1 122 LEU 122 1100 1100 LEU LEU AAA . n 
A 1 123 CYS 123 1101 1101 CYS CYS AAA . n 
A 1 124 GLU 124 1102 1102 GLU GLU AAA . n 
A 1 125 GLU 125 1103 1103 GLU GLU AAA . n 
A 1 126 ILE 126 1104 1104 ILE ILE AAA . n 
A 1 127 GLN 127 1105 1105 GLN GLN AAA . n 
A 1 128 GLU 128 1106 1106 GLU GLU AAA . n 
A 1 129 SER 129 1107 1107 SER SER AAA . n 
A 1 130 ARG 130 1108 1108 ARG ARG AAA . n 
# 
_pdbx_entity_instance_feature.ordinal        1 
_pdbx_entity_instance_feature.comp_id        HNU 
_pdbx_entity_instance_feature.asym_id        ? 
_pdbx_entity_instance_feature.seq_num        ? 
_pdbx_entity_instance_feature.auth_comp_id   HNU 
_pdbx_entity_instance_feature.auth_asym_id   ? 
_pdbx_entity_instance_feature.auth_seq_num   ? 
_pdbx_entity_instance_feature.feature_type   'SUBJECT OF INVESTIGATION' 
_pdbx_entity_instance_feature.details        ? 
# 
loop_
_pdbx_nonpoly_scheme.asym_id 
_pdbx_nonpoly_scheme.entity_id 
_pdbx_nonpoly_scheme.mon_id 
_pdbx_nonpoly_scheme.ndb_seq_num 
_pdbx_nonpoly_scheme.pdb_seq_num 
_pdbx_nonpoly_scheme.auth_seq_num 
_pdbx_nonpoly_scheme.pdb_mon_id 
_pdbx_nonpoly_scheme.auth_mon_id 
_pdbx_nonpoly_scheme.pdb_strand_id 
_pdbx_nonpoly_scheme.pdb_ins_code 
B 2 SO4 1   1201 1    SO4 SO4 AAA . 
C 3 CL  1   1202 1109 CL  CL  AAA . 
D 4 HNU 1   1203 1110 HNU DRG AAA . 
E 5 EDO 1   1204 1    EDO EDO AAA . 
F 5 EDO 1   1205 2    EDO EDO AAA . 
G 2 SO4 1   1206 1    SO4 SO4 AAA . 
H 6 HOH 1   1301 121  HOH HOH AAA . 
H 6 HOH 2   1302 175  HOH HOH AAA . 
H 6 HOH 3   1303 144  HOH HOH AAA . 
H 6 HOH 4   1304 164  HOH HOH AAA . 
H 6 HOH 5   1305 213  HOH HOH AAA . 
H 6 HOH 6   1306 178  HOH HOH AAA . 
H 6 HOH 7   1307 47   HOH HOH AAA . 
H 6 HOH 8   1308 67   HOH HOH AAA . 
H 6 HOH 9   1309 159  HOH HOH AAA . 
H 6 HOH 10  1310 158  HOH HOH AAA . 
H 6 HOH 11  1311 111  HOH HOH AAA . 
H 6 HOH 12  1312 209  HOH HOH AAA . 
H 6 HOH 13  1313 194  HOH HOH AAA . 
H 6 HOH 14  1314 149  HOH HOH AAA . 
H 6 HOH 15  1315 65   HOH HOH AAA . 
H 6 HOH 16  1316 185  HOH HOH AAA . 
H 6 HOH 17  1317 166  HOH HOH AAA . 
H 6 HOH 18  1318 168  HOH HOH AAA . 
H 6 HOH 19  1319 199  HOH HOH AAA . 
H 6 HOH 20  1320 207  HOH HOH AAA . 
H 6 HOH 21  1321 206  HOH HOH AAA . 
H 6 HOH 22  1322 223  HOH HOH AAA . 
H 6 HOH 23  1323 49   HOH HOH AAA . 
H 6 HOH 24  1324 134  HOH HOH AAA . 
H 6 HOH 25  1325 215  HOH HOH AAA . 
H 6 HOH 26  1326 150  HOH HOH AAA . 
H 6 HOH 27  1327 124  HOH HOH AAA . 
H 6 HOH 28  1328 157  HOH HOH AAA . 
H 6 HOH 29  1329 54   HOH HOH AAA . 
H 6 HOH 30  1330 126  HOH HOH AAA . 
H 6 HOH 31  1331 23   HOH HOH AAA . 
H 6 HOH 32  1332 104  HOH HOH AAA . 
H 6 HOH 33  1333 162  HOH HOH AAA . 
H 6 HOH 34  1334 100  HOH HOH AAA . 
H 6 HOH 35  1335 59   HOH HOH AAA . 
H 6 HOH 36  1336 17   HOH HOH AAA . 
H 6 HOH 37  1337 153  HOH HOH AAA . 
H 6 HOH 38  1338 55   HOH HOH AAA . 
H 6 HOH 39  1339 15   HOH HOH AAA . 
H 6 HOH 40  1340 42   HOH HOH AAA . 
H 6 HOH 41  1341 197  HOH HOH AAA . 
H 6 HOH 42  1342 51   HOH HOH AAA . 
H 6 HOH 43  1343 32   HOH HOH AAA . 
H 6 HOH 44  1344 118  HOH HOH AAA . 
H 6 HOH 45  1345 107  HOH HOH AAA . 
H 6 HOH 46  1346 69   HOH HOH AAA . 
H 6 HOH 47  1347 18   HOH HOH AAA . 
H 6 HOH 48  1348 114  HOH HOH AAA . 
H 6 HOH 49  1349 77   HOH HOH AAA . 
H 6 HOH 50  1350 37   HOH HOH AAA . 
H 6 HOH 51  1351 202  HOH HOH AAA . 
H 6 HOH 52  1352 98   HOH HOH AAA . 
H 6 HOH 53  1353 87   HOH HOH AAA . 
H 6 HOH 54  1354 176  HOH HOH AAA . 
H 6 HOH 55  1355 127  HOH HOH AAA . 
H 6 HOH 56  1356 14   HOH HOH AAA . 
H 6 HOH 57  1357 226  HOH HOH AAA . 
H 6 HOH 58  1358 57   HOH HOH AAA . 
H 6 HOH 59  1359 73   HOH HOH AAA . 
H 6 HOH 60  1360 12   HOH HOH AAA . 
H 6 HOH 61  1361 1    HOH HOH AAA . 
H 6 HOH 62  1362 95   HOH HOH AAA . 
H 6 HOH 63  1363 39   HOH HOH AAA . 
H 6 HOH 64  1364 22   HOH HOH AAA . 
H 6 HOH 65  1365 151  HOH HOH AAA . 
H 6 HOH 66  1366 8    HOH HOH AAA . 
H 6 HOH 67  1367 13   HOH HOH AAA . 
H 6 HOH 68  1368 234  HOH HOH AAA . 
H 6 HOH 69  1369 10   HOH HOH AAA . 
H 6 HOH 70  1370 102  HOH HOH AAA . 
H 6 HOH 71  1371 61   HOH HOH AAA . 
H 6 HOH 72  1372 21   HOH HOH AAA . 
H 6 HOH 73  1373 128  HOH HOH AAA . 
H 6 HOH 74  1374 222  HOH HOH AAA . 
H 6 HOH 75  1375 71   HOH HOH AAA . 
H 6 HOH 76  1376 125  HOH HOH AAA . 
H 6 HOH 77  1377 113  HOH HOH AAA . 
H 6 HOH 78  1378 169  HOH HOH AAA . 
H 6 HOH 79  1379 72   HOH HOH AAA . 
H 6 HOH 80  1380 33   HOH HOH AAA . 
H 6 HOH 81  1381 19   HOH HOH AAA . 
H 6 HOH 82  1382 26   HOH HOH AAA . 
H 6 HOH 83  1383 173  HOH HOH AAA . 
H 6 HOH 84  1384 170  HOH HOH AAA . 
H 6 HOH 85  1385 36   HOH HOH AAA . 
H 6 HOH 86  1386 58   HOH HOH AAA . 
H 6 HOH 87  1387 2    HOH HOH AAA . 
H 6 HOH 88  1388 35   HOH HOH AAA . 
H 6 HOH 89  1389 94   HOH HOH AAA . 
H 6 HOH 90  1390 11   HOH HOH AAA . 
H 6 HOH 91  1391 131  HOH HOH AAA . 
H 6 HOH 92  1392 83   HOH HOH AAA . 
H 6 HOH 93  1393 41   HOH HOH AAA . 
H 6 HOH 94  1394 174  HOH HOH AAA . 
H 6 HOH 95  1395 109  HOH HOH AAA . 
H 6 HOH 96  1396 29   HOH HOH AAA . 
H 6 HOH 97  1397 24   HOH HOH AAA . 
H 6 HOH 98  1398 123  HOH HOH AAA . 
H 6 HOH 99  1399 147  HOH HOH AAA . 
H 6 HOH 100 1400 160  HOH HOH AAA . 
H 6 HOH 101 1401 40   HOH HOH AAA . 
H 6 HOH 102 1402 200  HOH HOH AAA . 
H 6 HOH 103 1403 93   HOH HOH AAA . 
H 6 HOH 104 1404 129  HOH HOH AAA . 
H 6 HOH 105 1405 120  HOH HOH AAA . 
H 6 HOH 106 1406 193  HOH HOH AAA . 
H 6 HOH 107 1407 4    HOH HOH AAA . 
H 6 HOH 108 1408 3    HOH HOH AAA . 
H 6 HOH 109 1409 110  HOH HOH AAA . 
H 6 HOH 110 1410 182  HOH HOH AAA . 
H 6 HOH 111 1411 89   HOH HOH AAA . 
H 6 HOH 112 1412 48   HOH HOH AAA . 
H 6 HOH 113 1413 91   HOH HOH AAA . 
H 6 HOH 114 1414 34   HOH HOH AAA . 
H 6 HOH 115 1415 84   HOH HOH AAA . 
H 6 HOH 116 1416 161  HOH HOH AAA . 
H 6 HOH 117 1417 38   HOH HOH AAA . 
H 6 HOH 118 1418 6    HOH HOH AAA . 
H 6 HOH 119 1419 20   HOH HOH AAA . 
H 6 HOH 120 1420 76   HOH HOH AAA . 
H 6 HOH 121 1421 66   HOH HOH AAA . 
H 6 HOH 122 1422 97   HOH HOH AAA . 
H 6 HOH 123 1423 145  HOH HOH AAA . 
H 6 HOH 124 1424 53   HOH HOH AAA . 
H 6 HOH 125 1425 117  HOH HOH AAA . 
H 6 HOH 126 1426 64   HOH HOH AAA . 
H 6 HOH 127 1427 50   HOH HOH AAA . 
H 6 HOH 128 1428 85   HOH HOH AAA . 
H 6 HOH 129 1429 79   HOH HOH AAA . 
H 6 HOH 130 1430 43   HOH HOH AAA . 
H 6 HOH 131 1431 211  HOH HOH AAA . 
H 6 HOH 132 1432 68   HOH HOH AAA . 
H 6 HOH 133 1433 133  HOH HOH AAA . 
H 6 HOH 134 1434 25   HOH HOH AAA . 
H 6 HOH 135 1435 52   HOH HOH AAA . 
H 6 HOH 136 1436 195  HOH HOH AAA . 
H 6 HOH 137 1437 108  HOH HOH AAA . 
H 6 HOH 138 1438 221  HOH HOH AAA . 
H 6 HOH 139 1439 210  HOH HOH AAA . 
H 6 HOH 140 1440 188  HOH HOH AAA . 
H 6 HOH 141 1441 105  HOH HOH AAA . 
H 6 HOH 142 1442 229  HOH HOH AAA . 
H 6 HOH 143 1443 9    HOH HOH AAA . 
H 6 HOH 144 1444 132  HOH HOH AAA . 
H 6 HOH 145 1445 75   HOH HOH AAA . 
H 6 HOH 146 1446 228  HOH HOH AAA . 
H 6 HOH 147 1447 106  HOH HOH AAA . 
H 6 HOH 148 1448 90   HOH HOH AAA . 
H 6 HOH 149 1449 86   HOH HOH AAA . 
H 6 HOH 150 1450 220  HOH HOH AAA . 
H 6 HOH 151 1451 74   HOH HOH AAA . 
H 6 HOH 152 1452 225  HOH HOH AAA . 
H 6 HOH 153 1453 122  HOH HOH AAA . 
H 6 HOH 154 1454 171  HOH HOH AAA . 
H 6 HOH 155 1455 96   HOH HOH AAA . 
H 6 HOH 156 1456 201  HOH HOH AAA . 
H 6 HOH 157 1457 155  HOH HOH AAA . 
H 6 HOH 158 1458 92   HOH HOH AAA . 
H 6 HOH 159 1459 233  HOH HOH AAA . 
H 6 HOH 160 1460 152  HOH HOH AAA . 
H 6 HOH 161 1461 190  HOH HOH AAA . 
H 6 HOH 162 1462 156  HOH HOH AAA . 
H 6 HOH 163 1463 172  HOH HOH AAA . 
H 6 HOH 164 1464 88   HOH HOH AAA . 
H 6 HOH 165 1465 212  HOH HOH AAA . 
H 6 HOH 166 1466 224  HOH HOH AAA . 
H 6 HOH 167 1467 112  HOH HOH AAA . 
H 6 HOH 168 1468 204  HOH HOH AAA . 
H 6 HOH 169 1469 227  HOH HOH AAA . 
H 6 HOH 170 1470 16   HOH HOH AAA . 
H 6 HOH 171 1471 130  HOH HOH AAA . 
H 6 HOH 172 1472 119  HOH HOH AAA . 
H 6 HOH 173 1473 28   HOH HOH AAA . 
H 6 HOH 174 1474 219  HOH HOH AAA . 
H 6 HOH 175 1475 183  HOH HOH AAA . 
H 6 HOH 176 1476 81   HOH HOH AAA . 
H 6 HOH 177 1477 217  HOH HOH AAA . 
H 6 HOH 178 1478 187  HOH HOH AAA . 
H 6 HOH 179 1479 82   HOH HOH AAA . 
H 6 HOH 180 1480 7    HOH HOH AAA . 
H 6 HOH 181 1481 27   HOH HOH AAA . 
H 6 HOH 182 1482 198  HOH HOH AAA . 
H 6 HOH 183 1483 136  HOH HOH AAA . 
H 6 HOH 184 1484 30   HOH HOH AAA . 
H 6 HOH 185 1485 218  HOH HOH AAA . 
H 6 HOH 186 1486 146  HOH HOH AAA . 
H 6 HOH 187 1487 63   HOH HOH AAA . 
H 6 HOH 188 1488 78   HOH HOH AAA . 
H 6 HOH 189 1489 103  HOH HOH AAA . 
H 6 HOH 190 1490 208  HOH HOH AAA . 
H 6 HOH 191 1491 230  HOH HOH AAA . 
H 6 HOH 192 1492 184  HOH HOH AAA . 
H 6 HOH 193 1493 214  HOH HOH AAA . 
H 6 HOH 194 1494 189  HOH HOH AAA . 
H 6 HOH 195 1495 62   HOH HOH AAA . 
H 6 HOH 196 1496 191  HOH HOH AAA . 
H 6 HOH 197 1497 115  HOH HOH AAA . 
H 6 HOH 198 1498 99   HOH HOH AAA . 
H 6 HOH 199 1499 56   HOH HOH AAA . 
H 6 HOH 200 1500 5    HOH HOH AAA . 
H 6 HOH 201 1501 137  HOH HOH AAA . 
H 6 HOH 202 1502 46   HOH HOH AAA . 
H 6 HOH 203 1503 141  HOH HOH AAA . 
H 6 HOH 204 1504 165  HOH HOH AAA . 
H 6 HOH 205 1505 186  HOH HOH AAA . 
H 6 HOH 206 1506 180  HOH HOH AAA . 
H 6 HOH 207 1507 192  HOH HOH AAA . 
H 6 HOH 208 1508 177  HOH HOH AAA . 
H 6 HOH 209 1509 167  HOH HOH AAA . 
H 6 HOH 210 1510 163  HOH HOH AAA . 
H 6 HOH 211 1511 139  HOH HOH AAA . 
H 6 HOH 212 1512 80   HOH HOH AAA . 
H 6 HOH 213 1513 60   HOH HOH AAA . 
H 6 HOH 214 1514 135  HOH HOH AAA . 
H 6 HOH 215 1515 140  HOH HOH AAA . 
H 6 HOH 216 1516 45   HOH HOH AAA . 
H 6 HOH 217 1517 231  HOH HOH AAA . 
H 6 HOH 218 1518 205  HOH HOH AAA . 
H 6 HOH 219 1519 143  HOH HOH AAA . 
H 6 HOH 220 1520 44   HOH HOH AAA . 
H 6 HOH 221 1521 148  HOH HOH AAA . 
H 6 HOH 222 1522 232  HOH HOH AAA . 
H 6 HOH 223 1523 70   HOH HOH AAA . 
H 6 HOH 224 1524 138  HOH HOH AAA . 
H 6 HOH 225 1525 142  HOH HOH AAA . 
H 6 HOH 226 1526 196  HOH HOH AAA . 
H 6 HOH 227 1527 154  HOH HOH AAA . 
H 6 HOH 228 1528 216  HOH HOH AAA . 
H 6 HOH 229 1529 181  HOH HOH AAA . 
H 6 HOH 230 1530 116  HOH HOH AAA . 
# 
loop_
_software.citation_id 
_software.classification 
_software.compiler_name 
_software.compiler_version 
_software.contact_author 
_software.contact_author_email 
_software.date 
_software.description 
_software.dependencies 
_software.hardware 
_software.language 
_software.location 
_software.mods 
_software.name 
_software.os 
_software.os_version 
_software.type 
_software.version 
_software.pdbx_ordinal 
? refinement       ? ? ? ? ? ? ? ? ? ? ? REFMAC  ? ? ? 5.8.0258 1 
? refinement       ? ? ? ? ? ? ? ? ? ? ? REFMAC  ? ? ? 5.8.0258 2 
? 'data scaling'   ? ? ? ? ? ? ? ? ? ? ? Aimless ? ? ? 0.7.4    3 
? 'data reduction' ? ? ? ? ? ? ? ? ? ? ? xia2    ? ? ? .        4 
? phasing          ? ? ? ? ? ? ? ? ? ? ? PHASER  ? ? ? .        5 
# 
_cell.angle_alpha                  90.000 
_cell.angle_alpha_esd              ? 
_cell.angle_beta                   90.000 
_cell.angle_beta_esd               ? 
_cell.angle_gamma                  120.000 
_cell.angle_gamma_esd              ? 
_cell.entry_id                     7R0Y 
_cell.details                      ? 
_cell.formula_units_Z              ? 
_cell.length_a                     79.288 
_cell.length_a_esd                 ? 
_cell.length_b                     79.288 
_cell.length_b_esd                 ? 
_cell.length_c                     138.015 
_cell.length_c_esd                 ? 
_cell.volume                       ? 
_cell.volume_esd                   ? 
_cell.Z_PDB                        12 
_cell.reciprocal_angle_alpha       ? 
_cell.reciprocal_angle_beta        ? 
_cell.reciprocal_angle_gamma       ? 
_cell.reciprocal_angle_alpha_esd   ? 
_cell.reciprocal_angle_beta_esd    ? 
_cell.reciprocal_angle_gamma_esd   ? 
_cell.reciprocal_length_a          ? 
_cell.reciprocal_length_b          ? 
_cell.reciprocal_length_c          ? 
_cell.reciprocal_length_a_esd      ? 
_cell.reciprocal_length_b_esd      ? 
_cell.reciprocal_length_c_esd      ? 
_cell.pdbx_unique_axis             ? 
# 
_symmetry.entry_id                         7R0Y 
_symmetry.cell_setting                     ? 
_symmetry.Int_Tables_number                179 
_symmetry.space_group_name_Hall            ? 
_symmetry.space_group_name_H-M             'P 65 2 2' 
_symmetry.pdbx_full_space_group_name_H-M   ? 
# 
_exptl.absorpt_coefficient_mu     ? 
_exptl.absorpt_correction_T_max   ? 
_exptl.absorpt_correction_T_min   ? 
_exptl.absorpt_correction_type    ? 
_exptl.absorpt_process_details    ? 
_exptl.entry_id                   7R0Y 
_exptl.crystals_number            1 
_exptl.details                    ? 
_exptl.method                     'X-RAY DIFFRACTION' 
_exptl.method_details             ? 
# 
_exptl_crystal.colour                      ? 
_exptl_crystal.density_diffrn              ? 
_exptl_crystal.density_Matthews            ? 
_exptl_crystal.density_method              ? 
_exptl_crystal.density_percent_sol         ? 
_exptl_crystal.description                 ? 
_exptl_crystal.F_000                       ? 
_exptl_crystal.id                          1 
_exptl_crystal.preparation                 ? 
_exptl_crystal.size_max                    ? 
_exptl_crystal.size_mid                    ? 
_exptl_crystal.size_min                    ? 
_exptl_crystal.size_rad                    ? 
_exptl_crystal.colour_lustre               ? 
_exptl_crystal.colour_modifier             ? 
_exptl_crystal.colour_primary              ? 
_exptl_crystal.density_meas                ? 
_exptl_crystal.density_meas_esd            ? 
_exptl_crystal.density_meas_gt             ? 
_exptl_crystal.density_meas_lt             ? 
_exptl_crystal.density_meas_temp           ? 
_exptl_crystal.density_meas_temp_esd       ? 
_exptl_crystal.density_meas_temp_gt        ? 
_exptl_crystal.density_meas_temp_lt        ? 
_exptl_crystal.pdbx_crystal_image_url      ? 
_exptl_crystal.pdbx_crystal_image_format   ? 
_exptl_crystal.pdbx_mosaicity              ? 
_exptl_crystal.pdbx_mosaicity_esd          ? 
# 
_exptl_crystal_grow.apparatus       ? 
_exptl_crystal_grow.atmosphere      ? 
_exptl_crystal_grow.crystal_id      1 
_exptl_crystal_grow.details         ? 
_exptl_crystal_grow.method          'VAPOR DIFFUSION, HANGING DROP' 
_exptl_crystal_grow.method_ref      ? 
_exptl_crystal_grow.pH              6.5 
_exptl_crystal_grow.pressure        ? 
_exptl_crystal_grow.pressure_esd    ? 
_exptl_crystal_grow.seeding         ? 
_exptl_crystal_grow.seeding_ref     ? 
_exptl_crystal_grow.temp            293 
_exptl_crystal_grow.temp_details    ? 
_exptl_crystal_grow.temp_esd        ? 
_exptl_crystal_grow.time            ? 
_exptl_crystal_grow.pdbx_details    '0.1M BisTris pH 6-7, 1.7-2.1M Ammonium sulphate' 
_exptl_crystal_grow.pdbx_pH_range   6-7 
# 
_diffrn.ambient_environment              ? 
_diffrn.ambient_temp                     100 
_diffrn.ambient_temp_details             ? 
_diffrn.ambient_temp_esd                 ? 
_diffrn.crystal_id                       1 
_diffrn.crystal_support                  ? 
_diffrn.crystal_treatment                ? 
_diffrn.details                          ? 
_diffrn.id                               1 
_diffrn.ambient_pressure                 ? 
_diffrn.ambient_pressure_esd             ? 
_diffrn.ambient_pressure_gt              ? 
_diffrn.ambient_pressure_lt              ? 
_diffrn.ambient_temp_gt                  ? 
_diffrn.ambient_temp_lt                  ? 
_diffrn.pdbx_serial_crystal_experiment   N 
# 
_diffrn_detector.details                      ? 
_diffrn_detector.detector                     PIXEL 
_diffrn_detector.diffrn_id                    1 
_diffrn_detector.type                         'DECTRIS PILATUS 6M' 
_diffrn_detector.area_resol_mean              ? 
_diffrn_detector.dtime                        ? 
_diffrn_detector.pdbx_frames_total            ? 
_diffrn_detector.pdbx_collection_time_total   ? 
_diffrn_detector.pdbx_collection_date         2019-07-28 
_diffrn_detector.pdbx_frequency               ? 
# 
_diffrn_radiation.collimation                      ? 
_diffrn_radiation.diffrn_id                        1 
_diffrn_radiation.filter_edge                      ? 
_diffrn_radiation.inhomogeneity                    ? 
_diffrn_radiation.monochromator                    ? 
_diffrn_radiation.polarisn_norm                    ? 
_diffrn_radiation.polarisn_ratio                   ? 
_diffrn_radiation.probe                            ? 
_diffrn_radiation.type                             ? 
_diffrn_radiation.xray_symbol                      ? 
_diffrn_radiation.wavelength_id                    1 
_diffrn_radiation.pdbx_monochromatic_or_laue_m_l   M 
_diffrn_radiation.pdbx_wavelength_list             ? 
_diffrn_radiation.pdbx_wavelength                  ? 
_diffrn_radiation.pdbx_diffrn_protocol             'SINGLE WAVELENGTH' 
_diffrn_radiation.pdbx_analyzer                    ? 
_diffrn_radiation.pdbx_scattering_type             x-ray 
# 
_diffrn_radiation_wavelength.id           1 
_diffrn_radiation_wavelength.wavelength   0.976 
_diffrn_radiation_wavelength.wt           1.0 
# 
_diffrn_source.current                     ? 
_diffrn_source.details                     ? 
_diffrn_source.diffrn_id                   1 
_diffrn_source.power                       ? 
_diffrn_source.size                        ? 
_diffrn_source.source                      SYNCHROTRON 
_diffrn_source.target                      ? 
_diffrn_source.type                        'DIAMOND BEAMLINE I04-1' 
_diffrn_source.voltage                     ? 
_diffrn_source.take-off_angle              ? 
_diffrn_source.pdbx_wavelength_list        0.976 
_diffrn_source.pdbx_wavelength             ? 
_diffrn_source.pdbx_synchrotron_beamline   I04-1 
_diffrn_source.pdbx_synchrotron_site       Diamond 
# 
_reflns.B_iso_Wilson_estimate                          ? 
_reflns.entry_id                                       7R0Y 
_reflns.data_reduction_details                         ? 
_reflns.data_reduction_method                          ? 
_reflns.d_resolution_high                              1.43 
_reflns.d_resolution_low                               61.48 
_reflns.details                                        ? 
_reflns.limit_h_max                                    ? 
_reflns.limit_h_min                                    ? 
_reflns.limit_k_max                                    ? 
_reflns.limit_k_min                                    ? 
_reflns.limit_l_max                                    ? 
_reflns.limit_l_min                                    ? 
_reflns.number_all                                     ? 
_reflns.number_obs                                     47816 
_reflns.observed_criterion                             ? 
_reflns.observed_criterion_F_max                       ? 
_reflns.observed_criterion_F_min                       ? 
_reflns.observed_criterion_I_max                       ? 
_reflns.observed_criterion_I_min                       ? 
_reflns.observed_criterion_sigma_F                     ? 
_reflns.observed_criterion_sigma_I                     ? 
_reflns.percent_possible_obs                           99.5 
_reflns.R_free_details                                 ? 
_reflns.Rmerge_F_all                                   ? 
_reflns.Rmerge_F_obs                                   ? 
_reflns.Friedel_coverage                               ? 
_reflns.number_gt                                      ? 
_reflns.threshold_expression                           ? 
_reflns.pdbx_redundancy                                19.5 
_reflns.pdbx_Rmerge_I_obs                              0.086 
_reflns.pdbx_Rmerge_I_all                              ? 
_reflns.pdbx_Rsym_value                                ? 
_reflns.pdbx_netI_over_av_sigmaI                       ? 
_reflns.pdbx_netI_over_sigmaI                          17.3 
_reflns.pdbx_res_netI_over_av_sigmaI_2                 ? 
_reflns.pdbx_res_netI_over_sigmaI_2                    ? 
_reflns.pdbx_chi_squared                               ? 
_reflns.pdbx_scaling_rejects                           ? 
_reflns.pdbx_d_res_high_opt                            ? 
_reflns.pdbx_d_res_low_opt                             ? 
_reflns.pdbx_d_res_opt_method                          ? 
_reflns.phase_calculation_details                      ? 
_reflns.pdbx_Rrim_I_all                                0.091 
_reflns.pdbx_Rpim_I_all                                0.027 
_reflns.pdbx_d_opt                                     ? 
_reflns.pdbx_number_measured_all                       ? 
_reflns.pdbx_diffrn_id                                 1 
_reflns.pdbx_ordinal                                   1 
_reflns.pdbx_CC_half                                   0.999 
_reflns.pdbx_CC_star                                   ? 
_reflns.pdbx_R_split                                   ? 
_reflns.pdbx_aniso_diffraction_limit_axis_1_ortho[1]   ? 
_reflns.pdbx_aniso_diffraction_limit_axis_1_ortho[2]   ? 
_reflns.pdbx_aniso_diffraction_limit_axis_1_ortho[3]   ? 
_reflns.pdbx_aniso_diffraction_limit_axis_2_ortho[1]   ? 
_reflns.pdbx_aniso_diffraction_limit_axis_2_ortho[2]   ? 
_reflns.pdbx_aniso_diffraction_limit_axis_2_ortho[3]   ? 
_reflns.pdbx_aniso_diffraction_limit_axis_3_ortho[1]   ? 
_reflns.pdbx_aniso_diffraction_limit_axis_3_ortho[2]   ? 
_reflns.pdbx_aniso_diffraction_limit_axis_3_ortho[3]   ? 
_reflns.pdbx_aniso_diffraction_limit_1                 ? 
_reflns.pdbx_aniso_diffraction_limit_2                 ? 
_reflns.pdbx_aniso_diffraction_limit_3                 ? 
_reflns.pdbx_aniso_B_tensor_eigenvector_1_ortho[1]     ? 
_reflns.pdbx_aniso_B_tensor_eigenvector_1_ortho[2]     ? 
_reflns.pdbx_aniso_B_tensor_eigenvector_1_ortho[3]     ? 
_reflns.pdbx_aniso_B_tensor_eigenvector_2_ortho[1]     ? 
_reflns.pdbx_aniso_B_tensor_eigenvector_2_ortho[2]     ? 
_reflns.pdbx_aniso_B_tensor_eigenvector_2_ortho[3]     ? 
_reflns.pdbx_aniso_B_tensor_eigenvector_3_ortho[1]     ? 
_reflns.pdbx_aniso_B_tensor_eigenvector_3_ortho[2]     ? 
_reflns.pdbx_aniso_B_tensor_eigenvector_3_ortho[3]     ? 
_reflns.pdbx_aniso_B_tensor_eigenvalue_1               ? 
_reflns.pdbx_aniso_B_tensor_eigenvalue_2               ? 
_reflns.pdbx_aniso_B_tensor_eigenvalue_3               ? 
_reflns.pdbx_orthogonalization_convention              ? 
_reflns.pdbx_percent_possible_ellipsoidal              ? 
_reflns.pdbx_percent_possible_spherical                ? 
_reflns.pdbx_percent_possible_ellipsoidal_anomalous    ? 
_reflns.pdbx_percent_possible_spherical_anomalous      ? 
_reflns.pdbx_redundancy_anomalous                      ? 
_reflns.pdbx_CC_half_anomalous                         ? 
_reflns.pdbx_absDiff_over_sigma_anomalous              ? 
_reflns.pdbx_percent_possible_anomalous                ? 
_reflns.pdbx_observed_signal_threshold                 ? 
_reflns.pdbx_signal_type                               ? 
_reflns.pdbx_signal_details                            ? 
_reflns.pdbx_signal_software_id                        ? 
# 
loop_
_reflns_shell.d_res_high 
_reflns_shell.d_res_low 
_reflns_shell.meanI_over_sigI_all 
_reflns_shell.meanI_over_sigI_obs 
_reflns_shell.number_measured_all 
_reflns_shell.number_measured_obs 
_reflns_shell.number_possible 
_reflns_shell.number_unique_all 
_reflns_shell.number_unique_obs 
_reflns_shell.percent_possible_all 
_reflns_shell.percent_possible_obs 
_reflns_shell.Rmerge_F_all 
_reflns_shell.Rmerge_F_obs 
_reflns_shell.Rmerge_I_all 
_reflns_shell.Rmerge_I_obs 
_reflns_shell.meanI_over_sigI_gt 
_reflns_shell.meanI_over_uI_all 
_reflns_shell.meanI_over_uI_gt 
_reflns_shell.number_measured_gt 
_reflns_shell.number_unique_gt 
_reflns_shell.percent_possible_gt 
_reflns_shell.Rmerge_F_gt 
_reflns_shell.Rmerge_I_gt 
_reflns_shell.pdbx_redundancy 
_reflns_shell.pdbx_Rsym_value 
_reflns_shell.pdbx_chi_squared 
_reflns_shell.pdbx_netI_over_sigmaI_all 
_reflns_shell.pdbx_netI_over_sigmaI_obs 
_reflns_shell.pdbx_Rrim_I_all 
_reflns_shell.pdbx_Rpim_I_all 
_reflns_shell.pdbx_rejects 
_reflns_shell.pdbx_ordinal 
_reflns_shell.pdbx_diffrn_id 
_reflns_shell.pdbx_CC_half 
_reflns_shell.pdbx_CC_star 
_reflns_shell.pdbx_R_split 
_reflns_shell.pdbx_percent_possible_ellipsoidal 
_reflns_shell.pdbx_percent_possible_spherical 
_reflns_shell.pdbx_percent_possible_ellipsoidal_anomalous 
_reflns_shell.pdbx_percent_possible_spherical_anomalous 
_reflns_shell.pdbx_redundancy_anomalous 
_reflns_shell.pdbx_CC_half_anomalous 
_reflns_shell.pdbx_absDiff_over_sigma_anomalous 
_reflns_shell.pdbx_percent_possible_anomalous 
7.83 61.48 ? ? ? ? ? ? 364  ? ? ? ? ? 0.054 ? ? ? ? ? ? ? ? 15.4 ? ? ? ? 0.057 0.018 ? 1 1 0.998 ? ? ? ? ? ? ? ? ? ? 
1.43 1.45  ? ? ? ? ? ? 2201 ? ? ? ? ? 2.943 ? ? ? ? ? ? ? ? 10.3 ? ? ? ? 3.252 1.353 ? 2 1 0.195 ? ? ? ? ? ? ? ? ? ? 
# 
_refine.aniso_B[1][1]                            0.162 
_refine.aniso_B[1][2]                            0.081 
_refine.aniso_B[1][3]                            0.000 
_refine.aniso_B[2][2]                            0.162 
_refine.aniso_B[2][3]                            -0.000 
_refine.aniso_B[3][3]                            -0.526 
_refine.B_iso_max                                ? 
_refine.B_iso_mean                               34.361 
_refine.B_iso_min                                ? 
_refine.correlation_coeff_Fo_to_Fc               0.968 
_refine.correlation_coeff_Fo_to_Fc_free          0.964 
_refine.details                                  'Hydrogens have been added in their riding positions' 
_refine.diff_density_max                         ? 
_refine.diff_density_max_esd                     ? 
_refine.diff_density_min                         ? 
_refine.diff_density_min_esd                     ? 
_refine.diff_density_rms                         ? 
_refine.diff_density_rms_esd                     ? 
_refine.entry_id                                 7R0Y 
_refine.pdbx_refine_id                           'X-RAY DIFFRACTION' 
_refine.ls_abs_structure_details                 ? 
_refine.ls_abs_structure_Flack                   ? 
_refine.ls_abs_structure_Flack_esd               ? 
_refine.ls_abs_structure_Rogers                  ? 
_refine.ls_abs_structure_Rogers_esd              ? 
_refine.ls_d_res_high                            1.430 
_refine.ls_d_res_low                             61.48 
_refine.ls_extinction_coef                       ? 
_refine.ls_extinction_coef_esd                   ? 
_refine.ls_extinction_expression                 ? 
_refine.ls_extinction_method                     ? 
_refine.ls_goodness_of_fit_all                   ? 
_refine.ls_goodness_of_fit_all_esd               ? 
_refine.ls_goodness_of_fit_obs                   ? 
_refine.ls_goodness_of_fit_obs_esd               ? 
_refine.ls_hydrogen_treatment                    ? 
_refine.ls_matrix_type                           ? 
_refine.ls_number_constraints                    ? 
_refine.ls_number_parameters                     ? 
_refine.ls_number_reflns_all                     ? 
_refine.ls_number_reflns_obs                     47744 
_refine.ls_number_reflns_R_free                  2335 
_refine.ls_number_reflns_R_work                  45409 
_refine.ls_number_restraints                     ? 
_refine.ls_percent_reflns_obs                    99.340 
_refine.ls_percent_reflns_R_free                 4.891 
_refine.ls_R_factor_all                          0.196 
_refine.ls_R_factor_obs                          ? 
_refine.ls_R_factor_R_free                       0.2135 
_refine.ls_R_factor_R_free_error                 ? 
_refine.ls_R_factor_R_free_error_details         ? 
_refine.ls_R_factor_R_work                       0.1951 
_refine.ls_R_Fsqd_factor_obs                     ? 
_refine.ls_R_I_factor_obs                        ? 
_refine.ls_redundancy_reflns_all                 ? 
_refine.ls_redundancy_reflns_obs                 ? 
_refine.ls_restrained_S_all                      ? 
_refine.ls_restrained_S_obs                      ? 
_refine.ls_shift_over_esd_max                    ? 
_refine.ls_shift_over_esd_mean                   ? 
_refine.ls_structure_factor_coef                 ? 
_refine.ls_weighting_details                     ? 
_refine.ls_weighting_scheme                      ? 
_refine.ls_wR_factor_all                         ? 
_refine.ls_wR_factor_obs                         ? 
_refine.ls_wR_factor_R_free                      ? 
_refine.ls_wR_factor_R_work                      ? 
_refine.occupancy_max                            ? 
_refine.occupancy_min                            ? 
_refine.solvent_model_details                    'MASK BULK SOLVENT' 
_refine.solvent_model_param_bsol                 ? 
_refine.solvent_model_param_ksol                 ? 
_refine.pdbx_R_complete                          ? 
_refine.ls_R_factor_gt                           ? 
_refine.ls_goodness_of_fit_gt                    ? 
_refine.ls_goodness_of_fit_ref                   ? 
_refine.ls_shift_over_su_max                     ? 
_refine.ls_shift_over_su_max_lt                  ? 
_refine.ls_shift_over_su_mean                    ? 
_refine.ls_shift_over_su_mean_lt                 ? 
_refine.pdbx_ls_sigma_I                          ? 
_refine.pdbx_ls_sigma_F                          ? 
_refine.pdbx_ls_sigma_Fsqd                       ? 
_refine.pdbx_data_cutoff_high_absF               ? 
_refine.pdbx_data_cutoff_high_rms_absF           ? 
_refine.pdbx_data_cutoff_low_absF                ? 
_refine.pdbx_isotropic_thermal_model             ? 
_refine.pdbx_ls_cross_valid_method               'FREE R-VALUE' 
_refine.pdbx_method_to_determine_struct          'MOLECULAR REPLACEMENT' 
_refine.pdbx_starting_model                      3DAI 
_refine.pdbx_stereochemistry_target_values       ? 
_refine.pdbx_R_Free_selection_details            ? 
_refine.pdbx_stereochem_target_val_spec_case     ? 
_refine.pdbx_overall_ESU_R                       0.053 
_refine.pdbx_overall_ESU_R_Free                  0.054 
_refine.pdbx_solvent_vdw_probe_radii             1.200 
_refine.pdbx_solvent_ion_probe_radii             0.800 
_refine.pdbx_solvent_shrinkage_radii             0.800 
_refine.pdbx_real_space_R                        ? 
_refine.pdbx_density_correlation                 ? 
_refine.pdbx_pd_number_of_powder_patterns        ? 
_refine.pdbx_pd_number_of_points                 ? 
_refine.pdbx_pd_meas_number_of_points            ? 
_refine.pdbx_pd_proc_ls_prof_R_factor            ? 
_refine.pdbx_pd_proc_ls_prof_wR_factor           ? 
_refine.pdbx_pd_Marquardt_correlation_coeff      ? 
_refine.pdbx_pd_Fsqrd_R_factor                   ? 
_refine.pdbx_pd_ls_matrix_band_width             ? 
_refine.pdbx_overall_phase_error                 ? 
_refine.pdbx_overall_SU_R_free_Cruickshank_DPI   ? 
_refine.pdbx_overall_SU_R_free_Blow_DPI          ? 
_refine.pdbx_overall_SU_R_Blow_DPI               ? 
_refine.pdbx_TLS_residual_ADP_flag               ? 
_refine.pdbx_diffrn_id                           1 
_refine.overall_SU_B                             1.058 
_refine.overall_SU_ML                            0.040 
_refine.overall_SU_R_Cruickshank_DPI             ? 
_refine.overall_SU_R_free                        ? 
_refine.overall_FOM_free_R_set                   ? 
_refine.overall_FOM_work_R_set                   ? 
_refine.pdbx_average_fsc_overall                 ? 
_refine.pdbx_average_fsc_work                    ? 
_refine.pdbx_average_fsc_free                    ? 
# 
_refine_hist.pdbx_refine_id                   'X-RAY DIFFRACTION' 
_refine_hist.cycle_id                         LAST 
_refine_hist.details                          ? 
_refine_hist.d_res_high                       1.430 
_refine_hist.d_res_low                        61.48 
_refine_hist.number_atoms_solvent             230 
_refine_hist.number_atoms_total               1349 
_refine_hist.number_reflns_all                ? 
_refine_hist.number_reflns_obs                ? 
_refine_hist.number_reflns_R_free             ? 
_refine_hist.number_reflns_R_work             ? 
_refine_hist.R_factor_all                     ? 
_refine_hist.R_factor_obs                     ? 
_refine_hist.R_factor_R_free                  ? 
_refine_hist.R_factor_R_work                  ? 
_refine_hist.pdbx_number_residues_total       ? 
_refine_hist.pdbx_B_iso_mean_ligand           ? 
_refine_hist.pdbx_B_iso_mean_solvent          ? 
_refine_hist.pdbx_number_atoms_protein        1084 
_refine_hist.pdbx_number_atoms_nucleic_acid   0 
_refine_hist.pdbx_number_atoms_ligand         35 
_refine_hist.pdbx_number_atoms_lipid          ? 
_refine_hist.pdbx_number_atoms_carb           ? 
_refine_hist.pdbx_pseudo_atom_details         ? 
# 
loop_
_refine_ls_restr.pdbx_refine_id 
_refine_ls_restr.criterion 
_refine_ls_restr.dev_ideal 
_refine_ls_restr.dev_ideal_target 
_refine_ls_restr.number 
_refine_ls_restr.rejects 
_refine_ls_restr.type 
_refine_ls_restr.weight 
_refine_ls_restr.pdbx_restraint_function 
'X-RAY DIFFRACTION' ? 0.019  0.012  1180 ? r_bond_refined_d               ? ? 
'X-RAY DIFFRACTION' ? 2.633  1.658  1596 ? r_angle_refined_deg            ? ? 
'X-RAY DIFFRACTION' ? 4.547  5.000  139  ? r_dihedral_angle_1_deg         ? ? 
'X-RAY DIFFRACTION' ? 32.342 20.610 82   ? r_dihedral_angle_2_deg         ? ? 
'X-RAY DIFFRACTION' ? 15.232 15.000 218  ? r_dihedral_angle_3_deg         ? ? 
'X-RAY DIFFRACTION' ? 14.137 15.000 14   ? r_dihedral_angle_4_deg         ? ? 
'X-RAY DIFFRACTION' ? 0.151  0.200  152  ? r_chiral_restr                 ? ? 
'X-RAY DIFFRACTION' ? 0.013  0.020  929  ? r_gen_planes_refined           ? ? 
'X-RAY DIFFRACTION' ? 0.233  0.200  598  ? r_nbd_refined                  ? ? 
'X-RAY DIFFRACTION' ? 0.321  0.200  807  ? r_nbtor_refined                ? ? 
'X-RAY DIFFRACTION' ? 0.319  0.200  172  ? r_xyhbond_nbd_refined          ? ? 
'X-RAY DIFFRACTION' ? 0.639  0.200  76   ? r_symmetry_nbd_refined         ? ? 
'X-RAY DIFFRACTION' ? 0.498  0.200  41   ? r_symmetry_xyhbond_nbd_refined ? ? 
'X-RAY DIFFRACTION' ? 3.024  2.641  544  ? r_mcbond_it                    ? ? 
'X-RAY DIFFRACTION' ? 4.385  3.944  687  ? r_mcangle_it                   ? ? 
'X-RAY DIFFRACTION' ? 6.192  3.354  636  ? r_scbond_it                    ? ? 
'X-RAY DIFFRACTION' ? 9.067  4.798  909  ? r_scangle_it                   ? ? 
'X-RAY DIFFRACTION' ? 12.973 40.770 1954 ? r_lrange_it                    ? ? 
# 
loop_
_refine_ls_shell.pdbx_refine_id 
_refine_ls_shell.d_res_high 
_refine_ls_shell.d_res_low 
_refine_ls_shell.number_reflns_all 
_refine_ls_shell.number_reflns_obs 
_refine_ls_shell.number_reflns_R_free 
_refine_ls_shell.number_reflns_R_work 
_refine_ls_shell.percent_reflns_obs 
_refine_ls_shell.percent_reflns_R_free 
_refine_ls_shell.R_factor_all 
_refine_ls_shell.R_factor_obs 
_refine_ls_shell.R_factor_R_free 
_refine_ls_shell.R_factor_R_free_error 
_refine_ls_shell.R_factor_R_work 
_refine_ls_shell.redundancy_reflns_all 
_refine_ls_shell.redundancy_reflns_obs 
_refine_ls_shell.wR_factor_all 
_refine_ls_shell.wR_factor_obs 
_refine_ls_shell.wR_factor_R_free 
_refine_ls_shell.wR_factor_R_work 
_refine_ls_shell.pdbx_R_complete 
_refine_ls_shell.pdbx_total_number_of_bins_used 
_refine_ls_shell.pdbx_phase_error 
_refine_ls_shell.pdbx_fsc_work 
_refine_ls_shell.pdbx_fsc_free 
'X-RAY DIFFRACTION' 1.430 1.467 . . 160 3169 95.3322  . . . 0.332 . 0.318 . . . . . . . . . . . 
'X-RAY DIFFRACTION' 1.467 1.507 . . 155 3140 97.6586  . . . 0.294 . 0.276 . . . . . . . . . . . 
'X-RAY DIFFRACTION' 1.507 1.551 . . 149 3131 98.9741  . . . 0.268 . 0.268 . . . . . . . . . . . 
'X-RAY DIFFRACTION' 1.551 1.599 . . 151 3061 99.9378  . . . 0.255 . 0.253 . . . . . . . . . . . 
'X-RAY DIFFRACTION' 1.599 1.651 . . 156 2976 99.9681  . . . 0.267 . 0.225 . . . . . . . . . . . 
'X-RAY DIFFRACTION' 1.651 1.709 . . 164 2852 100.0000 . . . 0.250 . 0.216 . . . . . . . . . . . 
'X-RAY DIFFRACTION' 1.709 1.774 . . 147 2775 100.0000 . . . 0.266 . 0.223 . . . . . . . . . . . 
'X-RAY DIFFRACTION' 1.774 1.846 . . 125 2700 100.0000 . . . 0.232 . 0.211 . . . . . . . . . . . 
'X-RAY DIFFRACTION' 1.846 1.928 . . 128 2584 99.9631  . . . 0.251 . 0.216 . . . . . . . . . . . 
'X-RAY DIFFRACTION' 1.928 2.022 . . 119 2482 100.0000 . . . 0.225 . 0.206 . . . . . . . . . . . 
'X-RAY DIFFRACTION' 2.022 2.132 . . 136 2332 100.0000 . . . 0.227 . 0.203 . . . . . . . . . . . 
'X-RAY DIFFRACTION' 2.132 2.261 . . 116 2246 100.0000 . . . 0.218 . 0.193 . . . . . . . . . . . 
'X-RAY DIFFRACTION' 2.261 2.417 . . 115 2096 100.0000 . . . 0.200 . 0.194 . . . . . . . . . . . 
'X-RAY DIFFRACTION' 2.417 2.610 . . 100 1972 100.0000 . . . 0.193 . 0.183 . . . . . . . . . . . 
'X-RAY DIFFRACTION' 2.610 2.860 . . 102 1829 100.0000 . . . 0.215 . 0.178 . . . . . . . . . . . 
'X-RAY DIFFRACTION' 2.860 3.197 . . 72  1681 100.0000 . . . 0.189 . 0.177 . . . . . . . . . . . 
'X-RAY DIFFRACTION' 3.197 3.691 . . 94  1469 100.0000 . . . 0.191 . 0.163 . . . . . . . . . . . 
'X-RAY DIFFRACTION' 3.691 4.520 . . 71  1277 100.0000 . . . 0.165 . 0.145 . . . . . . . . . . . 
'X-RAY DIFFRACTION' 4.520 6.389 . . 44  1032 100.0000 . . . 0.216 . 0.206 . . . . . . . . . . . 
'X-RAY DIFFRACTION' 6.389 61.48 . . 31  605  96.3636  . . . 0.246 . 0.271 . . . . . . . . . . . 
# 
_struct.entry_id                     7R0Y 
_struct.title                        'ATAD2 in complex with PepLite-Glu' 
_struct.pdbx_model_details           ? 
_struct.pdbx_formula_weight          ? 
_struct.pdbx_formula_weight_method   ? 
_struct.pdbx_model_type_details      ? 
_struct.pdbx_CASP_flag               N 
# 
_struct_keywords.entry_id        7R0Y 
_struct_keywords.text            'ATAD2, INHIBITOR, FRAGMENT, BROMODOMAIN, FRAGLITE, TRANSCRIPTION' 
_struct_keywords.pdbx_keywords   TRANSCRIPTION 
# 
loop_
_struct_asym.id 
_struct_asym.pdbx_blank_PDB_chainid_flag 
_struct_asym.pdbx_modified 
_struct_asym.entity_id 
_struct_asym.details 
A N N 1 ? 
B N N 2 ? 
C N N 3 ? 
D N N 4 ? 
E N N 5 ? 
F N N 5 ? 
G N N 2 ? 
H N N 6 ? 
# 
_struct_ref.id                         1 
_struct_ref.db_name                    UNP 
_struct_ref.db_code                    ATAD2_HUMAN 
_struct_ref.pdbx_db_accession          Q6PL18 
_struct_ref.pdbx_db_isoform            ? 
_struct_ref.entity_id                  1 
_struct_ref.pdbx_seq_one_letter_code   
;QEEDTFRELRIFLRNVTHRLAIDKRFRVFTKPVDPDEVPDYVTVIKQPMDLSSVISKIDLHKYLTVKDYLRDIDLICSNA
LEYNPDRDPGDRLIRHRACALRDTAYAIIKEELDEDFEQLCEEIQESR
;
_struct_ref.pdbx_align_begin           981 
# 
_struct_ref_seq.align_id                      1 
_struct_ref_seq.ref_id                        1 
_struct_ref_seq.pdbx_PDB_id_code              7R0Y 
_struct_ref_seq.pdbx_strand_id                AAA 
_struct_ref_seq.seq_align_beg                 3 
_struct_ref_seq.pdbx_seq_align_beg_ins_code   ? 
_struct_ref_seq.seq_align_end                 130 
_struct_ref_seq.pdbx_seq_align_end_ins_code   ? 
_struct_ref_seq.pdbx_db_accession             Q6PL18 
_struct_ref_seq.db_align_beg                  981 
_struct_ref_seq.pdbx_db_align_beg_ins_code    ? 
_struct_ref_seq.db_align_end                  1108 
_struct_ref_seq.pdbx_db_align_end_ins_code    ? 
_struct_ref_seq.pdbx_auth_seq_align_beg       981 
_struct_ref_seq.pdbx_auth_seq_align_end       1108 
# 
loop_
_struct_ref_seq_dif.align_id 
_struct_ref_seq_dif.pdbx_pdb_id_code 
_struct_ref_seq_dif.mon_id 
_struct_ref_seq_dif.pdbx_pdb_strand_id 
_struct_ref_seq_dif.seq_num 
_struct_ref_seq_dif.pdbx_pdb_ins_code 
_struct_ref_seq_dif.pdbx_seq_db_name 
_struct_ref_seq_dif.pdbx_seq_db_accession_code 
_struct_ref_seq_dif.db_mon_id 
_struct_ref_seq_dif.pdbx_seq_db_seq_num 
_struct_ref_seq_dif.details 
_struct_ref_seq_dif.pdbx_auth_seq_num 
_struct_ref_seq_dif.pdbx_ordinal 
1 7R0Y SER AAA 1 ? UNP Q6PL18 ? ? 'expression tag' 979 1 
1 7R0Y MET AAA 2 ? UNP Q6PL18 ? ? 'expression tag' 980 2 
# 
_pdbx_struct_assembly.id                   1 
_pdbx_struct_assembly.details              author_defined_assembly 
_pdbx_struct_assembly.method_details       ? 
_pdbx_struct_assembly.oligomeric_details   monomeric 
_pdbx_struct_assembly.oligomeric_count     1 
# 
_pdbx_struct_assembly_gen.assembly_id       1 
_pdbx_struct_assembly_gen.oper_expression   1 
_pdbx_struct_assembly_gen.asym_id_list      A,B,C,D,E,F,G,H 
# 
_pdbx_struct_assembly_auth_evidence.id                     1 
_pdbx_struct_assembly_auth_evidence.assembly_id            1 
_pdbx_struct_assembly_auth_evidence.experimental_support   'gel filtration' 
_pdbx_struct_assembly_auth_evidence.details                ? 
# 
_pdbx_struct_oper_list.id                   1 
_pdbx_struct_oper_list.type                 'identity operation' 
_pdbx_struct_oper_list.name                 1_555 
_pdbx_struct_oper_list.symmetry_operation   x,y,z 
_pdbx_struct_oper_list.matrix[1][1]         1.0000000000 
_pdbx_struct_oper_list.matrix[1][2]         0.0000000000 
_pdbx_struct_oper_list.matrix[1][3]         0.0000000000 
_pdbx_struct_oper_list.vector[1]            0.0000000000 
_pdbx_struct_oper_list.matrix[2][1]         0.0000000000 
_pdbx_struct_oper_list.matrix[2][2]         1.0000000000 
_pdbx_struct_oper_list.matrix[2][3]         0.0000000000 
_pdbx_struct_oper_list.vector[2]            0.0000000000 
_pdbx_struct_oper_list.matrix[3][1]         0.0000000000 
_pdbx_struct_oper_list.matrix[3][2]         0.0000000000 
_pdbx_struct_oper_list.matrix[3][3]         1.0000000000 
_pdbx_struct_oper_list.vector[3]            0.0000000000 
# 
loop_
_struct_conf.conf_type_id 
_struct_conf.id 
_struct_conf.pdbx_PDB_helix_id 
_struct_conf.beg_label_comp_id 
_struct_conf.beg_label_asym_id 
_struct_conf.beg_label_seq_id 
_struct_conf.pdbx_beg_PDB_ins_code 
_struct_conf.end_label_comp_id 
_struct_conf.end_label_asym_id 
_struct_conf.end_label_seq_id 
_struct_conf.pdbx_end_PDB_ins_code 
_struct_conf.beg_auth_comp_id 
_struct_conf.beg_auth_asym_id 
_struct_conf.beg_auth_seq_id 
_struct_conf.end_auth_comp_id 
_struct_conf.end_auth_asym_id 
_struct_conf.end_auth_seq_id 
_struct_conf.pdbx_PDB_helix_class 
_struct_conf.details 
_struct_conf.pdbx_PDB_helix_length 
HELX_P HELX_P1 AA1 SER A 1   ? ILE A 24  ? SER AAA 979  ILE AAA 1002 1 ? 24 
HELX_P HELX_P2 AA2 ASP A 25  ? THR A 32  ? ASP AAA 1003 THR AAA 1010 5 ? 8  
HELX_P HELX_P3 AA3 ASP A 42  ? ILE A 47  ? ASP AAA 1020 ILE AAA 1025 1 ? 6  
HELX_P HELX_P4 AA4 ASP A 52  ? LEU A 62  ? ASP AAA 1030 LEU AAA 1040 1 ? 11 
HELX_P HELX_P5 AA5 THR A 67  ? ASN A 86  ? THR AAA 1045 ASN AAA 1064 1 ? 20 
HELX_P HELX_P6 AA6 ASP A 90  ? LEU A 115 ? ASP AAA 1068 LEU AAA 1093 1 ? 26 
HELX_P HELX_P7 AA7 ASP A 116 ? SER A 129 ? ASP AAA 1094 SER AAA 1107 1 ? 14 
# 
_struct_conf_type.id          HELX_P 
_struct_conf_type.criteria    ? 
_struct_conf_type.reference   ? 
# 
_pdbx_entry_details.entry_id                   7R0Y 
_pdbx_entry_details.has_ligand_of_interest     Y 
_pdbx_entry_details.compound_details           ? 
_pdbx_entry_details.source_details             ? 
_pdbx_entry_details.nonpolymer_details         ? 
_pdbx_entry_details.sequence_details           ? 
_pdbx_entry_details.has_protein_modification   N 
# 
loop_
_pdbx_validate_close_contact.id 
_pdbx_validate_close_contact.PDB_model_num 
_pdbx_validate_close_contact.auth_atom_id_1 
_pdbx_validate_close_contact.auth_asym_id_1 
_pdbx_validate_close_contact.auth_comp_id_1 
_pdbx_validate_close_contact.auth_seq_id_1 
_pdbx_validate_close_contact.PDB_ins_code_1 
_pdbx_validate_close_contact.label_alt_id_1 
_pdbx_validate_close_contact.auth_atom_id_2 
_pdbx_validate_close_contact.auth_asym_id_2 
_pdbx_validate_close_contact.auth_comp_id_2 
_pdbx_validate_close_contact.auth_seq_id_2 
_pdbx_validate_close_contact.PDB_ins_code_2 
_pdbx_validate_close_contact.label_alt_id_2 
_pdbx_validate_close_contact.dist 
1  1 O3  AAA HNU 1203 ? ? O  AAA HOH 1301 ? ? 1.19 
2  1 SG  AAA CYS 1079 ? ? C2 AAA HNU 1203 ? ? 1.73 
3  1 O   AAA HOH 1507 ? ? O  AAA HOH 1524 ? ? 1.78 
4  1 OE1 AAA GLN 1027 ? B O  AAA HOH 1302 ? ? 1.87 
5  1 O   AAA HOH 1413 ? ? O  AAA HOH 1445 ? ? 1.92 
6  1 O   AAA HOH 1486 ? ? O  AAA HOH 1526 ? ? 1.92 
7  1 O   AAA HOH 1410 ? ? O  AAA HOH 1496 ? ? 1.95 
8  1 O   AAA HOH 1414 ? ? O  AAA HOH 1448 ? ? 2.03 
9  1 O   AAA HOH 1462 ? ? O  AAA HOH 1493 ? ? 2.05 
10 1 ND2 AAA ASN 995  ? ? O  AAA HOH 1303 ? ? 2.05 
11 1 OD1 AAA ASP 1066 ? ? O  AAA HOH 1304 ? ? 2.07 
12 1 OE2 AAA GLU 983  ? ? O  AAA HOH 1305 ? ? 2.10 
13 1 O   AAA HOH 1455 ? ? O  AAA HOH 1471 ? ? 2.12 
14 1 O   AAA HOH 1478 ? ? O  AAA HOH 1509 ? ? 2.13 
15 1 C3  AAA HNU 1203 ? ? O  AAA HOH 1321 ? ? 2.13 
16 1 C9  AAA HNU 1203 ? ? O  AAA HOH 1301 ? ? 2.15 
17 1 OD2 AAA ASP 1020 ? ? O  AAA HOH 1306 ? ? 2.16 
18 1 OG  AAA SER 1107 ? B O  AAA HOH 1307 ? ? 2.19 
# 
loop_
_pdbx_validate_symm_contact.id 
_pdbx_validate_symm_contact.PDB_model_num 
_pdbx_validate_symm_contact.auth_atom_id_1 
_pdbx_validate_symm_contact.auth_asym_id_1 
_pdbx_validate_symm_contact.auth_comp_id_1 
_pdbx_validate_symm_contact.auth_seq_id_1 
_pdbx_validate_symm_contact.PDB_ins_code_1 
_pdbx_validate_symm_contact.label_alt_id_1 
_pdbx_validate_symm_contact.site_symmetry_1 
_pdbx_validate_symm_contact.auth_atom_id_2 
_pdbx_validate_symm_contact.auth_asym_id_2 
_pdbx_validate_symm_contact.auth_comp_id_2 
_pdbx_validate_symm_contact.auth_seq_id_2 
_pdbx_validate_symm_contact.PDB_ins_code_2 
_pdbx_validate_symm_contact.label_alt_id_2 
_pdbx_validate_symm_contact.site_symmetry_2 
_pdbx_validate_symm_contact.dist 
1  1 NE2 AAA GLN 981  ? B 1_555 O1 AAA HNU 1203 ? ? 8_665  1.18 
2  1 NE2 AAA GLN 981  ? B 1_555 C4 AAA HNU 1203 ? ? 8_665  1.49 
3  1 NE2 AAA GLN 981  ? B 1_555 N3 AAA HNU 1203 ? ? 8_665  1.70 
4  1 O   AAA HOH 1315 ? ? 1_555 O  AAA HOH 1328 ? ? 6_664  1.71 
5  1 NE2 AAA GLN 981  ? B 1_555 C5 AAA HNU 1203 ? ? 8_665  1.76 
6  1 O   AAA HOH 1460 ? ? 1_555 O  AAA HOH 1475 ? ? 12_564 1.78 
7  1 CD  AAA GLN 981  ? B 1_555 O1 AAA HNU 1203 ? ? 8_665  1.78 
8  1 O   AAA HOH 1381 ? ? 1_555 O  AAA HOH 1456 ? ? 12_564 1.82 
9  1 O   AAA GLN 981  ? A 1_555 O  AAA HOH 1301 ? ? 8_665  2.06 
10 1 O   AAA HOH 1462 ? ? 1_555 O  AAA HOH 1509 ? ? 10_665 2.06 
11 1 O   AAA HOH 1383 ? ? 1_555 O  AAA HOH 1461 ? ? 8_565  2.07 
12 1 OG1 AAA THR 985  ? ? 1_555 O  AAA HOH 1301 ? ? 8_665  2.14 
13 1 O   AAA HOH 1328 ? ? 1_555 O  AAA HOH 1392 ? ? 8_565  2.16 
# 
_pdbx_validate_rmsd_bond.id                        1 
_pdbx_validate_rmsd_bond.PDB_model_num             1 
_pdbx_validate_rmsd_bond.auth_atom_id_1            CD 
_pdbx_validate_rmsd_bond.auth_asym_id_1            AAA 
_pdbx_validate_rmsd_bond.auth_comp_id_1            GLU 
_pdbx_validate_rmsd_bond.auth_seq_id_1             1102 
_pdbx_validate_rmsd_bond.PDB_ins_code_1            ? 
_pdbx_validate_rmsd_bond.label_alt_id_1            ? 
_pdbx_validate_rmsd_bond.auth_atom_id_2            OE2 
_pdbx_validate_rmsd_bond.auth_asym_id_2            AAA 
_pdbx_validate_rmsd_bond.auth_comp_id_2            GLU 
_pdbx_validate_rmsd_bond.auth_seq_id_2             1102 
_pdbx_validate_rmsd_bond.PDB_ins_code_2            ? 
_pdbx_validate_rmsd_bond.label_alt_id_2            ? 
_pdbx_validate_rmsd_bond.bond_value                1.325 
_pdbx_validate_rmsd_bond.bond_target_value         1.252 
_pdbx_validate_rmsd_bond.bond_deviation            0.073 
_pdbx_validate_rmsd_bond.bond_standard_deviation   0.011 
_pdbx_validate_rmsd_bond.linker_flag               N 
# 
loop_
_pdbx_validate_rmsd_angle.id 
_pdbx_validate_rmsd_angle.PDB_model_num 
_pdbx_validate_rmsd_angle.auth_atom_id_1 
_pdbx_validate_rmsd_angle.auth_asym_id_1 
_pdbx_validate_rmsd_angle.auth_comp_id_1 
_pdbx_validate_rmsd_angle.auth_seq_id_1 
_pdbx_validate_rmsd_angle.PDB_ins_code_1 
_pdbx_validate_rmsd_angle.label_alt_id_1 
_pdbx_validate_rmsd_angle.auth_atom_id_2 
_pdbx_validate_rmsd_angle.auth_asym_id_2 
_pdbx_validate_rmsd_angle.auth_comp_id_2 
_pdbx_validate_rmsd_angle.auth_seq_id_2 
_pdbx_validate_rmsd_angle.PDB_ins_code_2 
_pdbx_validate_rmsd_angle.label_alt_id_2 
_pdbx_validate_rmsd_angle.auth_atom_id_3 
_pdbx_validate_rmsd_angle.auth_asym_id_3 
_pdbx_validate_rmsd_angle.auth_comp_id_3 
_pdbx_validate_rmsd_angle.auth_seq_id_3 
_pdbx_validate_rmsd_angle.PDB_ins_code_3 
_pdbx_validate_rmsd_angle.label_alt_id_3 
_pdbx_validate_rmsd_angle.angle_value 
_pdbx_validate_rmsd_angle.angle_target_value 
_pdbx_validate_rmsd_angle.angle_deviation 
_pdbx_validate_rmsd_angle.angle_standard_deviation 
_pdbx_validate_rmsd_angle.linker_flag 
1 1 NE AAA ARG 987  ? A CZ AAA ARG 987  ? A NH1 AAA ARG 987  ? A 124.55 120.30 4.25  0.50 N 
2 1 NE AAA ARG 987  ? A CZ AAA ARG 987  ? A NH2 AAA ARG 987  ? A 116.52 120.30 -3.78 0.50 N 
3 1 NE AAA ARG 990  ? ? CZ AAA ARG 990  ? ? NH2 AAA ARG 990  ? ? 114.82 120.30 -5.48 0.50 N 
4 1 CB AAA TYR 1049 ? ? CG AAA TYR 1049 ? ? CD2 AAA TYR 1049 ? ? 117.05 121.00 -3.95 0.60 N 
5 1 NE AAA ARG 1067 ? ? CZ AAA ARG 1067 ? ? NH1 AAA ARG 1067 ? ? 115.48 120.30 -4.82 0.50 N 
6 1 NE AAA ARG 1082 ? ? CZ AAA ARG 1082 ? ? NH1 AAA ARG 1082 ? ? 123.92 120.30 3.62  0.50 N 
# 
loop_
_pdbx_struct_special_symmetry.id 
_pdbx_struct_special_symmetry.PDB_model_num 
_pdbx_struct_special_symmetry.auth_asym_id 
_pdbx_struct_special_symmetry.auth_comp_id 
_pdbx_struct_special_symmetry.auth_seq_id 
_pdbx_struct_special_symmetry.PDB_ins_code 
_pdbx_struct_special_symmetry.label_asym_id 
_pdbx_struct_special_symmetry.label_comp_id 
_pdbx_struct_special_symmetry.label_seq_id 
1 1 AAA HOH 1330 ? H HOH . 
2 1 AAA HOH 1465 ? H HOH . 
# 
_pdbx_distant_solvent_atoms.id                                1 
_pdbx_distant_solvent_atoms.PDB_model_num                     1 
_pdbx_distant_solvent_atoms.auth_atom_id                      O 
_pdbx_distant_solvent_atoms.label_alt_id                      ? 
_pdbx_distant_solvent_atoms.auth_asym_id                      AAA 
_pdbx_distant_solvent_atoms.auth_comp_id                      HOH 
_pdbx_distant_solvent_atoms.auth_seq_id                       1530 
_pdbx_distant_solvent_atoms.PDB_ins_code                      ? 
_pdbx_distant_solvent_atoms.neighbor_macromolecule_distance   6.09 
_pdbx_distant_solvent_atoms.neighbor_ligand_distance          . 
# 
loop_
_chem_comp_atom.comp_id 
_chem_comp_atom.atom_id 
_chem_comp_atom.type_symbol 
_chem_comp_atom.pdbx_aromatic_flag 
_chem_comp_atom.pdbx_stereo_config 
_chem_comp_atom.pdbx_ordinal 
ALA N    N  N N 1   
ALA CA   C  N S 2   
ALA C    C  N N 3   
ALA O    O  N N 4   
ALA CB   C  N N 5   
ALA OXT  O  N N 6   
ALA H    H  N N 7   
ALA H2   H  N N 8   
ALA HA   H  N N 9   
ALA HB1  H  N N 10  
ALA HB2  H  N N 11  
ALA HB3  H  N N 12  
ALA HXT  H  N N 13  
ARG N    N  N N 14  
ARG CA   C  N S 15  
ARG C    C  N N 16  
ARG O    O  N N 17  
ARG CB   C  N N 18  
ARG CG   C  N N 19  
ARG CD   C  N N 20  
ARG NE   N  N N 21  
ARG CZ   C  N N 22  
ARG NH1  N  N N 23  
ARG NH2  N  N N 24  
ARG OXT  O  N N 25  
ARG H    H  N N 26  
ARG H2   H  N N 27  
ARG HA   H  N N 28  
ARG HB2  H  N N 29  
ARG HB3  H  N N 30  
ARG HG2  H  N N 31  
ARG HG3  H  N N 32  
ARG HD2  H  N N 33  
ARG HD3  H  N N 34  
ARG HE   H  N N 35  
ARG HH11 H  N N 36  
ARG HH12 H  N N 37  
ARG HH21 H  N N 38  
ARG HH22 H  N N 39  
ARG HXT  H  N N 40  
ASN N    N  N N 41  
ASN CA   C  N S 42  
ASN C    C  N N 43  
ASN O    O  N N 44  
ASN CB   C  N N 45  
ASN CG   C  N N 46  
ASN OD1  O  N N 47  
ASN ND2  N  N N 48  
ASN OXT  O  N N 49  
ASN H    H  N N 50  
ASN H2   H  N N 51  
ASN HA   H  N N 52  
ASN HB2  H  N N 53  
ASN HB3  H  N N 54  
ASN HD21 H  N N 55  
ASN HD22 H  N N 56  
ASN HXT  H  N N 57  
ASP N    N  N N 58  
ASP CA   C  N S 59  
ASP C    C  N N 60  
ASP O    O  N N 61  
ASP CB   C  N N 62  
ASP CG   C  N N 63  
ASP OD1  O  N N 64  
ASP OD2  O  N N 65  
ASP OXT  O  N N 66  
ASP H    H  N N 67  
ASP H2   H  N N 68  
ASP HA   H  N N 69  
ASP HB2  H  N N 70  
ASP HB3  H  N N 71  
ASP HD2  H  N N 72  
ASP HXT  H  N N 73  
CL  CL   CL N N 74  
CYS N    N  N N 75  
CYS CA   C  N R 76  
CYS C    C  N N 77  
CYS O    O  N N 78  
CYS CB   C  N N 79  
CYS SG   S  N N 80  
CYS OXT  O  N N 81  
CYS H    H  N N 82  
CYS H2   H  N N 83  
CYS HA   H  N N 84  
CYS HB2  H  N N 85  
CYS HB3  H  N N 86  
CYS HG   H  N N 87  
CYS HXT  H  N N 88  
EDO C1   C  N N 89  
EDO O1   O  N N 90  
EDO C2   C  N N 91  
EDO O2   O  N N 92  
EDO H11  H  N N 93  
EDO H12  H  N N 94  
EDO HO1  H  N N 95  
EDO H21  H  N N 96  
EDO H22  H  N N 97  
EDO HO2  H  N N 98  
GLN N    N  N N 99  
GLN CA   C  N S 100 
GLN C    C  N N 101 
GLN O    O  N N 102 
GLN CB   C  N N 103 
GLN CG   C  N N 104 
GLN CD   C  N N 105 
GLN OE1  O  N N 106 
GLN NE2  N  N N 107 
GLN OXT  O  N N 108 
GLN H    H  N N 109 
GLN H2   H  N N 110 
GLN HA   H  N N 111 
GLN HB2  H  N N 112 
GLN HB3  H  N N 113 
GLN HG2  H  N N 114 
GLN HG3  H  N N 115 
GLN HE21 H  N N 116 
GLN HE22 H  N N 117 
GLN HXT  H  N N 118 
GLU N    N  N N 119 
GLU CA   C  N S 120 
GLU C    C  N N 121 
GLU O    O  N N 122 
GLU CB   C  N N 123 
GLU CG   C  N N 124 
GLU CD   C  N N 125 
GLU OE1  O  N N 126 
GLU OE2  O  N N 127 
GLU OXT  O  N N 128 
GLU H    H  N N 129 
GLU H2   H  N N 130 
GLU HA   H  N N 131 
GLU HB2  H  N N 132 
GLU HB3  H  N N 133 
GLU HG2  H  N N 134 
GLU HG3  H  N N 135 
GLU HE2  H  N N 136 
GLU HXT  H  N N 137 
GLY N    N  N N 138 
GLY CA   C  N N 139 
GLY C    C  N N 140 
GLY O    O  N N 141 
GLY OXT  O  N N 142 
GLY H    H  N N 143 
GLY H2   H  N N 144 
GLY HA2  H  N N 145 
GLY HA3  H  N N 146 
GLY HXT  H  N N 147 
HIS N    N  N N 148 
HIS CA   C  N S 149 
HIS C    C  N N 150 
HIS O    O  N N 151 
HIS CB   C  N N 152 
HIS CG   C  Y N 153 
HIS ND1  N  Y N 154 
HIS CD2  C  Y N 155 
HIS CE1  C  Y N 156 
HIS NE2  N  Y N 157 
HIS OXT  O  N N 158 
HIS H    H  N N 159 
HIS H2   H  N N 160 
HIS HA   H  N N 161 
HIS HB2  H  N N 162 
HIS HB3  H  N N 163 
HIS HD1  H  N N 164 
HIS HD2  H  N N 165 
HIS HE1  H  N N 166 
HIS HE2  H  N N 167 
HIS HXT  H  N N 168 
HNU C4   C  N N 169 
HNU C5   C  N S 170 
HNU C6   C  N N 171 
HNU C7   C  N N 172 
HNU C8   C  N N 173 
HNU C9   C  N N 174 
HNU C10  C  N N 175 
HNU N1   N  N N 176 
HNU N2   N  N N 177 
HNU C3   C  N N 178 
HNU N3   N  N N 179 
HNU C1   C  N N 180 
HNU C2   C  N N 181 
HNU O1   O  N N 182 
HNU O2   O  N N 183 
HNU O3   O  N N 184 
HNU H1   H  N N 185 
HNU H2   H  N N 186 
HNU H3   H  N N 187 
HNU H4   H  N N 188 
HNU H5   H  N N 189 
HNU H6   H  N N 190 
HNU H7   H  N N 191 
HNU H8   H  N N 192 
HNU H9   H  N N 193 
HNU H10  H  N N 194 
HNU H11  H  N N 195 
HNU H12  H  N N 196 
HNU H13  H  N N 197 
HNU H14  H  N N 198 
HNU H15  H  N N 199 
HNU H16  H  N N 200 
HNU H17  H  N N 201 
HOH O    O  N N 202 
HOH H1   H  N N 203 
HOH H2   H  N N 204 
ILE N    N  N N 205 
ILE CA   C  N S 206 
ILE C    C  N N 207 
ILE O    O  N N 208 
ILE CB   C  N S 209 
ILE CG1  C  N N 210 
ILE CG2  C  N N 211 
ILE CD1  C  N N 212 
ILE OXT  O  N N 213 
ILE H    H  N N 214 
ILE H2   H  N N 215 
ILE HA   H  N N 216 
ILE HB   H  N N 217 
ILE HG12 H  N N 218 
ILE HG13 H  N N 219 
ILE HG21 H  N N 220 
ILE HG22 H  N N 221 
ILE HG23 H  N N 222 
ILE HD11 H  N N 223 
ILE HD12 H  N N 224 
ILE HD13 H  N N 225 
ILE HXT  H  N N 226 
LEU N    N  N N 227 
LEU CA   C  N S 228 
LEU C    C  N N 229 
LEU O    O  N N 230 
LEU CB   C  N N 231 
LEU CG   C  N N 232 
LEU CD1  C  N N 233 
LEU CD2  C  N N 234 
LEU OXT  O  N N 235 
LEU H    H  N N 236 
LEU H2   H  N N 237 
LEU HA   H  N N 238 
LEU HB2  H  N N 239 
LEU HB3  H  N N 240 
LEU HG   H  N N 241 
LEU HD11 H  N N 242 
LEU HD12 H  N N 243 
LEU HD13 H  N N 244 
LEU HD21 H  N N 245 
LEU HD22 H  N N 246 
LEU HD23 H  N N 247 
LEU HXT  H  N N 248 
LYS N    N  N N 249 
LYS CA   C  N S 250 
LYS C    C  N N 251 
LYS O    O  N N 252 
LYS CB   C  N N 253 
LYS CG   C  N N 254 
LYS CD   C  N N 255 
LYS CE   C  N N 256 
LYS NZ   N  N N 257 
LYS OXT  O  N N 258 
LYS H    H  N N 259 
LYS H2   H  N N 260 
LYS HA   H  N N 261 
LYS HB2  H  N N 262 
LYS HB3  H  N N 263 
LYS HG2  H  N N 264 
LYS HG3  H  N N 265 
LYS HD2  H  N N 266 
LYS HD3  H  N N 267 
LYS HE2  H  N N 268 
LYS HE3  H  N N 269 
LYS HZ1  H  N N 270 
LYS HZ2  H  N N 271 
LYS HZ3  H  N N 272 
LYS HXT  H  N N 273 
MET N    N  N N 274 
MET CA   C  N S 275 
MET C    C  N N 276 
MET O    O  N N 277 
MET CB   C  N N 278 
MET CG   C  N N 279 
MET SD   S  N N 280 
MET CE   C  N N 281 
MET OXT  O  N N 282 
MET H    H  N N 283 
MET H2   H  N N 284 
MET HA   H  N N 285 
MET HB2  H  N N 286 
MET HB3  H  N N 287 
MET HG2  H  N N 288 
MET HG3  H  N N 289 
MET HE1  H  N N 290 
MET HE2  H  N N 291 
MET HE3  H  N N 292 
MET HXT  H  N N 293 
PHE N    N  N N 294 
PHE CA   C  N S 295 
PHE C    C  N N 296 
PHE O    O  N N 297 
PHE CB   C  N N 298 
PHE CG   C  Y N 299 
PHE CD1  C  Y N 300 
PHE CD2  C  Y N 301 
PHE CE1  C  Y N 302 
PHE CE2  C  Y N 303 
PHE CZ   C  Y N 304 
PHE OXT  O  N N 305 
PHE H    H  N N 306 
PHE H2   H  N N 307 
PHE HA   H  N N 308 
PHE HB2  H  N N 309 
PHE HB3  H  N N 310 
PHE HD1  H  N N 311 
PHE HD2  H  N N 312 
PHE HE1  H  N N 313 
PHE HE2  H  N N 314 
PHE HZ   H  N N 315 
PHE HXT  H  N N 316 
PRO N    N  N N 317 
PRO CA   C  N S 318 
PRO C    C  N N 319 
PRO O    O  N N 320 
PRO CB   C  N N 321 
PRO CG   C  N N 322 
PRO CD   C  N N 323 
PRO OXT  O  N N 324 
PRO H    H  N N 325 
PRO HA   H  N N 326 
PRO HB2  H  N N 327 
PRO HB3  H  N N 328 
PRO HG2  H  N N 329 
PRO HG3  H  N N 330 
PRO HD2  H  N N 331 
PRO HD3  H  N N 332 
PRO HXT  H  N N 333 
SER N    N  N N 334 
SER CA   C  N S 335 
SER C    C  N N 336 
SER O    O  N N 337 
SER CB   C  N N 338 
SER OG   O  N N 339 
SER OXT  O  N N 340 
SER H    H  N N 341 
SER H2   H  N N 342 
SER HA   H  N N 343 
SER HB2  H  N N 344 
SER HB3  H  N N 345 
SER HG   H  N N 346 
SER HXT  H  N N 347 
SO4 S    S  N N 348 
SO4 O1   O  N N 349 
SO4 O2   O  N N 350 
SO4 O3   O  N N 351 
SO4 O4   O  N N 352 
THR N    N  N N 353 
THR CA   C  N S 354 
THR C    C  N N 355 
THR O    O  N N 356 
THR CB   C  N R 357 
THR OG1  O  N N 358 
THR CG2  C  N N 359 
THR OXT  O  N N 360 
THR H    H  N N 361 
THR H2   H  N N 362 
THR HA   H  N N 363 
THR HB   H  N N 364 
THR HG1  H  N N 365 
THR HG21 H  N N 366 
THR HG22 H  N N 367 
THR HG23 H  N N 368 
THR HXT  H  N N 369 
TYR N    N  N N 370 
TYR CA   C  N S 371 
TYR C    C  N N 372 
TYR O    O  N N 373 
TYR CB   C  N N 374 
TYR CG   C  Y N 375 
TYR CD1  C  Y N 376 
TYR CD2  C  Y N 377 
TYR CE1  C  Y N 378 
TYR CE2  C  Y N 379 
TYR CZ   C  Y N 380 
TYR OH   O  N N 381 
TYR OXT  O  N N 382 
TYR H    H  N N 383 
TYR H2   H  N N 384 
TYR HA   H  N N 385 
TYR HB2  H  N N 386 
TYR HB3  H  N N 387 
TYR HD1  H  N N 388 
TYR HD2  H  N N 389 
TYR HE1  H  N N 390 
TYR HE2  H  N N 391 
TYR HH   H  N N 392 
TYR HXT  H  N N 393 
VAL N    N  N N 394 
VAL CA   C  N S 395 
VAL C    C  N N 396 
VAL O    O  N N 397 
VAL CB   C  N N 398 
VAL CG1  C  N N 399 
VAL CG2  C  N N 400 
VAL OXT  O  N N 401 
VAL H    H  N N 402 
VAL H2   H  N N 403 
VAL HA   H  N N 404 
VAL HB   H  N N 405 
VAL HG11 H  N N 406 
VAL HG12 H  N N 407 
VAL HG13 H  N N 408 
VAL HG21 H  N N 409 
VAL HG22 H  N N 410 
VAL HG23 H  N N 411 
VAL HXT  H  N N 412 
# 
loop_
_chem_comp_bond.comp_id 
_chem_comp_bond.atom_id_1 
_chem_comp_bond.atom_id_2 
_chem_comp_bond.value_order 
_chem_comp_bond.pdbx_aromatic_flag 
_chem_comp_bond.pdbx_stereo_config 
_chem_comp_bond.pdbx_ordinal 
ALA N   CA   sing N N 1   
ALA N   H    sing N N 2   
ALA N   H2   sing N N 3   
ALA CA  C    sing N N 4   
ALA CA  CB   sing N N 5   
ALA CA  HA   sing N N 6   
ALA C   O    doub N N 7   
ALA C   OXT  sing N N 8   
ALA CB  HB1  sing N N 9   
ALA CB  HB2  sing N N 10  
ALA CB  HB3  sing N N 11  
ALA OXT HXT  sing N N 12  
ARG N   CA   sing N N 13  
ARG N   H    sing N N 14  
ARG N   H2   sing N N 15  
ARG CA  C    sing N N 16  
ARG CA  CB   sing N N 17  
ARG CA  HA   sing N N 18  
ARG C   O    doub N N 19  
ARG C   OXT  sing N N 20  
ARG CB  CG   sing N N 21  
ARG CB  HB2  sing N N 22  
ARG CB  HB3  sing N N 23  
ARG CG  CD   sing N N 24  
ARG CG  HG2  sing N N 25  
ARG CG  HG3  sing N N 26  
ARG CD  NE   sing N N 27  
ARG CD  HD2  sing N N 28  
ARG CD  HD3  sing N N 29  
ARG NE  CZ   sing N N 30  
ARG NE  HE   sing N N 31  
ARG CZ  NH1  sing N N 32  
ARG CZ  NH2  doub N N 33  
ARG NH1 HH11 sing N N 34  
ARG NH1 HH12 sing N N 35  
ARG NH2 HH21 sing N N 36  
ARG NH2 HH22 sing N N 37  
ARG OXT HXT  sing N N 38  
ASN N   CA   sing N N 39  
ASN N   H    sing N N 40  
ASN N   H2   sing N N 41  
ASN CA  C    sing N N 42  
ASN CA  CB   sing N N 43  
ASN CA  HA   sing N N 44  
ASN C   O    doub N N 45  
ASN C   OXT  sing N N 46  
ASN CB  CG   sing N N 47  
ASN CB  HB2  sing N N 48  
ASN CB  HB3  sing N N 49  
ASN CG  OD1  doub N N 50  
ASN CG  ND2  sing N N 51  
ASN ND2 HD21 sing N N 52  
ASN ND2 HD22 sing N N 53  
ASN OXT HXT  sing N N 54  
ASP N   CA   sing N N 55  
ASP N   H    sing N N 56  
ASP N   H2   sing N N 57  
ASP CA  C    sing N N 58  
ASP CA  CB   sing N N 59  
ASP CA  HA   sing N N 60  
ASP C   O    doub N N 61  
ASP C   OXT  sing N N 62  
ASP CB  CG   sing N N 63  
ASP CB  HB2  sing N N 64  
ASP CB  HB3  sing N N 65  
ASP CG  OD1  doub N N 66  
ASP CG  OD2  sing N N 67  
ASP OD2 HD2  sing N N 68  
ASP OXT HXT  sing N N 69  
CYS N   CA   sing N N 70  
CYS N   H    sing N N 71  
CYS N   H2   sing N N 72  
CYS CA  C    sing N N 73  
CYS CA  CB   sing N N 74  
CYS CA  HA   sing N N 75  
CYS C   O    doub N N 76  
CYS C   OXT  sing N N 77  
CYS CB  SG   sing N N 78  
CYS CB  HB2  sing N N 79  
CYS CB  HB3  sing N N 80  
CYS SG  HG   sing N N 81  
CYS OXT HXT  sing N N 82  
EDO C1  O1   sing N N 83  
EDO C1  C2   sing N N 84  
EDO C1  H11  sing N N 85  
EDO C1  H12  sing N N 86  
EDO O1  HO1  sing N N 87  
EDO C2  O2   sing N N 88  
EDO C2  H21  sing N N 89  
EDO C2  H22  sing N N 90  
EDO O2  HO2  sing N N 91  
GLN N   CA   sing N N 92  
GLN N   H    sing N N 93  
GLN N   H2   sing N N 94  
GLN CA  C    sing N N 95  
GLN CA  CB   sing N N 96  
GLN CA  HA   sing N N 97  
GLN C   O    doub N N 98  
GLN C   OXT  sing N N 99  
GLN CB  CG   sing N N 100 
GLN CB  HB2  sing N N 101 
GLN CB  HB3  sing N N 102 
GLN CG  CD   sing N N 103 
GLN CG  HG2  sing N N 104 
GLN CG  HG3  sing N N 105 
GLN CD  OE1  doub N N 106 
GLN CD  NE2  sing N N 107 
GLN NE2 HE21 sing N N 108 
GLN NE2 HE22 sing N N 109 
GLN OXT HXT  sing N N 110 
GLU N   CA   sing N N 111 
GLU N   H    sing N N 112 
GLU N   H2   sing N N 113 
GLU CA  C    sing N N 114 
GLU CA  CB   sing N N 115 
GLU CA  HA   sing N N 116 
GLU C   O    doub N N 117 
GLU C   OXT  sing N N 118 
GLU CB  CG   sing N N 119 
GLU CB  HB2  sing N N 120 
GLU CB  HB3  sing N N 121 
GLU CG  CD   sing N N 122 
GLU CG  HG2  sing N N 123 
GLU CG  HG3  sing N N 124 
GLU CD  OE1  doub N N 125 
GLU CD  OE2  sing N N 126 
GLU OE2 HE2  sing N N 127 
GLU OXT HXT  sing N N 128 
GLY N   CA   sing N N 129 
GLY N   H    sing N N 130 
GLY N   H2   sing N N 131 
GLY CA  C    sing N N 132 
GLY CA  HA2  sing N N 133 
GLY CA  HA3  sing N N 134 
GLY C   O    doub N N 135 
GLY C   OXT  sing N N 136 
GLY OXT HXT  sing N N 137 
HIS N   CA   sing N N 138 
HIS N   H    sing N N 139 
HIS N   H2   sing N N 140 
HIS CA  C    sing N N 141 
HIS CA  CB   sing N N 142 
HIS CA  HA   sing N N 143 
HIS C   O    doub N N 144 
HIS C   OXT  sing N N 145 
HIS CB  CG   sing N N 146 
HIS CB  HB2  sing N N 147 
HIS CB  HB3  sing N N 148 
HIS CG  ND1  sing Y N 149 
HIS CG  CD2  doub Y N 150 
HIS ND1 CE1  doub Y N 151 
HIS ND1 HD1  sing N N 152 
HIS CD2 NE2  sing Y N 153 
HIS CD2 HD2  sing N N 154 
HIS CE1 NE2  sing Y N 155 
HIS CE1 HE1  sing N N 156 
HIS NE2 HE2  sing N N 157 
HIS OXT HXT  sing N N 158 
HNU O3  C9   doub N N 159 
HNU C9  N3   sing N N 160 
HNU C9  C10  sing N N 161 
HNU N3  C5   sing N N 162 
HNU O1  C4   doub N N 163 
HNU C3  C2   sing N N 164 
HNU C3  N1   sing N N 165 
HNU C5  C4   sing N N 166 
HNU C5  C6   sing N N 167 
HNU C4  N1   sing N N 168 
HNU C2  C1   doub N N 169 
HNU C6  C7   sing N N 170 
HNU C7  C8   sing N N 171 
HNU C8  O2   doub N N 172 
HNU C8  N2   sing N N 173 
HNU C5  H1   sing N N 174 
HNU C6  H2   sing N N 175 
HNU C6  H3   sing N N 176 
HNU C7  H4   sing N N 177 
HNU C7  H5   sing N N 178 
HNU C10 H6   sing N N 179 
HNU C10 H7   sing N N 180 
HNU C10 H8   sing N N 181 
HNU N1  H9   sing N N 182 
HNU N2  H10  sing N N 183 
HNU N2  H11  sing N N 184 
HNU C3  H12  sing N N 185 
HNU C3  H13  sing N N 186 
HNU N3  H14  sing N N 187 
HNU C1  H15  sing N N 188 
HNU C1  H16  sing N N 189 
HNU C2  H17  sing N N 190 
HOH O   H1   sing N N 191 
HOH O   H2   sing N N 192 
ILE N   CA   sing N N 193 
ILE N   H    sing N N 194 
ILE N   H2   sing N N 195 
ILE CA  C    sing N N 196 
ILE CA  CB   sing N N 197 
ILE CA  HA   sing N N 198 
ILE C   O    doub N N 199 
ILE C   OXT  sing N N 200 
ILE CB  CG1  sing N N 201 
ILE CB  CG2  sing N N 202 
ILE CB  HB   sing N N 203 
ILE CG1 CD1  sing N N 204 
ILE CG1 HG12 sing N N 205 
ILE CG1 HG13 sing N N 206 
ILE CG2 HG21 sing N N 207 
ILE CG2 HG22 sing N N 208 
ILE CG2 HG23 sing N N 209 
ILE CD1 HD11 sing N N 210 
ILE CD1 HD12 sing N N 211 
ILE CD1 HD13 sing N N 212 
ILE OXT HXT  sing N N 213 
LEU N   CA   sing N N 214 
LEU N   H    sing N N 215 
LEU N   H2   sing N N 216 
LEU CA  C    sing N N 217 
LEU CA  CB   sing N N 218 
LEU CA  HA   sing N N 219 
LEU C   O    doub N N 220 
LEU C   OXT  sing N N 221 
LEU CB  CG   sing N N 222 
LEU CB  HB2  sing N N 223 
LEU CB  HB3  sing N N 224 
LEU CG  CD1  sing N N 225 
LEU CG  CD2  sing N N 226 
LEU CG  HG   sing N N 227 
LEU CD1 HD11 sing N N 228 
LEU CD1 HD12 sing N N 229 
LEU CD1 HD13 sing N N 230 
LEU CD2 HD21 sing N N 231 
LEU CD2 HD22 sing N N 232 
LEU CD2 HD23 sing N N 233 
LEU OXT HXT  sing N N 234 
LYS N   CA   sing N N 235 
LYS N   H    sing N N 236 
LYS N   H2   sing N N 237 
LYS CA  C    sing N N 238 
LYS CA  CB   sing N N 239 
LYS CA  HA   sing N N 240 
LYS C   O    doub N N 241 
LYS C   OXT  sing N N 242 
LYS CB  CG   sing N N 243 
LYS CB  HB2  sing N N 244 
LYS CB  HB3  sing N N 245 
LYS CG  CD   sing N N 246 
LYS CG  HG2  sing N N 247 
LYS CG  HG3  sing N N 248 
LYS CD  CE   sing N N 249 
LYS CD  HD2  sing N N 250 
LYS CD  HD3  sing N N 251 
LYS CE  NZ   sing N N 252 
LYS CE  HE2  sing N N 253 
LYS CE  HE3  sing N N 254 
LYS NZ  HZ1  sing N N 255 
LYS NZ  HZ2  sing N N 256 
LYS NZ  HZ3  sing N N 257 
LYS OXT HXT  sing N N 258 
MET N   CA   sing N N 259 
MET N   H    sing N N 260 
MET N   H2   sing N N 261 
MET CA  C    sing N N 262 
MET CA  CB   sing N N 263 
MET CA  HA   sing N N 264 
MET C   O    doub N N 265 
MET C   OXT  sing N N 266 
MET CB  CG   sing N N 267 
MET CB  HB2  sing N N 268 
MET CB  HB3  sing N N 269 
MET CG  SD   sing N N 270 
MET CG  HG2  sing N N 271 
MET CG  HG3  sing N N 272 
MET SD  CE   sing N N 273 
MET CE  HE1  sing N N 274 
MET CE  HE2  sing N N 275 
MET CE  HE3  sing N N 276 
MET OXT HXT  sing N N 277 
PHE N   CA   sing N N 278 
PHE N   H    sing N N 279 
PHE N   H2   sing N N 280 
PHE CA  C    sing N N 281 
PHE CA  CB   sing N N 282 
PHE CA  HA   sing N N 283 
PHE C   O    doub N N 284 
PHE C   OXT  sing N N 285 
PHE CB  CG   sing N N 286 
PHE CB  HB2  sing N N 287 
PHE CB  HB3  sing N N 288 
PHE CG  CD1  doub Y N 289 
PHE CG  CD2  sing Y N 290 
PHE CD1 CE1  sing Y N 291 
PHE CD1 HD1  sing N N 292 
PHE CD2 CE2  doub Y N 293 
PHE CD2 HD2  sing N N 294 
PHE CE1 CZ   doub Y N 295 
PHE CE1 HE1  sing N N 296 
PHE CE2 CZ   sing Y N 297 
PHE CE2 HE2  sing N N 298 
PHE CZ  HZ   sing N N 299 
PHE OXT HXT  sing N N 300 
PRO N   CA   sing N N 301 
PRO N   CD   sing N N 302 
PRO N   H    sing N N 303 
PRO CA  C    sing N N 304 
PRO CA  CB   sing N N 305 
PRO CA  HA   sing N N 306 
PRO C   O    doub N N 307 
PRO C   OXT  sing N N 308 
PRO CB  CG   sing N N 309 
PRO CB  HB2  sing N N 310 
PRO CB  HB3  sing N N 311 
PRO CG  CD   sing N N 312 
PRO CG  HG2  sing N N 313 
PRO CG  HG3  sing N N 314 
PRO CD  HD2  sing N N 315 
PRO CD  HD3  sing N N 316 
PRO OXT HXT  sing N N 317 
SER N   CA   sing N N 318 
SER N   H    sing N N 319 
SER N   H2   sing N N 320 
SER CA  C    sing N N 321 
SER CA  CB   sing N N 322 
SER CA  HA   sing N N 323 
SER C   O    doub N N 324 
SER C   OXT  sing N N 325 
SER CB  OG   sing N N 326 
SER CB  HB2  sing N N 327 
SER CB  HB3  sing N N 328 
SER OG  HG   sing N N 329 
SER OXT HXT  sing N N 330 
SO4 S   O1   doub N N 331 
SO4 S   O2   doub N N 332 
SO4 S   O3   sing N N 333 
SO4 S   O4   sing N N 334 
THR N   CA   sing N N 335 
THR N   H    sing N N 336 
THR N   H2   sing N N 337 
THR CA  C    sing N N 338 
THR CA  CB   sing N N 339 
THR CA  HA   sing N N 340 
THR C   O    doub N N 341 
THR C   OXT  sing N N 342 
THR CB  OG1  sing N N 343 
THR CB  CG2  sing N N 344 
THR CB  HB   sing N N 345 
THR OG1 HG1  sing N N 346 
THR CG2 HG21 sing N N 347 
THR CG2 HG22 sing N N 348 
THR CG2 HG23 sing N N 349 
THR OXT HXT  sing N N 350 
TYR N   CA   sing N N 351 
TYR N   H    sing N N 352 
TYR N   H2   sing N N 353 
TYR CA  C    sing N N 354 
TYR CA  CB   sing N N 355 
TYR CA  HA   sing N N 356 
TYR C   O    doub N N 357 
TYR C   OXT  sing N N 358 
TYR CB  CG   sing N N 359 
TYR CB  HB2  sing N N 360 
TYR CB  HB3  sing N N 361 
TYR CG  CD1  doub Y N 362 
TYR CG  CD2  sing Y N 363 
TYR CD1 CE1  sing Y N 364 
TYR CD1 HD1  sing N N 365 
TYR CD2 CE2  doub Y N 366 
TYR CD2 HD2  sing N N 367 
TYR CE1 CZ   doub Y N 368 
TYR CE1 HE1  sing N N 369 
TYR CE2 CZ   sing Y N 370 
TYR CE2 HE2  sing N N 371 
TYR CZ  OH   sing N N 372 
TYR OH  HH   sing N N 373 
TYR OXT HXT  sing N N 374 
VAL N   CA   sing N N 375 
VAL N   H    sing N N 376 
VAL N   H2   sing N N 377 
VAL CA  C    sing N N 378 
VAL CA  CB   sing N N 379 
VAL CA  HA   sing N N 380 
VAL C   O    doub N N 381 
VAL C   OXT  sing N N 382 
VAL CB  CG1  sing N N 383 
VAL CB  CG2  sing N N 384 
VAL CB  HB   sing N N 385 
VAL CG1 HG11 sing N N 386 
VAL CG1 HG12 sing N N 387 
VAL CG1 HG13 sing N N 388 
VAL CG2 HG21 sing N N 389 
VAL CG2 HG22 sing N N 390 
VAL CG2 HG23 sing N N 391 
VAL OXT HXT  sing N N 392 
# 
loop_
_pdbx_audit_support.funding_organization 
_pdbx_audit_support.country 
_pdbx_audit_support.grant_number 
_pdbx_audit_support.ordinal 
'Cancer Research UK' 'United Kingdom' C57659/A27310 1 
'Cancer Research UK' 'United Kingdom' C1362/A20263  2 
'Cancer Research UK' 'United Kingdom' C2215/A21421  3 
# 
_pdbx_initial_refinement_model.id               1 
_pdbx_initial_refinement_model.entity_id_list   ? 
_pdbx_initial_refinement_model.type             'experimental model' 
_pdbx_initial_refinement_model.source_name      PDB 
_pdbx_initial_refinement_model.accession_code   3DAI 
_pdbx_initial_refinement_model.details          ? 
# 
_atom_sites.entry_id                    7R0Y 
_atom_sites.Cartn_transf_matrix[1][1]   ? 
_atom_sites.Cartn_transf_matrix[1][2]   ? 
_atom_sites.Cartn_transf_matrix[1][3]   ? 
_atom_sites.Cartn_transf_matrix[2][1]   ? 
_atom_sites.Cartn_transf_matrix[2][2]   ? 
_atom_sites.Cartn_transf_matrix[2][3]   ? 
_atom_sites.Cartn_transf_matrix[3][1]   ? 
_atom_sites.Cartn_transf_matrix[3][2]   ? 
_atom_sites.Cartn_transf_matrix[3][3]   ? 
_atom_sites.Cartn_transf_vector[1]      ? 
_atom_sites.Cartn_transf_vector[2]      ? 
_atom_sites.Cartn_transf_vector[3]      ? 
_atom_sites.fract_transf_matrix[1][1]   0.00596008 
_atom_sites.fract_transf_matrix[1][2]   -0.00357395 
_atom_sites.fract_transf_matrix[1][3]   -0.01279822 
_atom_sites.fract_transf_matrix[2][1]   -0.00841826 
_atom_sites.fract_transf_matrix[2][2]   -0.00149546 
_atom_sites.fract_transf_matrix[2][3]   -0.01178887 
_atom_sites.fract_transf_matrix[3][1]   0.00090713 
_atom_sites.fract_transf_matrix[3][2]   0.00702242 
_atom_sites.fract_transf_matrix[3][3]   -0.00153859 
_atom_sites.fract_transf_vector[1]      0.144665 
_atom_sites.fract_transf_vector[2]      0.599971 
_atom_sites.fract_transf_vector[3]      0.025718 
_atom_sites.solution_primary            ? 
_atom_sites.solution_secondary          ? 
_atom_sites.solution_hydrogens          ? 
_atom_sites.special_details             ? 
# 
loop_
_atom_type.symbol 
_atom_type.pdbx_scat_Z 
_atom_type.pdbx_N_electrons 
_atom_type.scat_Cromer_Mann_a1 
_atom_type.scat_Cromer_Mann_b1 
_atom_type.scat_Cromer_Mann_a2 
_atom_type.scat_Cromer_Mann_b2 
_atom_type.scat_Cromer_Mann_a3 
_atom_type.scat_Cromer_Mann_b3 
_atom_type.scat_Cromer_Mann_a4 
_atom_type.scat_Cromer_Mann_b4 
_atom_type.scat_Cromer_Mann_c 
C  6  6  2.310  20.844 1.020 10.208 1.589 0.569  0.865 51.651 0.216   
CL 17 17 11.460 0.010  7.196 1.166  6.255 18.519 1.645 47.778 -9.345  
N  7  7  12.222 0.006  3.135 9.893  2.014 28.997 1.167 0.583  -11.538 
O  8  8  3.049  13.277 2.287 5.701  1.546 0.324  0.867 32.909 0.251   
S  16 16 6.905  1.468  5.203 22.215 1.438 0.254  1.586 56.172 1.049   
# 
loop_
_atom_site.group_PDB 
_atom_site.id 
_atom_site.type_symbol 
_atom_site.label_atom_id 
_atom_site.label_alt_id 
_atom_site.label_comp_id 
_atom_site.label_asym_id 
_atom_site.label_entity_id 
_atom_site.label_seq_id 
_atom_site.pdbx_PDB_ins_code 
_atom_site.Cartn_x 
_atom_site.Cartn_y 
_atom_site.Cartn_z 
_atom_site.occupancy 
_atom_site.B_iso_or_equiv 
_atom_site.pdbx_formal_charge 
_atom_site.auth_seq_id 
_atom_site.auth_comp_id 
_atom_site.auth_asym_id 
_atom_site.auth_atom_id 
_atom_site.pdbx_PDB_model_num 
_atom_site.calc_flag 
ATOM   1    N  N   . SER A 1 1   ? 16.835  -12.694 -15.868 1.000 41.508  ? 979  SER AAA N   1 ? 
ATOM   2    C  CA  . SER A 1 1   ? 16.796  -14.160 -16.028 1.000 40.422  ? 979  SER AAA CA  1 ? 
ATOM   3    C  C   . SER A 1 1   ? 15.456  -14.702 -15.546 1.000 48.071  ? 979  SER AAA C   1 ? 
ATOM   4    O  O   . SER A 1 1   ? 14.694  -14.006 -14.872 1.000 39.649  ? 979  SER AAA O   1 ? 
ATOM   5    C  CB  . SER A 1 1   ? 17.883  -14.773 -15.194 1.000 45.802  ? 979  SER AAA CB  1 ? 
ATOM   6    O  OG  . SER A 1 1   ? 17.623  -14.487 -13.814 1.000 40.351  ? 979  SER AAA OG  1 ? 
ATOM   7    N  N   . MET A 1 2   ? 15.206  -15.973 -15.835 1.000 42.418  ? 980  MET AAA N   1 ? 
ATOM   8    C  CA  . MET A 1 2   ? 14.008  -16.628 -15.324 1.000 46.721  ? 980  MET AAA CA  1 ? 
ATOM   9    C  C   . MET A 1 2   ? 14.022  -16.677 -13.793 1.000 37.242  ? 980  MET AAA C   1 ? 
ATOM   10   O  O   . MET A 1 2   ? 12.971  -16.553 -13.182 1.000 37.461  ? 980  MET AAA O   1 ? 
ATOM   11   C  CB  . MET A 1 2   ? 13.804  -18.036 -15.922 1.000 59.035  ? 980  MET AAA CB  1 ? 
ATOM   12   C  CG  . MET A 1 2   ? 14.531  -19.190 -15.218 1.000 79.426  ? 980  MET AAA CG  1 ? 
ATOM   13   S  SD  . MET A 1 2   ? 13.512  -20.214 -14.084 1.000 112.387 ? 980  MET AAA SD  1 ? 
ATOM   14   C  CE  . MET A 1 2   ? 14.760  -21.262 -13.331 1.000 104.246 ? 980  MET AAA CE  1 ? 
ATOM   15   N  N   A GLN A 1 3   ? 15.189  -16.828 -13.131 0.500 33.114  ? 981  GLN AAA N   1 ? 
ATOM   16   N  N   B GLN A 1 3   ? 15.177  -16.926 -13.217 0.500 37.713  ? 981  GLN AAA N   1 ? 
ATOM   17   C  CA  A GLN A 1 3   ? 15.257  -16.904 -11.669 0.500 31.287  ? 981  GLN AAA CA  1 ? 
ATOM   18   C  CA  B GLN A 1 3   ? 15.200  -16.939 -11.786 0.500 37.884  ? 981  GLN AAA CA  1 ? 
ATOM   19   C  C   A GLN A 1 3   ? 14.933  -15.537 -11.038 0.500 30.417  ? 981  GLN AAA C   1 ? 
ATOM   20   C  C   B GLN A 1 3   ? 14.687  -15.589 -11.265 0.500 32.000  ? 981  GLN AAA C   1 ? 
ATOM   21   O  O   A GLN A 1 3   ? 14.469  -15.440 -9.882  0.500 26.786  ? 981  GLN AAA O   1 ? 
ATOM   22   O  O   B GLN A 1 3   ? 13.843  -15.583 -10.375 0.500 28.670  ? 981  GLN AAA O   1 ? 
ATOM   23   C  CB  A GLN A 1 3   ? 16.639  -17.374 -11.196 0.500 33.294  ? 981  GLN AAA CB  1 ? 
ATOM   24   C  CB  B GLN A 1 3   ? 16.635  -17.179 -11.402 0.500 47.746  ? 981  GLN AAA CB  1 ? 
ATOM   25   C  CG  A GLN A 1 3   ? 17.037  -18.736 -11.753 0.500 30.867  ? 981  GLN AAA CG  1 ? 
ATOM   26   C  CG  B GLN A 1 3   ? 17.008  -16.258 -10.295 0.500 55.228  ? 981  GLN AAA CG  1 ? 
ATOM   27   C  CD  A GLN A 1 3   ? 17.990  -18.689 -12.931 0.500 33.575  ? 981  GLN AAA CD  1 ? 
ATOM   28   C  CD  B GLN A 1 3   ? 18.213  -17.003 -9.843  0.500 68.737  ? 981  GLN AAA CD  1 ? 
ATOM   29   O  OE1 A GLN A 1 3   ? 19.071  -19.269 -12.875 0.500 42.910  ? 981  GLN AAA OE1 1 ? 
ATOM   30   O  OE1 B GLN A 1 3   ? 18.276  -18.228 -9.987  0.500 76.639  ? 981  GLN AAA OE1 1 ? 
ATOM   31   N  NE2 A GLN A 1 3   ? 17.587  -18.077 -14.029 0.500 32.211  ? 981  GLN AAA NE2 1 ? 
ATOM   32   N  NE2 B GLN A 1 3   ? 19.204  -16.234 -9.431  0.500 77.260  ? 981  GLN AAA NE2 1 ? 
ATOM   33   N  N   . GLU A 1 4   ? 15.218  -14.464 -11.769 1.000 28.861  ? 982  GLU AAA N   1 ? 
ATOM   34   C  CA  . GLU A 1 4   ? 14.859  -13.119 -11.294 1.000 26.598  ? 982  GLU AAA CA  1 ? 
ATOM   35   C  C   . GLU A 1 4   ? 13.371  -12.967 -11.510 1.000 26.548  ? 982  GLU AAA C   1 ? 
ATOM   36   O  O   . GLU A 1 4   ? 12.716  -12.351 -10.641 1.000 22.070  ? 982  GLU AAA O   1 ? 
ATOM   37   C  CB  . GLU A 1 4   ? 15.614  -12.015 -12.044 1.000 29.343  ? 982  GLU AAA CB  1 ? 
ATOM   38   C  CG  . GLU A 1 4   ? 17.054  -12.059 -11.591 1.000 30.342  ? 982  GLU AAA CG  1 ? 
ATOM   39   C  CD  . GLU A 1 4   ? 17.955  -11.148 -12.412 1.000 40.722  ? 982  GLU AAA CD  1 ? 
ATOM   40   O  OE1 . GLU A 1 4   ? 17.521  -10.727 -13.520 1.000 40.597  ? 982  GLU AAA OE1 1 ? 
ATOM   41   O  OE2 . GLU A 1 4   ? 19.053  -10.803 -11.912 1.000 33.418  ? 982  GLU AAA OE2 1 ? 
ATOM   42   N  N   . GLU A 1 5   ? 12.809  -13.422 -12.622 1.000 25.189  ? 983  GLU AAA N   1 ? 
ATOM   43   C  CA  . GLU A 1 5   ? 11.371  -13.307 -12.842 1.000 25.389  ? 983  GLU AAA CA  1 ? 
ATOM   44   C  C   . GLU A 1 5   ? 10.660  -14.110 -11.745 1.000 24.758  ? 983  GLU AAA C   1 ? 
ATOM   45   O  O   . GLU A 1 5   ? 9.594   -13.688 -11.314 1.000 23.836  ? 983  GLU AAA O   1 ? 
ATOM   46   C  CB  . GLU A 1 5   ? 10.948  -13.729 -14.264 1.000 34.308  ? 983  GLU AAA CB  1 ? 
ATOM   47   C  CG  . GLU A 1 5   ? 11.490  -12.710 -15.293 1.000 46.135  ? 983  GLU AAA CG  1 ? 
ATOM   48   C  CD  . GLU A 1 5   ? 11.250  -11.235 -14.900 1.000 66.173  ? 983  GLU AAA CD  1 ? 
ATOM   49   O  OE1 . GLU A 1 5   ? 12.241  -10.405 -14.827 1.000 63.801  ? 983  GLU AAA OE1 1 ? 
ATOM   50   O  OE2 . GLU A 1 5   ? 10.061  -10.886 -14.626 1.000 73.387  ? 983  GLU AAA OE2 1 ? 
ATOM   51   N  N   . ASP A 1 6   ? 11.162  -15.271 -11.384 1.000 22.430  ? 984  ASP AAA N   1 ? 
ATOM   52   C  CA  . ASP A 1 6   ? 10.535  -16.064 -10.337 1.000 23.837  ? 984  ASP AAA CA  1 ? 
ATOM   53   C  C   . ASP A 1 6   ? 10.599  -15.251 -9.020  1.000 22.396  ? 984  ASP AAA C   1 ? 
ATOM   54   O  O   . ASP A 1 6   ? 9.677   -15.412 -8.190  1.000 21.246  ? 984  ASP AAA O   1 ? 
ATOM   55   C  CB  . ASP A 1 6   ? 11.288  -17.375 -10.054 1.000 29.333  ? 984  ASP AAA CB  1 ? 
ATOM   56   C  CG  . ASP A 1 6   ? 11.159  -18.464 -11.138 1.000 39.140  ? 984  ASP AAA CG  1 ? 
ATOM   57   O  OD1 . ASP A 1 6   ? 10.247  -18.373 -11.926 1.000 37.693  ? 984  ASP AAA OD1 1 ? 
ATOM   58   O  OD2 . ASP A 1 6   ? 12.068  -19.360 -11.208 1.000 49.543  ? 984  ASP AAA OD2 1 ? 
ATOM   59   N  N   . THR A 1 7   ? 11.682  -14.536 -8.709  1.000 19.469  ? 985  THR AAA N   1 ? 
ATOM   60   C  CA  . THR A 1 7   ? 11.793  -13.737 -7.477  1.000 18.303  ? 985  THR AAA CA  1 ? 
ATOM   61   C  C   . THR A 1 7   ? 10.689  -12.676 -7.513  1.000 19.211  ? 985  THR AAA C   1 ? 
ATOM   62   O  O   . THR A 1 7   ? 9.940   -12.545 -6.483  1.000 17.415  ? 985  THR AAA O   1 ? 
ATOM   63   C  CB  . THR A 1 7   ? 13.144  -13.044 -7.387  1.000 19.285  ? 985  THR AAA CB  1 ? 
ATOM   64   O  OG1 . THR A 1 7   ? 14.143  -14.093 -7.324  1.000 23.489  ? 985  THR AAA OG1 1 ? 
ATOM   65   C  CG2 . THR A 1 7   ? 13.309  -12.198 -6.150  1.000 21.177  ? 985  THR AAA CG2 1 ? 
ATOM   66   N  N   . PHE A 1 8   ? 10.471  -11.979 -8.624  1.000 18.986  ? 986  PHE AAA N   1 ? 
ATOM   67   C  CA  . PHE A 1 8   ? 9.460   -10.917 -8.632  1.000 17.908  ? 986  PHE AAA CA  1 ? 
ATOM   68   C  C   . PHE A 1 8   ? 8.090   -11.569 -8.541  1.000 17.569  ? 986  PHE AAA C   1 ? 
ATOM   69   O  O   . PHE A 1 8   ? 7.169   -10.940 -7.973  1.000 18.591  ? 986  PHE AAA O   1 ? 
ATOM   70   C  CB  . PHE A 1 8   ? 9.630   -9.985  -9.843  1.000 19.743  ? 986  PHE AAA CB  1 ? 
ATOM   71   C  CG  . PHE A 1 8   ? 10.849  -9.117  -9.717  1.000 22.715  ? 986  PHE AAA CG  1 ? 
ATOM   72   C  CD1 . PHE A 1 8   ? 11.201  -8.405  -8.564  1.000 24.211  ? 986  PHE AAA CD1 1 ? 
ATOM   73   C  CD2 . PHE A 1 8   ? 11.705  -9.015  -10.814 1.000 25.869  ? 986  PHE AAA CD2 1 ? 
ATOM   74   C  CE1 . PHE A 1 8   ? 12.328  -7.576  -8.473  1.000 24.166  ? 986  PHE AAA CE1 1 ? 
ATOM   75   C  CE2 . PHE A 1 8   ? 12.751  -8.113  -10.759 1.000 24.555  ? 986  PHE AAA CE2 1 ? 
ATOM   76   C  CZ  . PHE A 1 8   ? 13.119  -7.429  -9.617  1.000 27.011  ? 986  PHE AAA CZ  1 ? 
ATOM   77   N  N   A ARG A 1 9   ? 7.871   -12.721 -9.136  0.500 16.427  ? 987  ARG AAA N   1 ? 
ATOM   78   N  N   B ARG A 1 9   ? 7.855   -12.761 -9.056  0.500 17.846  ? 987  ARG AAA N   1 ? 
ATOM   79   C  CA  A ARG A 1 9   ? 6.560   -13.340 -9.014  0.500 15.203  ? 987  ARG AAA CA  1 ? 
ATOM   80   C  CA  B ARG A 1 9   ? 6.519   -13.359 -8.977  0.500 17.869  ? 987  ARG AAA CA  1 ? 
ATOM   81   C  C   A ARG A 1 9   ? 6.315   -13.588 -7.515  0.500 15.449  ? 987  ARG AAA C   1 ? 
ATOM   82   C  C   B ARG A 1 9   ? 6.213   -13.784 -7.523  0.500 17.471  ? 987  ARG AAA C   1 ? 
ATOM   83   O  O   A ARG A 1 9   ? 5.254   -13.207 -7.061  0.500 13.945  ? 987  ARG AAA O   1 ? 
ATOM   84   O  O   B ARG A 1 9   ? 5.034   -13.756 -7.084  0.500 15.745  ? 987  ARG AAA O   1 ? 
ATOM   85   C  CB  A ARG A 1 9   ? 6.455   -14.616 -9.849  0.500 18.331  ? 987  ARG AAA CB  1 ? 
ATOM   86   C  CB  B ARG A 1 9   ? 6.474   -14.575 -9.898  0.500 23.367  ? 987  ARG AAA CB  1 ? 
ATOM   87   C  CG  A ARG A 1 9   ? 5.095   -15.289 -9.785  0.500 17.509  ? 987  ARG AAA CG  1 ? 
ATOM   88   C  CG  B ARG A 1 9   ? 5.076   -15.070 -10.209 0.500 27.243  ? 987  ARG AAA CG  1 ? 
ATOM   89   C  CD  A ARG A 1 9   ? 4.707   -16.042 -11.087 0.500 18.940  ? 987  ARG AAA CD  1 ? 
ATOM   90   C  CD  B ARG A 1 9   ? 5.165   -16.313 -11.134 0.500 29.250  ? 987  ARG AAA CD  1 ? 
ATOM   91   N  NE  A ARG A 1 9   ? 3.393   -16.617 -10.946 0.500 21.751  ? 987  ARG AAA NE  1 ? 
ATOM   92   N  NE  B ARG A 1 9   ? 5.705   -15.897 -12.431 0.500 35.810  ? 987  ARG AAA NE  1 ? 
ATOM   93   C  CZ  A ARG A 1 9   ? 3.131   -17.820 -10.386 0.500 17.841  ? 987  ARG AAA CZ  1 ? 
ATOM   94   C  CZ  B ARG A 1 9   ? 6.893   -16.253 -12.950 0.500 37.149  ? 987  ARG AAA CZ  1 ? 
ATOM   95   N  NH1 A ARG A 1 9   ? 4.040   -18.590 -9.788  0.500 21.436  ? 987  ARG AAA NH1 1 ? 
ATOM   96   N  NH1 B ARG A 1 9   ? 7.704   -17.106 -12.340 0.500 34.485  ? 987  ARG AAA NH1 1 ? 
ATOM   97   N  NH2 A ARG A 1 9   ? 1.866   -18.184 -10.340 0.500 25.435  ? 987  ARG AAA NH2 1 ? 
ATOM   98   N  NH2 B ARG A 1 9   ? 7.255   -15.746 -14.114 0.500 36.158  ? 987  ARG AAA NH2 1 ? 
ATOM   99   N  N   . GLU A 1 10  ? 7.269   -14.199 -6.810  1.000 16.503  ? 988  GLU AAA N   1 ? 
ATOM   100  C  CA  . GLU A 1 10  ? 7.066   -14.490 -5.368  1.000 15.461  ? 988  GLU AAA CA  1 ? 
ATOM   101  C  C   . GLU A 1 10  ? 6.758   -13.160 -4.648  1.000 15.914  ? 988  GLU AAA C   1 ? 
ATOM   102  O  O   . GLU A 1 10  ? 5.838   -13.151 -3.780  1.000 15.385  ? 988  GLU AAA O   1 ? 
ATOM   103  C  CB  . GLU A 1 10  ? 8.278   -15.196 -4.784  1.000 16.164  ? 988  GLU AAA CB  1 ? 
ATOM   104  C  CG  . GLU A 1 10  ? 8.111   -15.362 -3.288  1.000 16.966  ? 988  GLU AAA CG  1 ? 
ATOM   105  C  CD  . GLU A 1 10  ? 9.008   -16.399 -2.667  1.000 21.034  ? 988  GLU AAA CD  1 ? 
ATOM   106  O  OE1 . GLU A 1 10  ? 8.962   -16.555 -1.410  1.000 21.339  ? 988  GLU AAA OE1 1 ? 
ATOM   107  O  OE2 . GLU A 1 10  ? 9.817   -17.049 -3.401  1.000 23.307  ? 988  GLU AAA OE2 1 ? 
ATOM   108  N  N   . LEU A 1 11  ? 7.422   -12.078 -4.978  1.000 14.896  ? 989  LEU AAA N   1 ? 
ATOM   109  C  CA  . LEU A 1 11  ? 7.129   -10.782 -4.374  1.000 13.857  ? 989  LEU AAA CA  1 ? 
ATOM   110  C  C   . LEU A 1 11  ? 5.680   -10.448 -4.630  1.000 15.571  ? 989  LEU AAA C   1 ? 
ATOM   111  O  O   . LEU A 1 11  ? 4.955   -10.033 -3.676  1.000 15.463  ? 989  LEU AAA O   1 ? 
ATOM   112  C  CB  . LEU A 1 11  ? 8.061   -9.697  -4.974  1.000 15.336  ? 989  LEU AAA CB  1 ? 
ATOM   113  C  CG  . LEU A 1 11  ? 7.699   -8.284  -4.454  1.000 17.883  ? 989  LEU AAA CG  1 ? 
ATOM   114  C  CD1 . LEU A 1 11  ? 7.918   -8.148  -2.962  1.000 19.723  ? 989  LEU AAA CD1 1 ? 
ATOM   115  C  CD2 . LEU A 1 11  ? 8.526   -7.291  -5.277  1.000 21.545  ? 989  LEU AAA CD2 1 ? 
ATOM   116  N  N   . ARG A 1 12  ? 5.189   -10.560 -5.869  1.000 15.360  ? 990  ARG AAA N   1 ? 
ATOM   117  C  CA  . ARG A 1 12  ? 3.791   -10.176 -6.113  1.000 15.249  ? 990  ARG AAA CA  1 ? 
ATOM   118  C  C   . ARG A 1 12  ? 2.837   -11.066 -5.356  1.000 15.457  ? 990  ARG AAA C   1 ? 
ATOM   119  O  O   . ARG A 1 12  ? 1.806   -10.534 -4.841  1.000 15.360  ? 990  ARG AAA O   1 ? 
ATOM   120  C  CB  . ARG A 1 12  ? 3.465   -10.369 -7.614  1.000 15.765  ? 990  ARG AAA CB  1 ? 
ATOM   121  C  CG  . ARG A 1 12  ? 4.236   -9.316  -8.406  1.000 16.342  ? 990  ARG AAA CG  1 ? 
ATOM   122  C  CD  . ARG A 1 12  ? 3.761   -9.240  -9.870  1.000 17.875  ? 990  ARG AAA CD  1 ? 
ATOM   123  N  NE  . ARG A 1 12  ? 3.919   -10.519 -10.622 1.000 18.909  ? 990  ARG AAA NE  1 ? 
ATOM   124  C  CZ  . ARG A 1 12  ? 5.009   -10.799 -11.340 1.000 19.726  ? 990  ARG AAA CZ  1 ? 
ATOM   125  N  NH1 . ARG A 1 12  ? 6.085   -10.026 -11.304 1.000 20.238  ? 990  ARG AAA NH1 1 ? 
ATOM   126  N  NH2 . ARG A 1 12  ? 4.975   -11.967 -11.976 1.000 21.162  ? 990  ARG AAA NH2 1 ? 
ATOM   127  N  N   . ILE A 1 13  ? 3.090   -12.376 -5.231  1.000 14.164  ? 991  ILE AAA N   1 ? 
ATOM   128  C  CA  . ILE A 1 13  ? 2.175   -13.246 -4.465  1.000 14.316  ? 991  ILE AAA CA  1 ? 
ATOM   129  C  C   . ILE A 1 13  ? 2.206   -12.760 -2.988  1.000 14.759  ? 991  ILE AAA C   1 ? 
ATOM   130  O  O   . ILE A 1 13  ? 1.103   -12.648 -2.383  1.000 14.787  ? 991  ILE AAA O   1 ? 
ATOM   131  C  CB  . ILE A 1 13  ? 2.661   -14.707 -4.606  1.000 16.198  ? 991  ILE AAA CB  1 ? 
ATOM   132  C  CG1 . ILE A 1 13  ? 2.423   -15.095 -6.078  1.000 19.278  ? 991  ILE AAA CG1 1 ? 
ATOM   133  C  CG2 . ILE A 1 13  ? 1.885   -15.568 -3.581  1.000 17.594  ? 991  ILE AAA CG2 1 ? 
ATOM   134  C  CD1 . ILE A 1 13  ? 3.226   -16.372 -6.455  1.000 21.186  ? 991  ILE AAA CD1 1 ? 
ATOM   135  N  N   . PHE A 1 14  ? 3.356   -12.452 -2.425  1.000 13.978  ? 992  PHE AAA N   1 ? 
ATOM   136  C  CA  . PHE A 1 14  ? 3.427   -11.977 -1.042  1.000 14.564  ? 992  PHE AAA CA  1 ? 
ATOM   137  C  C   . PHE A 1 14  ? 2.637   -10.683 -0.924  1.000 14.786  ? 992  PHE AAA C   1 ? 
ATOM   138  O  O   . PHE A 1 14  ? 1.843   -10.552 0.055   1.000 14.302  ? 992  PHE AAA O   1 ? 
ATOM   139  C  CB  . PHE A 1 14  ? 4.896   -11.780 -0.657  1.000 15.483  ? 992  PHE AAA CB  1 ? 
ATOM   140  C  CG  . PHE A 1 14  ? 5.109   -11.146 0.685   1.000 16.488  ? 992  PHE AAA CG  1 ? 
ATOM   141  C  CD1 . PHE A 1 14  ? 4.857   -11.911 1.824   1.000 19.621  ? 992  PHE AAA CD1 1 ? 
ATOM   142  C  CD2 . PHE A 1 14  ? 5.504   -9.836  0.751   1.000 19.069  ? 992  PHE AAA CD2 1 ? 
ATOM   143  C  CE1 . PHE A 1 14  ? 4.999   -11.278 3.097   1.000 19.456  ? 992  PHE AAA CE1 1 ? 
ATOM   144  C  CE2 . PHE A 1 14  ? 5.699   -9.242  2.011   1.000 20.043  ? 992  PHE AAA CE2 1 ? 
ATOM   145  C  CZ  . PHE A 1 14  ? 5.476   -10.009 3.117   1.000 18.500  ? 992  PHE AAA CZ  1 ? 
ATOM   146  N  N   . LEU A 1 15  ? 2.846   -9.719  -1.834  1.000 14.019  ? 993  LEU AAA N   1 ? 
ATOM   147  C  CA  . LEU A 1 15  ? 2.169   -8.417  -1.686  1.000 13.696  ? 993  LEU AAA CA  1 ? 
ATOM   148  C  C   . LEU A 1 15  ? 0.686   -8.582  -1.886  1.000 13.428  ? 993  LEU AAA C   1 ? 
ATOM   149  O  O   . LEU A 1 15  ? -0.087  -7.845  -1.195  1.000 14.729  ? 993  LEU AAA O   1 ? 
ATOM   150  C  CB  . LEU A 1 15  ? 2.723   -7.406  -2.686  1.000 14.875  ? 993  LEU AAA CB  1 ? 
ATOM   151  C  CG  . LEU A 1 15  ? 4.187   -7.048  -2.464  1.000 16.141  ? 993  LEU AAA CG  1 ? 
ATOM   152  C  CD1 . LEU A 1 15  ? 4.632   -6.055  -3.587  1.000 17.257  ? 993  LEU AAA CD1 1 ? 
ATOM   153  C  CD2 . LEU A 1 15  ? 4.422   -6.479  -1.050  1.000 18.155  ? 993  LEU AAA CD2 1 ? 
ATOM   154  N  N   . ARG A 1 16  ? 0.166   -9.451  -2.754  1.000 14.221  ? 994  ARG AAA N   1 ? 
ATOM   155  C  CA  . ARG A 1 16  ? -1.259  -9.592  -2.935  1.000 14.661  ? 994  ARG AAA CA  1 ? 
ATOM   156  C  C   . ARG A 1 16  ? -1.814  -10.179 -1.634  1.000 15.703  ? 994  ARG AAA C   1 ? 
ATOM   157  O  O   . ARG A 1 16  ? -2.954  -9.793  -1.223  1.000 16.973  ? 994  ARG AAA O   1 ? 
ATOM   158  C  CB  . ARG A 1 16  ? -1.634  -10.568 -4.063  1.000 18.331  ? 994  ARG AAA CB  1 ? 
ATOM   159  C  CG  . ARG A 1 16  ? -1.410  -10.005 -5.443  1.000 21.799  ? 994  ARG AAA CG  1 ? 
ATOM   160  C  CD  . ARG A 1 16  ? -2.179  -11.009 -6.379  1.000 19.549  ? 994  ARG AAA CD  1 ? 
ATOM   161  N  NE  . ARG A 1 16  ? -1.554  -10.687 -7.624  1.000 21.003  ? 994  ARG AAA NE  1 ? 
ATOM   162  C  CZ  . ARG A 1 16  ? -0.493  -11.204 -8.145  1.000 19.122  ? 994  ARG AAA CZ  1 ? 
ATOM   163  N  NH1 . ARG A 1 16  ? 0.077   -12.316 -7.678  1.000 18.230  ? 994  ARG AAA NH1 1 ? 
ATOM   164  N  NH2 . ARG A 1 16  ? 0.001   -10.637 -9.247  1.000 24.787  ? 994  ARG AAA NH2 1 ? 
ATOM   165  N  N   . ASN A 1 17  ? -1.119  -11.085 -0.956  1.000 14.483  ? 995  ASN AAA N   1 ? 
ATOM   166  C  CA  . ASN A 1 17  ? -1.666  -11.695 0.278   1.000 14.404  ? 995  ASN AAA CA  1 ? 
ATOM   167  C  C   . ASN A 1 17  ? -1.673  -10.623 1.377   1.000 15.269  ? 995  ASN AAA C   1 ? 
ATOM   168  O  O   . ASN A 1 17  ? -2.732  -10.545 2.059   1.000 16.013  ? 995  ASN AAA O   1 ? 
ATOM   169  C  CB  . ASN A 1 17  ? -0.771  -12.876 0.683   1.000 16.125  ? 995  ASN AAA CB  1 ? 
ATOM   170  C  CG  . ASN A 1 17  ? -1.261  -13.431 1.999   1.000 19.027  ? 995  ASN AAA CG  1 ? 
ATOM   171  O  OD1 . ASN A 1 17  ? -0.667  -13.084 2.935   1.000 20.641  ? 995  ASN AAA OD1 1 ? 
ATOM   172  N  ND2 . ASN A 1 17  ? -2.341  -14.203 2.027   1.000 23.056  ? 995  ASN AAA ND2 1 ? 
ATOM   173  N  N   . VAL A 1 18  ? -0.650  -9.818  1.559   1.000 14.964  ? 996  VAL AAA N   1 ? 
ATOM   174  C  CA  . VAL A 1 18  ? -0.683  -8.758  2.587   1.000 15.207  ? 996  VAL AAA CA  1 ? 
ATOM   175  C  C   . VAL A 1 18  ? -1.862  -7.841  2.263   1.000 14.897  ? 996  VAL AAA C   1 ? 
ATOM   176  O  O   . VAL A 1 18  ? -2.667  -7.488  3.160   1.000 15.729  ? 996  VAL AAA O   1 ? 
ATOM   177  C  CB  . VAL A 1 18  ? 0.628   -7.975  2.618   1.000 15.210  ? 996  VAL AAA CB  1 ? 
ATOM   178  C  CG1 . VAL A 1 18  ? 0.553   -6.752  3.599   1.000 16.736  ? 996  VAL AAA CG1 1 ? 
ATOM   179  C  CG2 . VAL A 1 18  ? 1.760   -8.943  3.009   1.000 16.945  ? 996  VAL AAA CG2 1 ? 
ATOM   180  N  N   . THR A 1 19  ? -2.025  -7.436  1.000   1.000 15.343  ? 997  THR AAA N   1 ? 
ATOM   181  C  CA  . THR A 1 19  ? -3.051  -6.428  0.627   1.000 14.495  ? 997  THR AAA CA  1 ? 
ATOM   182  C  C   . THR A 1 19  ? -4.423  -7.017  0.872   1.000 16.381  ? 997  THR AAA C   1 ? 
ATOM   183  O  O   . THR A 1 19  ? -5.322  -6.285  1.357   1.000 16.644  ? 997  THR AAA O   1 ? 
ATOM   184  C  CB  . THR A 1 19  ? -2.856  -6.003  -0.825  1.000 15.286  ? 997  THR AAA CB  1 ? 
ATOM   185  O  OG1 . THR A 1 19  ? -1.532  -5.551  -0.989  1.000 15.763  ? 997  THR AAA OG1 1 ? 
ATOM   186  C  CG2 . THR A 1 19  ? -3.797  -4.843  -1.186  1.000 18.029  ? 997  THR AAA CG2 1 ? 
ATOM   187  N  N   . HIS A 1 20  ? -4.659  -8.287  0.518   1.000 15.306  ? 998  HIS AAA N   1 ? 
ATOM   188  C  CA  . HIS A 1 20  ? -5.953  -8.880  0.750   1.000 15.655  ? 998  HIS AAA CA  1 ? 
ATOM   189  C  C   . HIS A 1 20  ? -6.236  -8.901  2.251   1.000 16.670  ? 998  HIS AAA C   1 ? 
ATOM   190  O  O   . HIS A 1 20  ? -7.417  -8.669  2.645   1.000 17.879  ? 998  HIS AAA O   1 ? 
ATOM   191  C  CB  . HIS A 1 20  ? -5.854  -10.354 0.264   1.000 17.346  ? 998  HIS AAA CB  1 ? 
ATOM   192  C  CG  . HIS A 1 20  ? -7.114  -11.125 0.475   1.000 20.598  ? 998  HIS AAA CG  1 ? 
ATOM   193  N  ND1 . HIS A 1 20  ? -7.259  -12.152 1.411   1.000 28.491  ? 998  HIS AAA ND1 1 ? 
ATOM   194  C  CD2 . HIS A 1 20  ? -8.331  -10.902 -0.119  1.000 21.088  ? 998  HIS AAA CD2 1 ? 
ATOM   195  C  CE1 . HIS A 1 20  ? -8.511  -12.617 1.342   1.000 23.090  ? 998  HIS AAA CE1 1 ? 
ATOM   196  N  NE2 . HIS A 1 20  ? -9.179  -11.849 0.411   1.000 27.926  ? 998  HIS AAA NE2 1 ? 
ATOM   197  N  N   . ARG A 1 21  ? -5.282  -9.215  3.118   1.000 15.291  ? 999  ARG AAA N   1 ? 
ATOM   198  C  CA  . ARG A 1 21  ? -5.552  -9.270  4.553   1.000 15.736  ? 999  ARG AAA CA  1 ? 
ATOM   199  C  C   . ARG A 1 21  ? -5.952  -7.863  5.022   1.000 17.258  ? 999  ARG AAA C   1 ? 
ATOM   200  O  O   . ARG A 1 21  ? -6.773  -7.755  5.984   1.000 19.713  ? 999  ARG AAA O   1 ? 
ATOM   201  C  CB  . ARG A 1 21  ? -4.329  -9.808  5.261   1.000 16.937  ? 999  ARG AAA CB  1 ? 
ATOM   202  C  CG  . ARG A 1 21  ? -4.280  -11.316 4.973   1.000 18.797  ? 999  ARG AAA CG  1 ? 
ATOM   203  C  CD  . ARG A 1 21  ? -2.863  -11.934 5.106   1.000 19.741  ? 999  ARG AAA CD  1 ? 
ATOM   204  N  NE  . ARG A 1 21  ? -2.432  -11.834 6.442   1.000 21.172  ? 999  ARG AAA NE  1 ? 
ATOM   205  C  CZ  . ARG A 1 21  ? -1.146  -12.078 6.745   1.000 18.624  ? 999  ARG AAA CZ  1 ? 
ATOM   206  N  NH1 . ARG A 1 21  ? -0.243  -12.441 5.813   1.000 19.719  ? 999  ARG AAA NH1 1 ? 
ATOM   207  N  NH2 . ARG A 1 21  ? -0.772  -12.010 7.991   1.000 19.178  ? 999  ARG AAA NH2 1 ? 
ATOM   208  N  N   . LEU A 1 22  ? -5.368  -6.796  4.515   1.000 15.329  ? 1000 LEU AAA N   1 ? 
ATOM   209  C  CA  . LEU A 1 22  ? -5.765  -5.452  4.946   1.000 16.661  ? 1000 LEU AAA CA  1 ? 
ATOM   210  C  C   . LEU A 1 22  ? -7.156  -5.182  4.414   1.000 19.024  ? 1000 LEU AAA C   1 ? 
ATOM   211  O  O   . LEU A 1 22  ? -8.000  -4.609  5.149   1.000 19.628  ? 1000 LEU AAA O   1 ? 
ATOM   212  C  CB  . LEU A 1 22  ? -4.778  -4.422  4.358   1.000 16.628  ? 1000 LEU AAA CB  1 ? 
ATOM   213  C  CG  . LEU A 1 22  ? -3.336  -4.583  4.821   1.000 17.758  ? 1000 LEU AAA CG  1 ? 
ATOM   214  C  CD1 . LEU A 1 22  ? -2.414  -3.612  4.050   1.000 18.218  ? 1000 LEU AAA CD1 1 ? 
ATOM   215  C  CD2 . LEU A 1 22  ? -3.160  -4.301  6.308   1.000 19.035  ? 1000 LEU AAA CD2 1 ? 
ATOM   216  N  N   . ALA A 1 23  ? -7.454  -5.597  3.184   1.000 17.532  ? 1001 ALA AAA N   1 ? 
ATOM   217  C  CA  . ALA A 1 23  ? -8.733  -5.220  2.541   1.000 19.215  ? 1001 ALA AAA CA  1 ? 
ATOM   218  C  C   . ALA A 1 23  ? -9.934  -5.929  3.169   1.000 20.654  ? 1001 ALA AAA C   1 ? 
ATOM   219  O  O   . ALA A 1 23  ? -11.070 -5.361  3.008   1.000 24.108  ? 1001 ALA AAA O   1 ? 
ATOM   220  C  CB  . ALA A 1 23  ? -8.666  -5.524  1.049   1.000 21.155  ? 1001 ALA AAA CB  1 ? 
ATOM   221  N  N   . ILE A 1 24  ? -9.750  -7.075  3.795   1.000 19.637  ? 1002 ILE AAA N   1 ? 
ATOM   222  C  CA  . ILE A 1 24  ? -10.909 -7.782  4.353   1.000 20.619  ? 1002 ILE AAA CA  1 ? 
ATOM   223  C  C   . ILE A 1 24  ? -11.098 -7.319  5.795   1.000 24.601  ? 1002 ILE AAA C   1 ? 
ATOM   224  O  O   . ILE A 1 24  ? -12.059 -7.807  6.431   1.000 28.596  ? 1002 ILE AAA O   1 ? 
ATOM   225  C  CB  . ILE A 1 24  ? -10.738 -9.306  4.266   1.000 23.643  ? 1002 ILE AAA CB  1 ? 
ATOM   226  C  CG1 . ILE A 1 24  ? -9.562  -9.808  5.108   1.000 22.120  ? 1002 ILE AAA CG1 1 ? 
ATOM   227  C  CG2 . ILE A 1 24  ? -10.685 -9.711  2.800   1.000 24.883  ? 1002 ILE AAA CG2 1 ? 
ATOM   228  C  CD1 . ILE A 1 24  ? -9.318  -11.346 5.062   1.000 27.890  ? 1002 ILE AAA CD1 1 ? 
ATOM   229  N  N   . ASP A 1 25  ? -10.232 -6.466  6.362   1.000 21.744  ? 1003 ASP AAA N   1 ? 
ATOM   230  C  CA  . ASP A 1 25  ? -10.443 -5.962  7.726   1.000 23.127  ? 1003 ASP AAA CA  1 ? 
ATOM   231  C  C   . ASP A 1 25  ? -11.483 -4.831  7.678   1.000 26.824  ? 1003 ASP AAA C   1 ? 
ATOM   232  O  O   . ASP A 1 25  ? -11.332 -3.831  6.968   1.000 23.941  ? 1003 ASP AAA O   1 ? 
ATOM   233  C  CB  . ASP A 1 25  ? -9.091  -5.448  8.225   1.000 23.801  ? 1003 ASP AAA CB  1 ? 
ATOM   234  C  CG  . ASP A 1 25  ? -9.050  -5.151  9.723   1.000 26.092  ? 1003 ASP AAA CG  1 ? 
ATOM   235  O  OD1 . ASP A 1 25  ? -9.924  -4.346  10.151  1.000 27.382  ? 1003 ASP AAA OD1 1 ? 
ATOM   236  O  OD2 . ASP A 1 25  ? -8.083  -5.571  10.377  1.000 29.727  ? 1003 ASP AAA OD2 1 ? 
ATOM   237  N  N   . LYS A 1 26  ? -12.543 -4.978  8.509   1.000 27.175  ? 1004 LYS AAA N   1 ? 
ATOM   238  C  CA  . LYS A 1 26  ? -13.635 -3.998  8.452   1.000 30.427  ? 1004 LYS AAA CA  1 ? 
ATOM   239  C  C   . LYS A 1 26  ? -13.208 -2.572  8.828   1.000 24.944  ? 1004 LYS AAA C   1 ? 
ATOM   240  O  O   . LYS A 1 26  ? -13.751 -1.630  8.262   1.000 28.681  ? 1004 LYS AAA O   1 ? 
ATOM   241  C  CB  . LYS A 1 26  ? -14.758 -4.412  9.414   1.000 32.618  ? 1004 LYS AAA CB  1 ? 
ATOM   242  C  CG  . LYS A 1 26  ? -15.728 -5.361  8.723   1.000 52.565  ? 1004 LYS AAA CG  1 ? 
ATOM   243  C  CD  . LYS A 1 26  ? -16.892 -5.813  9.583   1.000 64.858  ? 1004 LYS AAA CD  1 ? 
ATOM   244  C  CE  . LYS A 1 26  ? -17.511 -7.109  9.102   1.000 74.198  ? 1004 LYS AAA CE  1 ? 
ATOM   245  N  NZ  . LYS A 1 26  ? -18.372 -7.708  10.155  1.000 82.437  ? 1004 LYS AAA NZ  1 ? 
ATOM   246  N  N   . ARG A 1 27  ? -12.148 -2.426  9.607   1.000 24.094  ? 1005 ARG AAA N   1 ? 
ATOM   247  C  CA  . ARG A 1 27  ? -11.685 -1.075  9.926   1.000 24.453  ? 1005 ARG AAA CA  1 ? 
ATOM   248  C  C   . ARG A 1 27  ? -11.230 -0.308  8.694   1.000 26.778  ? 1005 ARG AAA C   1 ? 
ATOM   249  O  O   . ARG A 1 27  ? -11.207 0.916   8.689   1.000 25.803  ? 1005 ARG AAA O   1 ? 
ATOM   250  C  CB  . ARG A 1 27  ? -10.473 -1.062  10.840  1.000 25.457  ? 1005 ARG AAA CB  1 ? 
ATOM   251  C  CG  . ARG A 1 27  ? -10.778 -1.563  12.242  1.000 27.805  ? 1005 ARG AAA CG  1 ? 
ATOM   252  C  CD  . ARG A 1 27  ? -9.427  -1.674  12.953  1.000 27.918  ? 1005 ARG AAA CD  1 ? 
ATOM   253  N  NE  . ARG A 1 27  ? -8.566  -2.777  12.475  1.000 27.219  ? 1005 ARG AAA NE  1 ? 
ATOM   254  C  CZ  . ARG A 1 27  ? -7.334  -3.009  12.883  1.000 28.123  ? 1005 ARG AAA CZ  1 ? 
ATOM   255  N  NH1 . ARG A 1 27  ? -6.737  -2.214  13.770  1.000 29.692  ? 1005 ARG AAA NH1 1 ? 
ATOM   256  N  NH2 . ARG A 1 27  ? -6.656  -4.040  12.370  1.000 31.451  ? 1005 ARG AAA NH2 1 ? 
ATOM   257  N  N   . PHE A 1 28  ? -10.769 -1.063  7.664   1.000 22.484  ? 1006 PHE AAA N   1 ? 
ATOM   258  C  CA  . PHE A 1 28  ? -10.080 -0.436  6.531   1.000 22.828  ? 1006 PHE AAA CA  1 ? 
ATOM   259  C  C   . PHE A 1 28  ? -10.963 -0.364  5.292   1.000 24.963  ? 1006 PHE AAA C   1 ? 
ATOM   260  O  O   . PHE A 1 28  ? -10.508 0.002   4.204   1.000 22.502  ? 1006 PHE AAA O   1 ? 
ATOM   261  C  CB  . PHE A 1 28  ? -8.797  -1.209  6.217   1.000 19.727  ? 1006 PHE AAA CB  1 ? 
ATOM   262  C  CG  . PHE A 1 28  ? -7.912  -1.354  7.423   1.000 19.022  ? 1006 PHE AAA CG  1 ? 
ATOM   263  C  CD1 . PHE A 1 28  ? -7.828  -0.347  8.421   1.000 20.301  ? 1006 PHE AAA CD1 1 ? 
ATOM   264  C  CD2 . PHE A 1 28  ? -7.117  -2.506  7.625   1.000 18.932  ? 1006 PHE AAA CD2 1 ? 
ATOM   265  C  CE1 . PHE A 1 28  ? -6.990  -0.482  9.518   1.000 21.132  ? 1006 PHE AAA CE1 1 ? 
ATOM   266  C  CE2 . PHE A 1 28  ? -6.326  -2.631  8.724   1.000 19.315  ? 1006 PHE AAA CE2 1 ? 
ATOM   267  C  CZ  . PHE A 1 28  ? -6.244  -1.633  9.708   1.000 20.414  ? 1006 PHE AAA CZ  1 ? 
ATOM   268  N  N   . ARG A 1 29  ? -12.266 -0.565  5.430   1.000 24.249  ? 1007 ARG AAA N   1 ? 
ATOM   269  C  CA  . ARG A 1 29  ? -13.158 -0.493  4.274   1.000 26.458  ? 1007 ARG AAA CA  1 ? 
ATOM   270  C  C   . ARG A 1 29  ? -13.050 0.820   3.502   1.000 25.513  ? 1007 ARG AAA C   1 ? 
ATOM   271  O  O   . ARG A 1 29  ? -13.127 0.783   2.285   1.000 28.492  ? 1007 ARG AAA O   1 ? 
ATOM   272  C  CB  . ARG A 1 29  ? -14.586 -0.748  4.752   1.000 33.104  ? 1007 ARG AAA CB  1 ? 
ATOM   273  C  CG  . ARG A 1 29  ? -15.542 -0.874  3.585   1.000 40.652  ? 1007 ARG AAA CG  1 ? 
ATOM   274  C  CD  . ARG A 1 29  ? -16.971 -0.935  4.113   1.000 52.797  ? 1007 ARG AAA CD  1 ? 
ATOM   275  N  NE  . ARG A 1 29  ? -17.878 -0.773  2.980   1.000 70.875  ? 1007 ARG AAA NE  1 ? 
ATOM   276  C  CZ  . ARG A 1 29  ? -18.369 -1.777  2.243   1.000 86.888  ? 1007 ARG AAA CZ  1 ? 
ATOM   277  N  NH1 . ARG A 1 29  ? -18.062 -3.035  2.531   1.000 80.231  ? 1007 ARG AAA NH1 1 ? 
ATOM   278  N  NH2 . ARG A 1 29  ? -19.175 -1.514  1.226   1.000 84.831  ? 1007 ARG AAA NH2 1 ? 
ATOM   279  N  N   . VAL A 1 30  ? -12.870 1.960   4.201   1.000 26.583  ? 1008 VAL AAA N   1 ? 
ATOM   280  C  CA  . VAL A 1 30  ? -12.830 3.250   3.536   1.000 31.973  ? 1008 VAL AAA CA  1 ? 
ATOM   281  C  C   . VAL A 1 30  ? -11.620 3.347   2.600   1.000 30.095  ? 1008 VAL AAA C   1 ? 
ATOM   282  O  O   . VAL A 1 30  ? -11.621 4.123   1.651   1.000 32.982  ? 1008 VAL AAA O   1 ? 
ATOM   283  C  CB  . VAL A 1 30  ? -12.767 4.395   4.566   1.000 32.116  ? 1008 VAL AAA CB  1 ? 
ATOM   284  C  CG1 . VAL A 1 30  ? -11.602 4.290   5.532   1.000 36.177  ? 1008 VAL AAA CG1 1 ? 
ATOM   285  C  CG2 . VAL A 1 30  ? -12.800 5.749   3.889   1.000 43.339  ? 1008 VAL AAA CG2 1 ? 
ATOM   286  N  N   . PHE A 1 31  ? -10.616 2.485   2.839   1.000 24.105  ? 1009 PHE AAA N   1 ? 
ATOM   287  C  CA  . PHE A 1 31  ? -9.392  2.542   2.055   1.000 23.801  ? 1009 PHE AAA CA  1 ? 
ATOM   288  C  C   . PHE A 1 31  ? -9.394  1.535   0.911   1.000 22.665  ? 1009 PHE AAA C   1 ? 
ATOM   289  O  O   . PHE A 1 31  ? -8.348  1.466   0.253   1.000 23.449  ? 1009 PHE AAA O   1 ? 
ATOM   290  C  CB  . PHE A 1 31  ? -8.144  2.342   2.951   1.000 22.046  ? 1009 PHE AAA CB  1 ? 
ATOM   291  C  CG  . PHE A 1 31  ? -8.106  3.295   4.121   1.000 23.623  ? 1009 PHE AAA CG  1 ? 
ATOM   292  C  CD1 . PHE A 1 31  ? -8.064  4.666   3.951   1.000 22.480  ? 1009 PHE AAA CD1 1 ? 
ATOM   293  C  CD2 . PHE A 1 31  ? -8.123  2.765   5.409   1.000 27.078  ? 1009 PHE AAA CD2 1 ? 
ATOM   294  C  CE1 . PHE A 1 31  ? -8.120  5.529   5.047   1.000 25.518  ? 1009 PHE AAA CE1 1 ? 
ATOM   295  C  CE2 . PHE A 1 31  ? -8.085  3.619   6.527   1.000 32.969  ? 1009 PHE AAA CE2 1 ? 
ATOM   296  C  CZ  . PHE A 1 31  ? -8.075  5.000   6.350   1.000 28.094  ? 1009 PHE AAA CZ  1 ? 
ATOM   297  N  N   . THR A 1 32  ? -10.474 0.831   0.664   1.000 22.725  ? 1010 THR AAA N   1 ? 
ATOM   298  C  CA  . THR A 1 32  ? -10.458 -0.254  -0.297  1.000 24.655  ? 1010 THR AAA CA  1 ? 
ATOM   299  C  C   . THR A 1 32  ? -10.747 0.221   -1.725  1.000 30.541  ? 1010 THR AAA C   1 ? 
ATOM   300  O  O   . THR A 1 32  ? -10.530 -0.508  -2.696  1.000 32.971  ? 1010 THR AAA O   1 ? 
ATOM   301  C  CB  . THR A 1 32  ? -11.403 -1.397  0.017   1.000 27.154  ? 1010 THR AAA CB  1 ? 
ATOM   302  O  OG1 . THR A 1 32  ? -12.720 -0.866  0.213   1.000 30.475  ? 1010 THR AAA OG1 1 ? 
ATOM   303  C  CG2 . THR A 1 32  ? -11.001 -2.094  1.303   1.000 24.143  ? 1010 THR AAA CG2 1 ? 
ATOM   304  N  N   . LYS A 1 33  ? -11.337 1.386   -1.847  1.000 28.099  ? 1011 LYS AAA N   1 ? 
ATOM   305  C  CA  . LYS A 1 33  ? -11.705 1.876   -3.178  1.000 28.982  ? 1011 LYS AAA CA  1 ? 
ATOM   306  C  C   . LYS A 1 33  ? -11.361 3.352   -3.251  1.000 29.065  ? 1011 LYS AAA C   1 ? 
ATOM   307  O  O   . LYS A 1 33  ? -11.191 4.061   -2.260  1.000 29.666  ? 1011 LYS AAA O   1 ? 
ATOM   308  C  CB  . LYS A 1 33  ? -13.238 1.800   -3.307  1.000 37.070  ? 1011 LYS AAA CB  1 ? 
ATOM   309  C  CG  . LYS A 1 33  ? -13.821 0.398   -3.354  1.000 50.762  ? 1011 LYS AAA CG  1 ? 
ATOM   310  C  CD  . LYS A 1 33  ? -14.446 -0.003  -4.676  1.000 66.344  ? 1011 LYS AAA CD  1 ? 
ATOM   311  C  CE  . LYS A 1 33  ? -14.483 -1.508  -4.851  1.000 72.674  ? 1011 LYS AAA CE  1 ? 
ATOM   312  N  NZ  . LYS A 1 33  ? -13.135 -2.094  -4.651  1.000 67.100  ? 1011 LYS AAA NZ  1 ? 
ATOM   313  N  N   . PRO A 1 34  ? -11.226 3.907   -4.475  1.000 32.861  ? 1012 PRO AAA N   1 ? 
ATOM   314  C  CA  . PRO A 1 34  ? -10.937 5.333   -4.645  1.000 35.614  ? 1012 PRO AAA CA  1 ? 
ATOM   315  C  C   . PRO A 1 34  ? -12.116 6.134   -4.086  1.000 36.917  ? 1012 PRO AAA C   1 ? 
ATOM   316  O  O   . PRO A 1 34  ? -13.221 5.620   -3.994  1.000 40.447  ? 1012 PRO AAA O   1 ? 
ATOM   317  C  CB  . PRO A 1 34  ? -10.785 5.528   -6.163  1.000 38.869  ? 1012 PRO AAA CB  1 ? 
ATOM   318  C  CG  . PRO A 1 34  ? -10.747 4.127   -6.761  1.000 39.758  ? 1012 PRO AAA CG  1 ? 
ATOM   319  C  CD  . PRO A 1 34  ? -11.333 3.169   -5.726  1.000 32.021  ? 1012 PRO AAA CD  1 ? 
ATOM   320  N  N   . VAL A 1 35  ? -11.838 7.365   -3.653  1.000 42.886  ? 1013 VAL AAA N   1 ? 
ATOM   321  C  CA  . VAL A 1 35  ? -12.845 8.310   -3.189  1.000 46.561  ? 1013 VAL AAA CA  1 ? 
ATOM   322  C  C   . VAL A 1 35  ? -13.713 8.688   -4.378  1.000 52.831  ? 1013 VAL AAA C   1 ? 
ATOM   323  O  O   . VAL A 1 35  ? -13.185 9.006   -5.444  1.000 59.227  ? 1013 VAL AAA O   1 ? 
ATOM   324  C  CB  . VAL A 1 35  ? -12.196 9.576   -2.600  1.000 46.425  ? 1013 VAL AAA CB  1 ? 
ATOM   325  C  CG1 . VAL A 1 35  ? -13.231 10.671  -2.363  1.000 47.158  ? 1013 VAL AAA CG1 1 ? 
ATOM   326  C  CG2 . VAL A 1 35  ? -11.426 9.313   -1.325  1.000 40.883  ? 1013 VAL AAA CG2 1 ? 
ATOM   327  N  N   . ASP A 1 36  ? -15.035 8.631   -4.179  1.000 57.514  ? 1014 ASP AAA N   1 ? 
ATOM   328  C  CA  . ASP A 1 36  ? -15.994 8.989   -5.216  1.000 73.686  ? 1014 ASP AAA CA  1 ? 
ATOM   329  C  C   . ASP A 1 36  ? -16.123 10.512  -5.276  1.000 70.641  ? 1014 ASP AAA C   1 ? 
ATOM   330  O  O   . ASP A 1 36  ? -16.463 11.150  -4.268  1.000 68.755  ? 1014 ASP AAA O   1 ? 
ATOM   331  C  CB  . ASP A 1 36  ? -17.333 8.272   -5.009  1.000 76.207  ? 1014 ASP AAA CB  1 ? 
ATOM   332  C  CG  . ASP A 1 36  ? -18.416 8.701   -5.986  1.000 89.696  ? 1014 ASP AAA CG  1 ? 
ATOM   333  O  OD1 . ASP A 1 36  ? -18.076 9.139   -7.114  1.000 85.836  ? 1014 ASP AAA OD1 1 ? 
ATOM   334  O  OD2 . ASP A 1 36  ? -19.596 8.596   -5.608  1.000 96.398  ? 1014 ASP AAA OD2 1 ? 
ATOM   335  N  N   . PRO A 1 37  ? -15.829 11.133  -6.448  1.000 70.260  ? 1015 PRO AAA N   1 ? 
ATOM   336  C  CA  . PRO A 1 37  ? -15.877 12.594  -6.588  1.000 88.449  ? 1015 PRO AAA CA  1 ? 
ATOM   337  C  C   . PRO A 1 37  ? -17.237 13.228  -6.289  1.000 94.231  ? 1015 PRO AAA C   1 ? 
ATOM   338  O  O   . PRO A 1 37  ? -17.291 14.358  -5.808  1.000 99.438  ? 1015 PRO AAA O   1 ? 
ATOM   339  C  CB  . PRO A 1 37  ? -15.367 12.885  -8.010  1.000 82.488  ? 1015 PRO AAA CB  1 ? 
ATOM   340  C  CG  . PRO A 1 37  ? -15.470 11.555  -8.741  1.000 83.168  ? 1015 PRO AAA CG  1 ? 
ATOM   341  C  CD  . PRO A 1 37  ? -15.412 10.461  -7.688  1.000 68.020  ? 1015 PRO AAA CD  1 ? 
ATOM   342  N  N   . ASP A 1 38  ? -18.319 12.475  -6.541  1.000 96.681  ? 1016 ASP AAA N   1 ? 
ATOM   343  C  CA  . ASP A 1 38  ? -19.664 12.857  -6.138  1.000 96.228  ? 1016 ASP AAA CA  1 ? 
ATOM   344  C  C   . ASP A 1 38  ? -19.666 13.237  -4.661  1.000 94.247  ? 1016 ASP AAA C   1 ? 
ATOM   345  O  O   . ASP A 1 38  ? -19.865 14.402  -4.328  1.000 95.404  ? 1016 ASP AAA O   1 ? 
ATOM   346  C  CB  . ASP A 1 38  ? -20.690 11.771  -6.472  1.000 99.867  ? 1016 ASP AAA CB  1 ? 
ATOM   347  C  CG  . ASP A 1 38  ? -20.718 11.425  -7.953  1.000 103.502 ? 1016 ASP AAA CG  1 ? 
ATOM   348  O  OD1 . ASP A 1 38  ? -20.296 12.285  -8.762  1.000 90.767  ? 1016 ASP AAA OD1 1 ? 
ATOM   349  O  OD2 . ASP A 1 38  ? -21.137 10.294  -8.282  1.000 103.048 ? 1016 ASP AAA OD2 1 ? 
ATOM   350  N  N   . GLU A 1 39  ? -19.410 12.261  -3.784  1.000 91.944  ? 1017 GLU AAA N   1 ? 
ATOM   351  C  CA  . GLU A 1 39  ? -19.351 12.544  -2.358  1.000 90.893  ? 1017 GLU AAA CA  1 ? 
ATOM   352  C  C   . GLU A 1 39  ? -18.350 13.663  -2.090  1.000 82.288  ? 1017 GLU AAA C   1 ? 
ATOM   353  O  O   . GLU A 1 39  ? -18.663 14.596  -1.345  1.000 79.293  ? 1017 GLU AAA O   1 ? 
ATOM   354  C  CB  . GLU A 1 39  ? -18.968 11.310  -1.535  1.000 102.800 ? 1017 GLU AAA CB  1 ? 
ATOM   355  C  CG  . GLU A 1 39  ? -20.155 10.510  -1.035  1.000 105.414 ? 1017 GLU AAA CG  1 ? 
ATOM   356  C  CD  . GLU A 1 39  ? -20.941 9.828   -2.139  1.000 112.777 ? 1017 GLU AAA CD  1 ? 
ATOM   357  O  OE1 . GLU A 1 39  ? -20.373 9.632   -3.232  1.000 120.499 ? 1017 GLU AAA OE1 1 ? 
ATOM   358  O  OE2 . GLU A 1 39  ? -22.122 9.504   -1.906  1.000 121.066 ? 1017 GLU AAA OE2 1 ? 
ATOM   359  N  N   . VAL A 1 40  ? -17.154 13.556  -2.697  1.000 63.418  ? 1018 VAL AAA N   1 ? 
ATOM   360  C  CA  . VAL A 1 40  ? -16.052 14.418  -2.291  1.000 62.607  ? 1018 VAL AAA CA  1 ? 
ATOM   361  C  C   . VAL A 1 40  ? -15.395 15.071  -3.510  1.000 68.452  ? 1018 VAL AAA C   1 ? 
ATOM   362  O  O   . VAL A 1 40  ? -14.322 14.650  -3.934  1.000 60.875  ? 1018 VAL AAA O   1 ? 
ATOM   363  C  CB  . VAL A 1 40  ? -15.033 13.686  -1.386  1.000 61.845  ? 1018 VAL AAA CB  1 ? 
ATOM   364  C  CG1 . VAL A 1 40  ? -14.183 14.664  -0.599  1.000 62.523  ? 1018 VAL AAA CG1 1 ? 
ATOM   365  C  CG2 . VAL A 1 40  ? -15.694 12.716  -0.412  1.000 63.309  ? 1018 VAL AAA CG2 1 ? 
ATOM   366  N  N   . PRO A 1 41  ? -15.976 16.160  -4.084  1.000 73.331  ? 1019 PRO AAA N   1 ? 
ATOM   367  C  CA  . PRO A 1 41  ? -15.391 16.811  -5.264  1.000 63.963  ? 1019 PRO AAA CA  1 ? 
ATOM   368  C  C   . PRO A 1 41  ? -14.109 17.597  -4.974  1.000 54.331  ? 1019 PRO AAA C   1 ? 
ATOM   369  O  O   . PRO A 1 41  ? -13.290 17.844  -5.862  1.000 58.680  ? 1019 PRO AAA O   1 ? 
ATOM   370  C  CB  . PRO A 1 41  ? -16.534 17.713  -5.773  1.000 70.227  ? 1019 PRO AAA CB  1 ? 
ATOM   371  C  CG  . PRO A 1 41  ? -17.322 18.048  -4.514  1.000 69.854  ? 1019 PRO AAA CG  1 ? 
ATOM   372  C  CD  . PRO A 1 41  ? -17.226 16.812  -3.641  1.000 70.633  ? 1019 PRO AAA CD  1 ? 
ATOM   373  N  N   . ASP A 1 42  ? -13.879 17.972  -3.718  1.000 47.826  ? 1020 ASP AAA N   1 ? 
ATOM   374  C  CA  . ASP A 1 42  ? -12.605 18.633  -3.502  1.000 50.590  ? 1020 ASP AAA CA  1 ? 
ATOM   375  C  C   . ASP A 1 42  ? -11.470 17.626  -3.267  1.000 44.154  ? 1020 ASP AAA C   1 ? 
ATOM   376  O  O   . ASP A 1 42  ? -10.343 18.067  -3.004  1.000 46.674  ? 1020 ASP AAA O   1 ? 
ATOM   377  C  CB  . ASP A 1 42  ? -12.639 19.654  -2.367  1.000 53.008  ? 1020 ASP AAA CB  1 ? 
ATOM   378  C  CG  . ASP A 1 42  ? -13.023 19.030  -1.045  1.000 61.587  ? 1020 ASP AAA CG  1 ? 
ATOM   379  O  OD1 . ASP A 1 42  ? -14.119 18.424  -0.982  1.000 73.652  ? 1020 ASP AAA OD1 1 ? 
ATOM   380  O  OD2 . ASP A 1 42  ? -12.213 19.140  -0.103  1.000 60.180  ? 1020 ASP AAA OD2 1 ? 
ATOM   381  N  N   . TYR A 1 43  ? -11.763 16.306  -3.293  1.000 43.244  ? 1021 TYR AAA N   1 ? 
ATOM   382  C  CA  . TYR A 1 43  ? -10.694 15.398  -2.861  1.000 38.871  ? 1021 TYR AAA CA  1 ? 
ATOM   383  C  C   . TYR A 1 43  ? -9.494  15.537  -3.800  1.000 41.794  ? 1021 TYR AAA C   1 ? 
ATOM   384  O  O   . TYR A 1 43  ? -8.370  15.805  -3.341  1.000 37.235  ? 1021 TYR AAA O   1 ? 
ATOM   385  C  CB  . TYR A 1 43  ? -11.176 13.938  -2.759  1.000 34.273  ? 1021 TYR AAA CB  1 ? 
ATOM   386  C  CG  . TYR A 1 43  ? -10.154 13.015  -2.138  1.000 32.397  ? 1021 TYR AAA CG  1 ? 
ATOM   387  C  CD1 . TYR A 1 43  ? -9.945  13.017  -0.769  1.000 30.680  ? 1021 TYR AAA CD1 1 ? 
ATOM   388  C  CD2 . TYR A 1 43  ? -9.328  12.217  -2.929  1.000 32.205  ? 1021 TYR AAA CD2 1 ? 
ATOM   389  C  CE1 . TYR A 1 43  ? -9.022  12.170  -0.164  1.000 31.343  ? 1021 TYR AAA CE1 1 ? 
ATOM   390  C  CE2 . TYR A 1 43  ? -8.408  11.363  -2.334  1.000 28.561  ? 1021 TYR AAA CE2 1 ? 
ATOM   391  C  CZ  . TYR A 1 43  ? -8.219  11.388  -0.963  1.000 28.812  ? 1021 TYR AAA CZ  1 ? 
ATOM   392  O  OH  . TYR A 1 43  ? -7.298  10.613  -0.308  1.000 28.337  ? 1021 TYR AAA OH  1 ? 
ATOM   393  N  N   . VAL A 1 44  ? -9.804  15.351  -5.093  1.000 45.870  ? 1022 VAL AAA N   1 ? 
ATOM   394  C  CA  . VAL A 1 44  ? -8.873  15.250  -6.211  1.000 51.580  ? 1022 VAL AAA CA  1 ? 
ATOM   395  C  C   . VAL A 1 44  ? -8.095  16.559  -6.372  1.000 56.539  ? 1022 VAL AAA C   1 ? 
ATOM   396  O  O   . VAL A 1 44  ? -7.006  16.538  -6.945  1.000 52.542  ? 1022 VAL AAA O   1 ? 
ATOM   397  C  CB  . VAL A 1 44  ? -9.577  14.778  -7.503  1.000 59.632  ? 1022 VAL AAA CB  1 ? 
ATOM   398  C  CG1 . VAL A 1 44  ? -10.253 15.899  -8.292  1.000 59.531  ? 1022 VAL AAA CG1 1 ? 
ATOM   399  C  CG2 . VAL A 1 44  ? -8.679  13.946  -8.395  1.000 59.724  ? 1022 VAL AAA CG2 1 ? 
ATOM   400  N  N   . THR A 1 45  ? -8.616  17.657  -5.804  1.000 49.061  ? 1023 THR AAA N   1 ? 
ATOM   401  C  CA  . THR A 1 45  ? -7.932  18.943  -5.809  1.000 53.754  ? 1023 THR AAA CA  1 ? 
ATOM   402  C  C   . THR A 1 45  ? -6.991  19.106  -4.618  1.000 54.441  ? 1023 THR AAA C   1 ? 
ATOM   403  O  O   . THR A 1 45  ? -6.007  19.842  -4.721  1.000 56.294  ? 1023 THR AAA O   1 ? 
ATOM   404  C  CB  . THR A 1 45  ? -8.891  20.139  -5.957  1.000 60.183  ? 1023 THR AAA CB  1 ? 
ATOM   405  O  OG1 . THR A 1 45  ? -9.445  20.557  -4.704  1.000 65.992  ? 1023 THR AAA OG1 1 ? 
ATOM   406  C  CG2 . THR A 1 45  ? -9.984  19.917  -6.978  1.000 54.394  ? 1023 THR AAA CG2 1 ? 
ATOM   407  N  N   . VAL A 1 46  ? -7.287  18.461  -3.479  1.000 41.113  ? 1024 VAL AAA N   1 ? 
ATOM   408  C  CA  . VAL A 1 46  ? -6.391  18.566  -2.338  1.000 35.684  ? 1024 VAL AAA CA  1 ? 
ATOM   409  C  C   . VAL A 1 46  ? -5.292  17.485  -2.403  1.000 32.564  ? 1024 VAL AAA C   1 ? 
ATOM   410  O  O   . VAL A 1 46  ? -4.156  17.681  -1.924  1.000 36.251  ? 1024 VAL AAA O   1 ? 
ATOM   411  C  CB  . VAL A 1 46  ? -7.171  18.448  -1.013  1.000 38.199  ? 1024 VAL AAA CB  1 ? 
ATOM   412  C  CG1 . VAL A 1 46  ? -6.260  18.394  0.214   1.000 35.654  ? 1024 VAL AAA CG1 1 ? 
ATOM   413  C  CG2 . VAL A 1 46  ? -8.241  19.542  -0.888  1.000 44.403  ? 1024 VAL AAA CG2 1 ? 
ATOM   414  N  N   . ILE A 1 47  ? -5.730  16.263  -2.744  1.000 29.702  ? 1025 ILE AAA N   1 ? 
ATOM   415  C  CA  . ILE A 1 47  ? -4.791  15.154  -2.676  1.000 26.938  ? 1025 ILE AAA CA  1 ? 
ATOM   416  C  C   . ILE A 1 47  ? -4.335  14.887  -4.099  1.000 24.809  ? 1025 ILE AAA C   1 ? 
ATOM   417  O  O   . ILE A 1 47  ? -5.106  14.457  -4.969  1.000 29.036  ? 1025 ILE AAA O   1 ? 
ATOM   418  C  CB  . ILE A 1 47  ? -5.543  13.939  -2.038  1.000 23.607  ? 1025 ILE AAA CB  1 ? 
ATOM   419  C  CG1 . ILE A 1 47  ? -5.915  14.216  -0.556  1.000 25.419  ? 1025 ILE AAA CG1 1 ? 
ATOM   420  C  CG2 . ILE A 1 47  ? -4.684  12.685  -2.159  1.000 22.605  ? 1025 ILE AAA CG2 1 ? 
ATOM   421  C  CD1 . ILE A 1 47  ? -4.773  14.520  0.330   1.000 23.539  ? 1025 ILE AAA CD1 1 ? 
ATOM   422  N  N   . LYS A 1 48  ? -3.036  15.085  -4.241  1.000 27.687  ? 1026 LYS AAA N   1 ? 
ATOM   423  C  CA  . LYS A 1 48  ? -2.491  15.028  -5.597  1.000 31.090  ? 1026 LYS AAA CA  1 ? 
ATOM   424  C  C   . LYS A 1 48  ? -2.131  13.605  -5.996  1.000 33.777  ? 1026 LYS AAA C   1 ? 
ATOM   425  O  O   . LYS A 1 48  ? -2.035  13.337  -7.190  1.000 31.473  ? 1026 LYS AAA O   1 ? 
ATOM   426  C  CB  . LYS A 1 48  ? -1.166  15.776  -5.597  1.000 30.972  ? 1026 LYS AAA CB  1 ? 
ATOM   427  C  CG  . LYS A 1 48  ? -1.352  17.269  -5.372  1.000 34.685  ? 1026 LYS AAA CG  1 ? 
ATOM   428  C  CD  . LYS A 1 48  ? -2.497  17.898  -6.168  1.000 34.390  ? 1026 LYS AAA CD  1 ? 
ATOM   429  C  CE  . LYS A 1 48  ? -2.571  19.396  -5.880  1.000 39.008  ? 1026 LYS AAA CE  1 ? 
ATOM   430  N  NZ  . LYS A 1 48  ? -3.755  19.998  -6.535  1.000 48.343  ? 1026 LYS AAA NZ  1 ? 
ATOM   431  N  N   A GLN A 1 49  ? -1.997  12.690  -5.031  0.500 25.409  ? 1027 GLN AAA N   1 ? 
ATOM   432  N  N   B GLN A 1 49  ? -1.886  12.712  -5.017  0.500 27.898  ? 1027 GLN AAA N   1 ? 
ATOM   433  C  CA  A GLN A 1 49  ? -1.604  11.344  -5.409  0.500 27.712  ? 1027 GLN AAA CA  1 ? 
ATOM   434  C  CA  B GLN A 1 49  ? -1.549  11.332  -5.349  0.500 31.447  ? 1027 GLN AAA CA  1 ? 
ATOM   435  C  C   A GLN A 1 49  ? -2.521  10.399  -4.625  0.500 23.342  ? 1027 GLN AAA C   1 ? 
ATOM   436  C  C   B GLN A 1 49  ? -2.522  10.413  -4.599  0.500 25.295  ? 1027 GLN AAA C   1 ? 
ATOM   437  O  O   A GLN A 1 49  ? -2.089  9.798   -3.663  0.500 25.065  ? 1027 GLN AAA O   1 ? 
ATOM   438  O  O   B GLN A 1 49  ? -2.122  9.808   -3.624  0.500 28.126  ? 1027 GLN AAA O   1 ? 
ATOM   439  C  CB  A GLN A 1 49  ? -0.158  11.130  -4.977  0.500 32.918  ? 1027 GLN AAA CB  1 ? 
ATOM   440  C  CB  B GLN A 1 49  ? -0.141  11.007  -4.834  0.500 37.929  ? 1027 GLN AAA CB  1 ? 
ATOM   441  C  CG  A GLN A 1 49  ? 0.638   10.298  -5.954  0.500 35.172  ? 1027 GLN AAA CG  1 ? 
ATOM   442  C  CG  B GLN A 1 49  ? 0.921   10.784  -5.905  0.500 44.287  ? 1027 GLN AAA CG  1 ? 
ATOM   443  C  CD  A GLN A 1 49  ? 2.133   10.369  -5.750  0.500 27.720  ? 1027 GLN AAA CD  1 ? 
ATOM   444  C  CD  B GLN A 1 49  ? 0.689   9.460   -6.599  0.500 48.114  ? 1027 GLN AAA CD  1 ? 
ATOM   445  O  OE1 A GLN A 1 49  ? 2.658   11.008  -4.840  0.500 28.654  ? 1027 GLN AAA OE1 1 ? 
ATOM   446  O  OE1 B GLN A 1 49  ? -0.453  9.032   -6.763  0.500 52.799  ? 1027 GLN AAA OE1 1 ? 
ATOM   447  N  NE2 A GLN A 1 49  ? 2.826   9.703   -6.634  0.500 34.795  ? 1027 GLN AAA NE2 1 ? 
ATOM   448  N  NE2 B GLN A 1 49  ? 1.756   8.784   -7.004  0.500 38.013  ? 1027 GLN AAA NE2 1 ? 
ATOM   449  N  N   . PRO A 1 50  ? -3.784  10.284  -5.044  1.000 24.424  ? 1028 PRO AAA N   1 ? 
ATOM   450  C  CA  . PRO A 1 50  ? -4.741  9.437   -4.342  1.000 23.716  ? 1028 PRO AAA CA  1 ? 
ATOM   451  C  C   . PRO A 1 50  ? -4.240  7.992   -4.396  1.000 25.562  ? 1028 PRO AAA C   1 ? 
ATOM   452  O  O   . PRO A 1 50  ? -3.555  7.582   -5.315  1.000 25.654  ? 1028 PRO AAA O   1 ? 
ATOM   453  C  CB  . PRO A 1 50  ? -5.986  9.448   -5.199  1.000 26.767  ? 1028 PRO AAA CB  1 ? 
ATOM   454  C  CG  . PRO A 1 50  ? -5.839  10.656  -6.127  1.000 33.471  ? 1028 PRO AAA CG  1 ? 
ATOM   455  C  CD  . PRO A 1 50  ? -4.355  10.918  -6.233  1.000 28.567  ? 1028 PRO AAA CD  1 ? 
ATOM   456  N  N   . MET A 1 51  ? -4.526  7.252   -3.319  1.000 22.218  ? 1029 MET AAA N   1 ? 
ATOM   457  C  CA  . MET A 1 51  ? -4.100  5.852   -3.299  1.000 23.028  ? 1029 MET AAA CA  1 ? 
ATOM   458  C  C   . MET A 1 51  ? -5.108  5.093   -2.439  1.000 21.296  ? 1029 MET AAA C   1 ? 
ATOM   459  O  O   . MET A 1 51  ? -5.633  5.618   -1.458  1.000 23.437  ? 1029 MET AAA O   1 ? 
ATOM   460  C  CB  . MET A 1 51  ? -2.708  5.763   -2.669  1.000 25.170  ? 1029 MET AAA CB  1 ? 
ATOM   461  C  CG  . MET A 1 51  ? -2.014  4.329   -2.776  1.000 25.196  ? 1029 MET AAA CG  1 ? 
ATOM   462  S  SD  . MET A 1 51  ? -2.022  3.603   -4.413  1.000 28.753  ? 1029 MET AAA SD  1 ? 
ATOM   463  C  CE  . MET A 1 51  ? -1.041  4.841   -5.276  1.000 28.173  ? 1029 MET AAA CE  1 ? 
ATOM   464  N  N   . ASP A 1 52  ? -5.378  3.843   -2.817  1.000 21.383  ? 1030 ASP AAA N   1 ? 
ATOM   465  C  CA  . ASP A 1 52  ? -6.285  2.992   -2.065  1.000 21.770  ? 1030 ASP AAA CA  1 ? 
ATOM   466  C  C   . ASP A 1 52  ? -5.876  1.535   -2.349  1.000 21.918  ? 1030 ASP AAA C   1 ? 
ATOM   467  O  O   . ASP A 1 52  ? -5.043  1.279   -3.240  1.000 20.444  ? 1030 ASP AAA O   1 ? 
ATOM   468  C  CB  . ASP A 1 52  ? -7.741  3.216   -2.555  1.000 22.329  ? 1030 ASP AAA CB  1 ? 
ATOM   469  C  CG  . ASP A 1 52  ? -7.868  2.699   -3.972  1.000 25.460  ? 1030 ASP AAA CG  1 ? 
ATOM   470  O  OD1 . ASP A 1 52  ? -7.538  3.488   -4.930  1.000 35.000  ? 1030 ASP AAA OD1 1 ? 
ATOM   471  O  OD2 . ASP A 1 52  ? -8.311  1.581   -4.189  1.000 32.080  ? 1030 ASP AAA OD2 1 ? 
ATOM   472  N  N   . LEU A 1 53  ? -6.487  0.587   -1.625  1.000 19.347  ? 1031 LEU AAA N   1 ? 
ATOM   473  C  CA  . LEU A 1 53  ? -5.997  -0.792  -1.745  1.000 19.280  ? 1031 LEU AAA CA  1 ? 
ATOM   474  C  C   . LEU A 1 53  ? -6.362  -1.393  -3.087  1.000 20.306  ? 1031 LEU AAA C   1 ? 
ATOM   475  O  O   . LEU A 1 53  ? -5.620  -2.290  -3.536  1.000 20.468  ? 1031 LEU AAA O   1 ? 
ATOM   476  C  CB  . LEU A 1 53  ? -6.526  -1.645  -0.585  1.000 19.308  ? 1031 LEU AAA CB  1 ? 
ATOM   477  C  CG  . LEU A 1 53  ? -6.023  -1.174  0.781   1.000 21.002  ? 1031 LEU AAA CG  1 ? 
ATOM   478  C  CD1 . LEU A 1 53  ? -6.789  -1.879  1.906   1.000 23.383  ? 1031 LEU AAA CD1 1 ? 
ATOM   479  C  CD2 . LEU A 1 53  ? -4.507  -1.337  1.003   1.000 20.259  ? 1031 LEU AAA CD2 1 ? 
ATOM   480  N  N   . SER A 1 54  ? -7.473  -1.005  -3.737  1.000 20.850  ? 1032 SER AAA N   1 ? 
ATOM   481  C  CA  . SER A 1 54  ? -7.727  -1.545  -5.075  1.000 23.032  ? 1032 SER AAA CA  1 ? 
ATOM   482  C  C   . SER A 1 54  ? -6.670  -1.062  -6.088  1.000 22.503  ? 1032 SER AAA C   1 ? 
ATOM   483  O  O   . SER A 1 54  ? -6.271  -1.871  -6.937  1.000 23.773  ? 1032 SER AAA O   1 ? 
ATOM   484  C  CB  . SER A 1 54  ? -9.164  -1.217  -5.496  1.000 27.876  ? 1032 SER AAA CB  1 ? 
ATOM   485  O  OG  . SER A 1 54  ? -9.229  0.185   -5.681  1.000 37.462  ? 1032 SER AAA OG  1 ? 
ATOM   486  N  N   . SER A 1 55  ? -6.195  0.161   -5.944  1.000 21.650  ? 1033 SER AAA N   1 ? 
ATOM   487  C  CA  . SER A 1 55  ? -5.136  0.717   -6.786  1.000 23.198  ? 1033 SER AAA CA  1 ? 
ATOM   488  C  C   . SER A 1 55  ? -3.830  -0.034  -6.533  1.000 21.902  ? 1033 SER AAA C   1 ? 
ATOM   489  O  O   . SER A 1 55  ? -3.083  -0.321  -7.454  1.000 22.028  ? 1033 SER AAA O   1 ? 
ATOM   490  C  CB  . SER A 1 55  ? -4.942  2.169   -6.591  1.000 26.764  ? 1033 SER AAA CB  1 ? 
ATOM   491  O  OG  . SER A 1 55  ? -6.165  2.727   -7.102  1.000 32.593  ? 1033 SER AAA OG  1 ? 
ATOM   492  N  N   . VAL A 1 56  ? -3.596  -0.372  -5.247  1.000 18.586  ? 1034 VAL AAA N   1 ? 
ATOM   493  C  CA  . VAL A 1 56  ? -2.396  -1.163  -4.952  1.000 18.384  ? 1034 VAL AAA CA  1 ? 
ATOM   494  C  C   . VAL A 1 56  ? -2.478  -2.522  -5.622  1.000 17.540  ? 1034 VAL AAA C   1 ? 
ATOM   495  O  O   . VAL A 1 56  ? -1.435  -2.939  -6.181  1.000 17.549  ? 1034 VAL AAA O   1 ? 
ATOM   496  C  CB  . VAL A 1 56  ? -2.278  -1.300  -3.421  1.000 17.762  ? 1034 VAL AAA CB  1 ? 
ATOM   497  C  CG1 . VAL A 1 56  ? -1.152  -2.273  -3.039  1.000 18.841  ? 1034 VAL AAA CG1 1 ? 
ATOM   498  C  CG2 . VAL A 1 56  ? -1.903  0.039   -2.831  1.000 18.930  ? 1034 VAL AAA CG2 1 ? 
ATOM   499  N  N   . ILE A 1 57  ? -3.599  -3.228  -5.587  1.000 17.433  ? 1035 ILE AAA N   1 ? 
ATOM   500  C  CA  . ILE A 1 57  ? -3.672  -4.533  -6.270  1.000 18.370  ? 1035 ILE AAA CA  1 ? 
ATOM   501  C  C   . ILE A 1 57  ? -3.392  -4.360  -7.763  1.000 18.391  ? 1035 ILE AAA C   1 ? 
ATOM   502  O  O   . ILE A 1 57  ? -2.671  -5.150  -8.357  1.000 20.763  ? 1035 ILE AAA O   1 ? 
ATOM   503  C  CB  . ILE A 1 57  ? -5.038  -5.210  -6.063  1.000 21.865  ? 1035 ILE AAA CB  1 ? 
ATOM   504  C  CG1 . ILE A 1 57  ? -5.199  -5.599  -4.591  1.000 25.206  ? 1035 ILE AAA CG1 1 ? 
ATOM   505  C  CG2 . ILE A 1 57  ? -5.161  -6.422  -7.015  1.000 24.713  ? 1035 ILE AAA CG2 1 ? 
ATOM   506  C  CD1 . ILE A 1 57  ? -4.245  -6.726  -4.218  1.000 27.813  ? 1035 ILE AAA CD1 1 ? 
ATOM   507  N  N   . SER A 1 58  ? -4.010  -3.309  -8.341  1.000 20.996  ? 1036 SER AAA N   1 ? 
ATOM   508  C  CA  . SER A 1 58  ? -3.797  -3.082  -9.777  1.000 20.634  ? 1036 SER AAA CA  1 ? 
ATOM   509  C  C   . SER A 1 58  ? -2.327  -2.875  -10.069 1.000 20.230  ? 1036 SER AAA C   1 ? 
ATOM   510  O  O   . SER A 1 58  ? -1.769  -3.419  -11.050 1.000 20.633  ? 1036 SER AAA O   1 ? 
ATOM   511  C  CB  . SER A 1 58  ? -4.582  -1.825  -10.210 1.000 22.665  ? 1036 SER AAA CB  1 ? 
ATOM   512  O  OG  . SER A 1 58  ? -5.977  -2.144  -10.240 1.000 30.617  ? 1036 SER AAA OG  1 ? 
ATOM   513  N  N   . LYS A 1 59  ? -1.623  -2.124  -9.221  1.000 18.844  ? 1037 LYS AAA N   1 ? 
ATOM   514  C  CA  . LYS A 1 59  ? -0.199  -1.877  -9.368  1.000 17.962  ? 1037 LYS AAA CA  1 ? 
ATOM   515  C  C   . LYS A 1 59  ? 0.635   -3.170  -9.258  1.000 19.303  ? 1037 LYS AAA C   1 ? 
ATOM   516  O  O   . LYS A 1 59  ? 1.635   -3.372  -9.972  1.000 20.386  ? 1037 LYS AAA O   1 ? 
ATOM   517  C  CB  . LYS A 1 59  ? 0.347   -0.755  -8.484  1.000 19.577  ? 1037 LYS AAA CB  1 ? 
ATOM   518  C  CG  . LYS A 1 59  ? -0.230  0.591   -8.959  1.000 20.835  ? 1037 LYS AAA CG  1 ? 
ATOM   519  C  CD  . LYS A 1 59  ? 0.300   1.700   -8.119  1.000 20.304  ? 1037 LYS AAA CD  1 ? 
ATOM   520  C  CE  . LYS A 1 59  ? 1.796   1.844   -8.219  1.000 21.819  ? 1037 LYS AAA CE  1 ? 
ATOM   521  N  NZ  . LYS A 1 59  ? 2.299   3.110   -7.637  1.000 25.432  ? 1037 LYS AAA NZ  1 ? 
ATOM   522  N  N   . ILE A 1 60  ? 0.227   -4.027  -8.281  1.000 18.699  ? 1038 ILE AAA N   1 ? 
ATOM   523  C  CA  . ILE A 1 60  ? 0.990   -5.269  -8.158  1.000 18.717  ? 1038 ILE AAA CA  1 ? 
ATOM   524  C  C   . ILE A 1 60  ? 0.899   -6.031  -9.491  1.000 18.963  ? 1038 ILE AAA C   1 ? 
ATOM   525  O  O   . ILE A 1 60  ? 1.934   -6.566  -9.995  1.000 19.242  ? 1038 ILE AAA O   1 ? 
ATOM   526  C  CB  . ILE A 1 60  ? 0.359   -6.130  -7.010  1.000 17.249  ? 1038 ILE AAA CB  1 ? 
ATOM   527  C  CG1 . ILE A 1 60  ? 0.631   -5.470  -5.665  1.000 17.410  ? 1038 ILE AAA CG1 1 ? 
ATOM   528  C  CG2 . ILE A 1 60  ? 1.004   -7.557  -7.043  1.000 18.262  ? 1038 ILE AAA CG2 1 ? 
ATOM   529  C  CD1 . ILE A 1 60  ? -0.224  -6.090  -4.523  1.000 18.642  ? 1038 ILE AAA CD1 1 ? 
ATOM   530  N  N   . ASP A 1 61  ? -0.334  -6.148  -9.991  1.000 19.416  ? 1039 ASP AAA N   1 ? 
ATOM   531  C  CA  . ASP A 1 61  ? -0.606  -6.941  -11.198 1.000 21.321  ? 1039 ASP AAA CA  1 ? 
ATOM   532  C  C   . ASP A 1 61  ? 0.008   -6.311  -12.461 1.000 24.383  ? 1039 ASP AAA C   1 ? 
ATOM   533  O  O   . ASP A 1 61  ? 0.366   -7.074  -13.386 1.000 26.134  ? 1039 ASP AAA O   1 ? 
ATOM   534  C  CB  . ASP A 1 61  ? -2.078  -7.114  -11.412 1.000 21.096  ? 1039 ASP AAA CB  1 ? 
ATOM   535  C  CG  . ASP A 1 61  ? -2.762  -7.974  -10.340 1.000 27.634  ? 1039 ASP AAA CG  1 ? 
ATOM   536  O  OD1 . ASP A 1 61  ? -2.028  -8.702  -9.573  1.000 27.700  ? 1039 ASP AAA OD1 1 ? 
ATOM   537  O  OD2 . ASP A 1 61  ? -4.031  -7.984  -10.261 1.000 28.024  ? 1039 ASP AAA OD2 1 ? 
ATOM   538  N  N   . LEU A 1 62  ? 0.264   -4.991  -12.441 1.000 21.434  ? 1040 LEU AAA N   1 ? 
ATOM   539  C  CA  . LEU A 1 62  ? 0.995   -4.365  -13.558 1.000 21.537  ? 1040 LEU AAA CA  1 ? 
ATOM   540  C  C   . LEU A 1 62  ? 2.507   -4.416  -13.362 1.000 23.044  ? 1040 LEU AAA C   1 ? 
ATOM   541  O  O   . LEU A 1 62  ? 3.322   -3.802  -14.076 1.000 25.088  ? 1040 LEU AAA O   1 ? 
ATOM   542  C  CB  . LEU A 1 62  ? 0.544   -2.908  -13.636 1.000 20.886  ? 1040 LEU AAA CB  1 ? 
ATOM   543  C  CG  . LEU A 1 62  ? -0.860  -2.723  -14.172 1.000 21.318  ? 1040 LEU AAA CG  1 ? 
ATOM   544  C  CD1 . LEU A 1 62  ? -1.303  -1.292  -13.940 1.000 24.905  ? 1040 LEU AAA CD1 1 ? 
ATOM   545  C  CD2 . LEU A 1 62  ? -0.918  -3.008  -15.701 1.000 24.708  ? 1040 LEU AAA CD2 1 ? 
ATOM   546  N  N   . HIS A 1 63  ? 3.026   -5.129  -12.333 1.000 20.880  ? 1041 HIS AAA N   1 ? 
ATOM   547  C  CA  . HIS A 1 63  ? 4.438   -5.253  -12.128 1.000 20.392  ? 1041 HIS AAA CA  1 ? 
ATOM   548  C  C   . HIS A 1 63  ? 5.110   -3.942  -11.797 1.000 22.128  ? 1041 HIS AAA C   1 ? 
ATOM   549  O  O   . HIS A 1 63  ? 6.317   -3.722  -11.974 1.000 28.738  ? 1041 HIS AAA O   1 ? 
ATOM   550  C  CB  . HIS A 1 63  ? 5.168   -6.036  -13.273 1.000 23.126  ? 1041 HIS AAA CB  1 ? 
ATOM   551  C  CG  . HIS A 1 63  ? 4.611   -7.350  -13.565 1.000 21.318  ? 1041 HIS AAA CG  1 ? 
ATOM   552  N  ND1 . HIS A 1 63  ? 5.342   -8.268  -14.350 1.000 29.555  ? 1041 HIS AAA ND1 1 ? 
ATOM   553  C  CD2 . HIS A 1 63  ? 3.486   -7.990  -13.230 1.000 23.175  ? 1041 HIS AAA CD2 1 ? 
ATOM   554  C  CE1 . HIS A 1 63  ? 4.587   -9.319  -14.484 1.000 26.090  ? 1041 HIS AAA CE1 1 ? 
ATOM   555  N  NE2 . HIS A 1 63  ? 3.466   -9.232  -13.859 1.000 30.538  ? 1041 HIS AAA NE2 1 ? 
ATOM   556  N  N   . LYS A 1 64  ? 4.373   -3.104  -11.073 1.000 20.220  ? 1042 LYS AAA N   1 ? 
ATOM   557  C  CA  . LYS A 1 64  ? 4.960   -1.846  -10.677 1.000 20.877  ? 1042 LYS AAA CA  1 ? 
ATOM   558  C  C   . LYS A 1 64  ? 5.788   -1.891  -9.413  1.000 21.385  ? 1042 LYS AAA C   1 ? 
ATOM   559  O  O   . LYS A 1 64  ? 6.557   -0.945  -9.187  1.000 24.551  ? 1042 LYS AAA O   1 ? 
ATOM   560  C  CB  . LYS A 1 64  ? 3.912   -0.740  -10.520 1.000 21.818  ? 1042 LYS AAA CB  1 ? 
ATOM   561  C  CG  . LYS A 1 64  ? 2.977   -0.587  -11.696 1.000 28.260  ? 1042 LYS AAA CG  1 ? 
ATOM   562  C  CD  . LYS A 1 64  ? 3.639   0.158   -12.776 1.000 33.791  ? 1042 LYS AAA CD  1 ? 
ATOM   563  C  CE  . LYS A 1 64  ? 2.522   0.758   -13.629 1.000 39.342  ? 1042 LYS AAA CE  1 ? 
ATOM   564  N  NZ  . LYS A 1 64  ? 3.145   1.402   -14.806 1.000 54.756  ? 1042 LYS AAA NZ  1 ? 
ATOM   565  N  N   . TYR A 1 65  ? 5.649   -2.964  -8.566  1.000 19.731  ? 1043 TYR AAA N   1 ? 
ATOM   566  C  CA  . TYR A 1 65  ? 6.458   -3.032  -7.407  1.000 18.672  ? 1043 TYR AAA CA  1 ? 
ATOM   567  C  C   . TYR A 1 65  ? 7.543   -4.070  -7.605  1.000 21.966  ? 1043 TYR AAA C   1 ? 
ATOM   568  O  O   . TYR A 1 65  ? 7.203   -5.225  -7.844  1.000 25.638  ? 1043 TYR AAA O   1 ? 
ATOM   569  C  CB  . TYR A 1 65  ? 5.600   -3.358  -6.152  1.000 19.799  ? 1043 TYR AAA CB  1 ? 
ATOM   570  C  CG  . TYR A 1 65  ? 4.442   -2.413  -5.860  1.000 19.034  ? 1043 TYR AAA CG  1 ? 
ATOM   571  C  CD1 . TYR A 1 65  ? 4.651   -1.068  -5.558  1.000 20.040  ? 1043 TYR AAA CD1 1 ? 
ATOM   572  C  CD2 . TYR A 1 65  ? 3.140   -2.920  -5.891  1.000 18.716  ? 1043 TYR AAA CD2 1 ? 
ATOM   573  C  CE1 . TYR A 1 65  ? 3.592   -0.217  -5.263  1.000 20.419  ? 1043 TYR AAA CE1 1 ? 
ATOM   574  C  CE2 . TYR A 1 65  ? 2.061   -2.079  -5.598  1.000 19.327  ? 1043 TYR AAA CE2 1 ? 
ATOM   575  C  CZ  . TYR A 1 65  ? 2.309   -0.763  -5.258  1.000 20.352  ? 1043 TYR AAA CZ  1 ? 
ATOM   576  O  OH  . TYR A 1 65  ? 1.223   0.047   -5.039  1.000 20.922  ? 1043 TYR AAA OH  1 ? 
ATOM   577  N  N   . LEU A 1 66  ? 8.763   -3.606  -7.456  1.000 21.705  ? 1044 LEU AAA N   1 ? 
ATOM   578  C  CA  . LEU A 1 66  ? 9.857   -4.595  -7.584  1.000 21.195  ? 1044 LEU AAA CA  1 ? 
ATOM   579  C  C   . LEU A 1 66  ? 10.509  -4.755  -6.222  1.000 20.570  ? 1044 LEU AAA C   1 ? 
ATOM   580  O  O   . LEU A 1 66  ? 11.384  -5.599  -6.056  1.000 21.621  ? 1044 LEU AAA O   1 ? 
ATOM   581  C  CB  . LEU A 1 66  ? 10.935  -4.048  -8.541  1.000 23.330  ? 1044 LEU AAA CB  1 ? 
ATOM   582  C  CG  . LEU A 1 66  ? 10.484  -3.918  -10.009 1.000 28.623  ? 1044 LEU AAA CG  1 ? 
ATOM   583  C  CD1 . LEU A 1 66  ? 11.759  -3.722  -10.846 1.000 33.175  ? 1044 LEU AAA CD1 1 ? 
ATOM   584  C  CD2 . LEU A 1 66  ? 9.697   -5.118  -10.499 1.000 35.396  ? 1044 LEU AAA CD2 1 ? 
ATOM   585  N  N   . THR A 1 67  ? 10.075  -4.031  -5.147  1.000 19.720  ? 1045 THR AAA N   1 ? 
ATOM   586  C  CA  . THR A 1 67  ? 10.585  -4.263  -3.832  1.000 18.702  ? 1045 THR AAA CA  1 ? 
ATOM   587  C  C   . THR A 1 67  ? 9.450   -4.008  -2.820  1.000 18.619  ? 1045 THR AAA C   1 ? 
ATOM   588  O  O   . THR A 1 67  ? 8.470   -3.348  -3.190  1.000 19.303  ? 1045 THR AAA O   1 ? 
ATOM   589  C  CB  . THR A 1 67  ? 11.723  -3.337  -3.429  1.000 20.790  ? 1045 THR AAA CB  1 ? 
ATOM   590  O  OG1 . THR A 1 67  ? 11.220  -1.981  -3.349  1.000 22.434  ? 1045 THR AAA OG1 1 ? 
ATOM   591  C  CG2 . THR A 1 67  ? 12.851  -3.370  -4.447  1.000 22.411  ? 1045 THR AAA CG2 1 ? 
ATOM   592  N  N   . VAL A 1 68  ? 9.608   -4.569  -1.622  1.000 18.459  ? 1046 VAL AAA N   1 ? 
ATOM   593  C  CA  . VAL A 1 68  ? 8.597   -4.269  -0.587  1.000 18.730  ? 1046 VAL AAA CA  1 ? 
ATOM   594  C  C   . VAL A 1 68  ? 8.726   -2.825  -0.174  1.000 20.722  ? 1046 VAL AAA C   1 ? 
ATOM   595  O  O   . VAL A 1 68  ? 7.697   -2.200  0.141   1.000 19.486  ? 1046 VAL AAA O   1 ? 
ATOM   596  C  CB  . VAL A 1 68  ? 8.721   -5.220  0.603   1.000 18.272  ? 1046 VAL AAA CB  1 ? 
ATOM   597  C  CG1 . VAL A 1 68  ? 7.619   -4.871  1.631   1.000 21.264  ? 1046 VAL AAA CG1 1 ? 
ATOM   598  C  CG2 . VAL A 1 68  ? 8.516   -6.686  0.134   1.000 21.433  ? 1046 VAL AAA CG2 1 ? 
ATOM   599  N  N   . LYS A 1 69  ? 9.896   -2.212  -0.215  1.000 20.024  ? 1047 LYS AAA N   1 ? 
ATOM   600  C  CA  . LYS A 1 69  ? 9.994   -0.784  0.083   1.000 21.712  ? 1047 LYS AAA CA  1 ? 
ATOM   601  C  C   . LYS A 1 69  ? 9.103   0.021   -0.852  1.000 22.222  ? 1047 LYS AAA C   1 ? 
ATOM   602  O  O   . LYS A 1 69  ? 8.423   0.965   -0.391  1.000 24.637  ? 1047 LYS AAA O   1 ? 
ATOM   603  C  CB  . LYS A 1 69  ? 11.493  -0.415  0.028   1.000 27.081  ? 1047 LYS AAA CB  1 ? 
ATOM   604  C  CG  . LYS A 1 69  ? 11.794  1.017   0.391   1.000 39.549  ? 1047 LYS AAA CG  1 ? 
ATOM   605  C  CD  . LYS A 1 69  ? 13.312  1.207   0.281   1.000 46.363  ? 1047 LYS AAA CD  1 ? 
ATOM   606  C  CE  . LYS A 1 69  ? 13.940  2.093   1.338   1.000 73.637  ? 1047 LYS AAA CE  1 ? 
ATOM   607  N  NZ  . LYS A 1 69  ? 13.840  3.535   0.992   1.000 83.660  ? 1047 LYS AAA NZ  1 ? 
ATOM   608  N  N   . ASP A 1 70  ? 9.018   -0.254  -2.161  1.000 20.120  ? 1048 ASP AAA N   1 ? 
ATOM   609  C  CA  . ASP A 1 70  ? 8.195   0.511   -3.067  1.000 22.475  ? 1048 ASP AAA CA  1 ? 
ATOM   610  C  C   . ASP A 1 70  ? 6.708   0.328   -2.677  1.000 22.973  ? 1048 ASP AAA C   1 ? 
ATOM   611  O  O   . ASP A 1 70  ? 5.922   1.274   -2.798  1.000 21.343  ? 1048 ASP AAA O   1 ? 
ATOM   612  C  CB  . ASP A 1 70  ? 8.564   0.143   -4.500  1.000 26.410  ? 1048 ASP AAA CB  1 ? 
ATOM   613  C  CG  . ASP A 1 70  ? 9.925   0.784   -4.907  1.000 31.638  ? 1048 ASP AAA CG  1 ? 
ATOM   614  O  OD1 . ASP A 1 70  ? 10.462  1.693   -4.159  1.000 39.353  ? 1048 ASP AAA OD1 1 ? 
ATOM   615  O  OD2 . ASP A 1 70  ? 10.448  0.343   -5.869  1.000 43.226  ? 1048 ASP AAA OD2 1 ? 
ATOM   616  N  N   . TYR A 1 71  ? 6.289   -0.908  -2.319  1.000 19.625  ? 1049 TYR AAA N   1 ? 
ATOM   617  C  CA  . TYR A 1 71  ? 4.904   -1.122  -1.909  1.000 18.702  ? 1049 TYR AAA CA  1 ? 
ATOM   618  C  C   . TYR A 1 71  ? 4.637   -0.282  -0.656  1.000 19.036  ? 1049 TYR AAA C   1 ? 
ATOM   619  O  O   . TYR A 1 71  ? 3.519   0.297   -0.564  1.000 18.276  ? 1049 TYR AAA O   1 ? 
ATOM   620  C  CB  . TYR A 1 71  ? 4.825   -2.627  -1.606  1.000 17.708  ? 1049 TYR AAA CB  1 ? 
ATOM   621  C  CG  . TYR A 1 71  ? 3.534   -3.057  -0.973  1.000 14.974  ? 1049 TYR AAA CG  1 ? 
ATOM   622  C  CD1 . TYR A 1 71  ? 2.396   -3.371  -1.692  1.000 15.465  ? 1049 TYR AAA CD1 1 ? 
ATOM   623  C  CD2 . TYR A 1 71  ? 3.526   -3.207  0.434   1.000 16.436  ? 1049 TYR AAA CD2 1 ? 
ATOM   624  C  CE1 . TYR A 1 71  ? 1.231   -3.830  -1.045  1.000 16.202  ? 1049 TYR AAA CE1 1 ? 
ATOM   625  C  CE2 . TYR A 1 71  ? 2.375   -3.670  1.075   1.000 16.463  ? 1049 TYR AAA CE2 1 ? 
ATOM   626  C  CZ  . TYR A 1 71  ? 1.248   -3.952  0.345   1.000 16.309  ? 1049 TYR AAA CZ  1 ? 
ATOM   627  O  OH  . TYR A 1 71  ? 0.080   -4.403  0.930   1.000 17.051  ? 1049 TYR AAA OH  1 ? 
ATOM   628  N  N   . LEU A 1 72  ? 5.530   -0.325  0.311   1.000 18.147  ? 1050 LEU AAA N   1 ? 
ATOM   629  C  CA  . LEU A 1 72  ? 5.289   0.395   1.571   1.000 19.586  ? 1050 LEU AAA CA  1 ? 
ATOM   630  C  C   . LEU A 1 72  ? 5.204   1.892   1.309   1.000 21.406  ? 1050 LEU AAA C   1 ? 
ATOM   631  O  O   . LEU A 1 72  ? 4.504   2.600   2.070   1.000 21.217  ? 1050 LEU AAA O   1 ? 
ATOM   632  C  CB  . LEU A 1 72  ? 6.280   0.073   2.673   1.000 20.648  ? 1050 LEU AAA CB  1 ? 
ATOM   633  C  CG  . LEU A 1 72  ? 6.100   -1.318  3.223   1.000 20.207  ? 1050 LEU AAA CG  1 ? 
ATOM   634  C  CD1 . LEU A 1 72  ? 7.263   -1.671  4.129   1.000 23.907  ? 1050 LEU AAA CD1 1 ? 
ATOM   635  C  CD2 . LEU A 1 72  ? 4.787   -1.542  3.954   1.000 21.664  ? 1050 LEU AAA CD2 1 ? 
ATOM   636  N  N   . ARG A 1 73  ? 5.824   2.428   0.263   1.000 19.618  ? 1051 ARG AAA N   1 ? 
ATOM   637  C  CA  . ARG A 1 73  ? 5.665   3.843   -0.047  1.000 22.579  ? 1051 ARG AAA CA  1 ? 
ATOM   638  C  C   . ARG A 1 73  ? 4.222   4.129   -0.374  1.000 19.805  ? 1051 ARG AAA C   1 ? 
ATOM   639  O  O   . ARG A 1 73  ? 3.738   5.226   -0.027  1.000 20.593  ? 1051 ARG AAA O   1 ? 
ATOM   640  C  CB  . ARG A 1 73  ? 6.614   4.247   -1.190  1.000 26.652  ? 1051 ARG AAA CB  1 ? 
ATOM   641  C  CG  . ARG A 1 73  ? 8.011   4.479   -0.654  1.000 38.175  ? 1051 ARG AAA CG  1 ? 
ATOM   642  C  CD  . ARG A 1 73  ? 8.751   5.208   -1.793  1.000 48.875  ? 1051 ARG AAA CD  1 ? 
ATOM   643  N  NE  . ARG A 1 73  ? 9.816   4.375   -2.354  1.000 61.055  ? 1051 ARG AAA NE  1 ? 
ATOM   644  C  CZ  . ARG A 1 73  ? 11.016  4.216   -1.804  1.000 71.797  ? 1051 ARG AAA CZ  1 ? 
ATOM   645  N  NH1 . ARG A 1 73  ? 11.908  3.424   -2.379  1.000 82.339  ? 1051 ARG AAA NH1 1 ? 
ATOM   646  N  NH2 . ARG A 1 73  ? 11.314  4.846   -0.680  1.000 72.678  ? 1051 ARG AAA NH2 1 ? 
ATOM   647  N  N   . ASP A 1 74  ? 3.526   3.213   -1.051  1.000 19.071  ? 1052 ASP AAA N   1 ? 
ATOM   648  C  CA  . ASP A 1 74  ? 2.132   3.456   -1.392  1.000 18.720  ? 1052 ASP AAA CA  1 ? 
ATOM   649  C  C   . ASP A 1 74  ? 1.225   3.204   -0.157  1.000 18.028  ? 1052 ASP AAA C   1 ? 
ATOM   650  O  O   . ASP A 1 74  ? 0.241   3.960   -0.031  1.000 18.751  ? 1052 ASP AAA O   1 ? 
ATOM   651  C  CB  . ASP A 1 74  ? 1.665   2.633   -2.574  1.000 19.801  ? 1052 ASP AAA CB  1 ? 
ATOM   652  C  CG  . ASP A 1 74  ? 2.082   3.219   -3.936  1.000 22.390  ? 1052 ASP AAA CG  1 ? 
ATOM   653  O  OD1 . ASP A 1 74  ? 2.492   4.403   -3.935  1.000 25.463  ? 1052 ASP AAA OD1 1 ? 
ATOM   654  O  OD2 . ASP A 1 74  ? 1.843   2.568   -4.957  1.000 22.641  ? 1052 ASP AAA OD2 1 ? 
ATOM   655  N  N   . ILE A 1 75  ? 1.566   2.256   0.718   1.000 16.737  ? 1053 ILE AAA N   1 ? 
ATOM   656  C  CA  . ILE A 1 75  ? 0.798   2.137   1.948   1.000 18.075  ? 1053 ILE AAA CA  1 ? 
ATOM   657  C  C   . ILE A 1 75  ? 0.990   3.428   2.725   1.000 18.463  ? 1053 ILE AAA C   1 ? 
ATOM   658  O  O   . ILE A 1 75  ? -0.028  3.948   3.312   1.000 19.202  ? 1053 ILE AAA O   1 ? 
ATOM   659  C  CB  . ILE A 1 75  ? 1.329   0.938   2.767   1.000 18.121  ? 1053 ILE AAA CB  1 ? 
ATOM   660  C  CG1 . ILE A 1 75  ? 1.073   -0.356  2.000   1.000 19.098  ? 1053 ILE AAA CG1 1 ? 
ATOM   661  C  CG2 . ILE A 1 75  ? 0.645   0.912   4.153   1.000 20.007  ? 1053 ILE AAA CG2 1 ? 
ATOM   662  C  CD1 . ILE A 1 75  ? -0.376  -0.646  1.651   1.000 20.978  ? 1053 ILE AAA CD1 1 ? 
ATOM   663  N  N   . ASP A 1 76  ? 2.214   3.986   2.850   1.000 18.219  ? 1054 ASP AAA N   1 ? 
ATOM   664  C  CA  . ASP A 1 76  ? 2.441   5.232   3.584   1.000 17.755  ? 1054 ASP AAA CA  1 ? 
ATOM   665  C  C   . ASP A 1 76  ? 1.590   6.329   2.928   1.000 19.889  ? 1054 ASP AAA C   1 ? 
ATOM   666  O  O   . ASP A 1 76  ? 1.119   7.190   3.693   1.000 22.801  ? 1054 ASP AAA O   1 ? 
ATOM   667  C  CB  . ASP A 1 76  ? 3.913   5.639   3.445   1.000 21.565  ? 1054 ASP AAA CB  1 ? 
ATOM   668  C  CG  . ASP A 1 76  ? 4.873   4.817   4.270   1.000 27.742  ? 1054 ASP AAA CG  1 ? 
ATOM   669  O  OD1 . ASP A 1 76  ? 4.464   4.146   5.164   1.000 28.732  ? 1054 ASP AAA OD1 1 ? 
ATOM   670  O  OD2 . ASP A 1 76  ? 6.130   4.970   3.996   1.000 32.097  ? 1054 ASP AAA OD2 1 ? 
ATOM   671  N  N   . LEU A 1 77  ? 1.375   6.378   1.601   1.000 19.123  ? 1055 LEU AAA N   1 ? 
ATOM   672  C  CA  . LEU A 1 77  ? 0.595   7.426   0.951   1.000 21.725  ? 1055 LEU AAA CA  1 ? 
ATOM   673  C  C   . LEU A 1 77  ? -0.860  7.324   1.397   1.000 23.412  ? 1055 LEU AAA C   1 ? 
ATOM   674  O  O   . LEU A 1 77  ? -1.582  8.320   1.587   1.000 23.025  ? 1055 LEU AAA O   1 ? 
ATOM   675  C  CB  . LEU A 1 77  ? 0.626   7.224   -0.560  1.000 27.955  ? 1055 LEU AAA CB  1 ? 
ATOM   676  C  CG  . LEU A 1 77  ? 1.309   8.169   -1.511  1.000 38.494  ? 1055 LEU AAA CG  1 ? 
ATOM   677  C  CD1 . LEU A 1 77  ? 0.833   7.745   -2.908  1.000 28.938  ? 1055 LEU AAA CD1 1 ? 
ATOM   678  C  CD2 . LEU A 1 77  ? 0.933   9.648   -1.205  1.000 28.692  ? 1055 LEU AAA CD2 1 ? 
ATOM   679  N  N   . ILE A 1 78  ? -1.390  6.094   1.525   1.000 23.116  ? 1056 ILE AAA N   1 ? 
ATOM   680  C  CA  . ILE A 1 78  ? -2.767  5.952   1.942   1.000 22.729  ? 1056 ILE AAA CA  1 ? 
ATOM   681  C  C   . ILE A 1 78  ? -2.891  6.608   3.289   1.000 23.993  ? 1056 ILE AAA C   1 ? 
ATOM   682  O  O   . ILE A 1 78  ? -3.874  7.369   3.541   1.000 27.195  ? 1056 ILE AAA O   1 ? 
ATOM   683  C  CB  . ILE A 1 78  ? -3.194  4.451   1.964   1.000 23.151  ? 1056 ILE AAA CB  1 ? 
ATOM   684  C  CG1 . ILE A 1 78  ? -3.162  3.856   0.554   1.000 24.924  ? 1056 ILE AAA CG1 1 ? 
ATOM   685  C  CG2 . ILE A 1 78  ? -4.497  4.329   2.787   1.000 26.167  ? 1056 ILE AAA CG2 1 ? 
ATOM   686  C  CD1 . ILE A 1 78  ? -3.508  2.323   0.455   1.000 25.964  ? 1056 ILE AAA CD1 1 ? 
ATOM   687  N  N   . CYS A 1 79  ? -1.959  6.417   4.201   1.000 22.022  ? 1057 CYS AAA N   1 ? 
ATOM   688  C  CA  . CYS A 1 79  ? -1.915  6.972   5.528   1.000 22.857  ? 1057 CYS AAA CA  1 ? 
ATOM   689  C  C   . CYS A 1 79  ? -1.763  8.514   5.492   1.000 26.592  ? 1057 CYS AAA C   1 ? 
ATOM   690  O  O   . CYS A 1 79  ? -2.533  9.279   6.097   1.000 24.317  ? 1057 CYS AAA O   1 ? 
ATOM   691  C  CB  . CYS A 1 79  ? -0.864  6.290   6.403   1.000 24.488  ? 1057 CYS AAA CB  1 ? 
ATOM   692  S  SG  . CYS A 1 79  ? -0.818  6.974   8.062   1.000 30.692  ? 1057 CYS AAA SG  1 ? 
ATOM   693  N  N   . SER A 1 80  ? -0.739  9.012   4.801   1.000 21.148  ? 1058 SER AAA N   1 ? 
ATOM   694  C  CA  . SER A 1 80  ? -0.465  10.437  4.838   1.000 21.792  ? 1058 SER AAA CA  1 ? 
ATOM   695  C  C   . SER A 1 80  ? -1.578  11.174  4.103   1.000 20.607  ? 1058 SER AAA C   1 ? 
ATOM   696  O  O   . SER A 1 80  ? -1.863  12.325  4.549   1.000 22.744  ? 1058 SER AAA O   1 ? 
ATOM   697  C  CB  . SER A 1 80  ? 0.958   10.724  4.246   1.000 24.183  ? 1058 SER AAA CB  1 ? 
ATOM   698  O  OG  . SER A 1 80  ? 0.967   10.339  2.907   1.000 26.304  ? 1058 SER AAA OG  1 ? 
ATOM   699  N  N   . ASN A 1 81  ? -2.202  10.668  3.055   1.000 19.996  ? 1059 ASN AAA N   1 ? 
ATOM   700  C  CA  . ASN A 1 81  ? -3.316  11.335  2.375   1.000 19.208  ? 1059 ASN AAA CA  1 ? 
ATOM   701  C  C   . ASN A 1 81  ? -4.445  11.514  3.404   1.000 24.161  ? 1059 ASN AAA C   1 ? 
ATOM   702  O  O   . ASN A 1 81  ? -5.084  12.574  3.444   1.000 23.572  ? 1059 ASN AAA O   1 ? 
ATOM   703  C  CB  . ASN A 1 81  ? -3.862  10.609  1.156   1.000 21.011  ? 1059 ASN AAA CB  1 ? 
ATOM   704  C  CG  . ASN A 1 81  ? -2.893  10.643  -0.031  1.000 21.844  ? 1059 ASN AAA CG  1 ? 
ATOM   705  O  OD1 . ASN A 1 81  ? -2.019  11.508  -0.024  1.000 23.790  ? 1059 ASN AAA OD1 1 ? 
ATOM   706  N  ND2 . ASN A 1 81  ? -3.161  9.768   -0.960  1.000 23.612  ? 1059 ASN AAA ND2 1 ? 
ATOM   707  N  N   . ALA A 1 82  ? -4.671  10.493  4.245   1.000 23.038  ? 1060 ALA AAA N   1 ? 
ATOM   708  C  CA  . ALA A 1 82  ? -5.793  10.630  5.166   1.000 25.423  ? 1060 ALA AAA CA  1 ? 
ATOM   709  C  C   . ALA A 1 82  ? -5.420  11.621  6.252   1.000 22.242  ? 1060 ALA AAA C   1 ? 
ATOM   710  O  O   . ALA A 1 82  ? -6.329  12.398  6.691   1.000 27.600  ? 1060 ALA AAA O   1 ? 
ATOM   711  C  CB  . ALA A 1 82  ? -6.112  9.236   5.720   1.000 27.058  ? 1060 ALA AAA CB  1 ? 
ATOM   712  N  N   . LEU A 1 83  ? -4.220  11.741  6.780   1.000 22.840  ? 1061 LEU AAA N   1 ? 
ATOM   713  C  CA  . LEU A 1 83  ? -3.759  12.716  7.734   1.000 25.105  ? 1061 LEU AAA CA  1 ? 
ATOM   714  C  C   . LEU A 1 83  ? -3.890  14.124  7.170   1.000 32.611  ? 1061 LEU AAA C   1 ? 
ATOM   715  O  O   . LEU A 1 83  ? -4.352  15.047  7.858   1.000 35.270  ? 1061 LEU AAA O   1 ? 
ATOM   716  C  CB  . LEU A 1 83  ? -2.350  12.465  8.241   1.000 30.022  ? 1061 LEU AAA CB  1 ? 
ATOM   717  C  CG  . LEU A 1 83  ? -2.053  11.039  8.717   1.000 32.140  ? 1061 LEU AAA CG  1 ? 
ATOM   718  C  CD1 . LEU A 1 83  ? -0.669  11.046  9.340   1.000 35.306  ? 1061 LEU AAA CD1 1 ? 
ATOM   719  C  CD2 . LEU A 1 83  ? -3.092  10.522  9.723   1.000 37.712  ? 1061 LEU AAA CD2 1 ? 
ATOM   720  N  N   . GLU A 1 84  ? -3.636  14.265  5.863   1.000 27.237  ? 1062 GLU AAA N   1 ? 
ATOM   721  C  CA  . GLU A 1 84  ? -3.704  15.599  5.262   1.000 28.652  ? 1062 GLU AAA CA  1 ? 
ATOM   722  C  C   . GLU A 1 84  ? -5.138  15.992  4.939   1.000 26.256  ? 1062 GLU AAA C   1 ? 
ATOM   723  O  O   . GLU A 1 84  ? -5.528  17.160  5.199   1.000 30.122  ? 1062 GLU AAA O   1 ? 
ATOM   724  C  CB  . GLU A 1 84  ? -2.805  15.613  4.000   1.000 27.444  ? 1062 GLU AAA CB  1 ? 
ATOM   725  C  CG  . GLU A 1 84  ? -3.031  16.858  3.128   1.000 38.458  ? 1062 GLU AAA CG  1 ? 
ATOM   726  C  CD  . GLU A 1 84  ? -2.168  16.910  1.854   1.000 58.706  ? 1062 GLU AAA CD  1 ? 
ATOM   727  O  OE1 . GLU A 1 84  ? -2.123  17.999  1.200   1.000 62.173  ? 1062 GLU AAA OE1 1 ? 
ATOM   728  O  OE2 . GLU A 1 84  ? -1.570  15.850  1.485   1.000 53.886  ? 1062 GLU AAA OE2 1 ? 
ATOM   729  N  N   . TYR A 1 85  ? -5.974  15.135  4.387   1.000 25.135  ? 1063 TYR AAA N   1 ? 
ATOM   730  C  CA  . TYR A 1 85  ? -7.306  15.512  4.010   1.000 24.326  ? 1063 TYR AAA CA  1 ? 
ATOM   731  C  C   . TYR A 1 85  ? -8.259  15.609  5.220   1.000 27.227  ? 1063 TYR AAA C   1 ? 
ATOM   732  O  O   . TYR A 1 85  ? -9.275  16.299  5.090   1.000 28.137  ? 1063 TYR AAA O   1 ? 
ATOM   733  C  CB  . TYR A 1 85  ? -7.943  14.529  3.041   1.000 26.409  ? 1063 TYR AAA CB  1 ? 
ATOM   734  C  CG  . TYR A 1 85  ? -9.225  15.034  2.439   1.000 31.348  ? 1063 TYR AAA CG  1 ? 
ATOM   735  C  CD1 . TYR A 1 85  ? -9.171  16.058  1.496   1.000 32.806  ? 1063 TYR AAA CD1 1 ? 
ATOM   736  C  CD2 . TYR A 1 85  ? -10.453 14.500  2.783   1.000 32.489  ? 1063 TYR AAA CD2 1 ? 
ATOM   737  C  CE1 . TYR A 1 85  ? -10.333 16.554  0.918   1.000 35.989  ? 1063 TYR AAA CE1 1 ? 
ATOM   738  C  CE2 . TYR A 1 85  ? -11.616 14.992  2.220   1.000 37.642  ? 1063 TYR AAA CE2 1 ? 
ATOM   739  C  CZ  . TYR A 1 85  ? -11.550 16.022  1.295   1.000 40.285  ? 1063 TYR AAA CZ  1 ? 
ATOM   740  O  OH  . TYR A 1 85  ? -12.698 16.504  0.746   1.000 52.397  ? 1063 TYR AAA OH  1 ? 
ATOM   741  N  N   . ASN A 1 86  ? -7.938  14.897  6.310   1.000 22.478  ? 1064 ASN AAA N   1 ? 
ATOM   742  C  CA  . ASN A 1 86  ? -8.889  14.835  7.474   1.000 21.904  ? 1064 ASN AAA CA  1 ? 
ATOM   743  C  C   . ASN A 1 86  ? -8.130  15.262  8.696   1.000 22.385  ? 1064 ASN AAA C   1 ? 
ATOM   744  O  O   . ASN A 1 86  ? -7.948  14.442  9.609   1.000 23.467  ? 1064 ASN AAA O   1 ? 
ATOM   745  C  CB  . ASN A 1 86  ? -9.443  13.385  7.630   1.000 21.375  ? 1064 ASN AAA CB  1 ? 
ATOM   746  C  CG  . ASN A 1 86  ? -10.166 12.924  6.408   1.000 24.921  ? 1064 ASN AAA CG  1 ? 
ATOM   747  O  OD1 . ASN A 1 86  ? -11.335 13.218  6.174   1.000 32.367  ? 1064 ASN AAA OD1 1 ? 
ATOM   748  N  ND2 . ASN A 1 86  ? -9.450  12.187  5.545   1.000 25.853  ? 1064 ASN AAA ND2 1 ? 
ATOM   749  N  N   . PRO A 1 87  ? -7.617  16.526  8.875   1.000 23.262  ? 1065 PRO AAA N   1 ? 
ATOM   750  C  CA  . PRO A 1 87  ? -6.780  16.916  9.988   1.000 22.617  ? 1065 PRO AAA CA  1 ? 
ATOM   751  C  C   . PRO A 1 87  ? -7.479  17.517  11.239  1.000 22.997  ? 1065 PRO AAA C   1 ? 
ATOM   752  O  O   . PRO A 1 87  ? -6.728  17.781  12.185  1.000 28.549  ? 1065 PRO AAA O   1 ? 
ATOM   753  C  CB  . PRO A 1 87  ? -5.949  18.100  9.409   1.000 25.683  ? 1065 PRO AAA CB  1 ? 
ATOM   754  C  CG  . PRO A 1 87  ? -6.960  18.718  8.467   1.000 24.616  ? 1065 PRO AAA CG  1 ? 
ATOM   755  C  CD  . PRO A 1 87  ? -7.758  17.600  7.842   1.000 26.415  ? 1065 PRO AAA CD  1 ? 
ATOM   756  N  N   . ASP A 1 88  ? -8.818  17.550  11.180  1.000 25.383  ? 1066 ASP AAA N   1 ? 
ATOM   757  C  CA  . ASP A 1 88  ? -9.579  18.308  12.197  1.000 25.869  ? 1066 ASP AAA CA  1 ? 
ATOM   758  C  C   . ASP A 1 88  ? -9.767  17.470  13.464  1.000 30.279  ? 1066 ASP AAA C   1 ? 
ATOM   759  O  O   . ASP A 1 88  ? -9.505  16.246  13.544  1.000 24.820  ? 1066 ASP AAA O   1 ? 
ATOM   760  C  CB  . ASP A 1 88  ? -10.924 18.693  11.600  1.000 24.954  ? 1066 ASP AAA CB  1 ? 
ATOM   761  C  CG  . ASP A 1 88  ? -10.782 19.758  10.495  1.000 35.847  ? 1066 ASP AAA CG  1 ? 
ATOM   762  O  OD1 . ASP A 1 88  ? -9.642  20.353  10.333  1.000 37.362  ? 1066 ASP AAA OD1 1 ? 
ATOM   763  O  OD2 . ASP A 1 88  ? -11.778 19.998  9.809   1.000 44.896  ? 1066 ASP AAA OD2 1 ? 
ATOM   764  N  N   . ARG A 1 89  ? -10.249 18.142  14.537  1.000 26.150  ? 1067 ARG AAA N   1 ? 
ATOM   765  C  CA  . ARG A 1 89  ? -10.336 17.481  15.834  1.000 24.767  ? 1067 ARG AAA CA  1 ? 
ATOM   766  C  C   . ARG A 1 89  ? -11.664 16.742  15.973  1.000 22.695  ? 1067 ARG AAA C   1 ? 
ATOM   767  O  O   . ARG A 1 89  ? -11.719 15.964  16.919  1.000 25.097  ? 1067 ARG AAA O   1 ? 
ATOM   768  C  CB  . ARG A 1 89  ? -10.152 18.441  17.032  1.000 27.764  ? 1067 ARG AAA CB  1 ? 
ATOM   769  C  CG  . ARG A 1 89  ? -11.271 19.456  17.338  1.000 31.223  ? 1067 ARG AAA CG  1 ? 
ATOM   770  C  CD  . ARG A 1 89  ? -12.448 19.090  18.326  1.000 23.263  ? 1067 ARG AAA CD  1 ? 
ATOM   771  N  NE  . ARG A 1 89  ? -11.962 18.315  19.460  1.000 26.950  ? 1067 ARG AAA NE  1 ? 
ATOM   772  C  CZ  . ARG A 1 89  ? -12.772 17.384  20.064  1.000 25.860  ? 1067 ARG AAA CZ  1 ? 
ATOM   773  N  NH1 . ARG A 1 89  ? -13.976 17.230  19.514  1.000 23.311  ? 1067 ARG AAA NH1 1 ? 
ATOM   774  N  NH2 . ARG A 1 89  ? -12.313 16.706  21.165  1.000 23.183  ? 1067 ARG AAA NH2 1 ? 
ATOM   775  N  N   . ASP A 1 90  ? -12.539 16.917  15.024  1.000 23.182  ? 1068 ASP AAA N   1 ? 
ATOM   776  C  CA  . ASP A 1 90  ? -13.842 16.293  15.164  1.000 28.396  ? 1068 ASP AAA CA  1 ? 
ATOM   777  C  C   . ASP A 1 90  ? -13.740 14.786  14.974  1.000 28.982  ? 1068 ASP AAA C   1 ? 
ATOM   778  O  O   . ASP A 1 90  ? -12.783 14.250  14.407  1.000 24.626  ? 1068 ASP AAA O   1 ? 
ATOM   779  C  CB  . ASP A 1 90  ? -14.873 16.799  14.207  1.000 33.689  ? 1068 ASP AAA CB  1 ? 
ATOM   780  C  CG  . ASP A 1 90  ? -14.524 16.467  12.793  1.000 41.144  ? 1068 ASP AAA CG  1 ? 
ATOM   781  O  OD1 . ASP A 1 90  ? -13.663 17.198  12.262  1.000 51.803  ? 1068 ASP AAA OD1 1 ? 
ATOM   782  O  OD2 . ASP A 1 90  ? -15.082 15.447  12.250  1.000 55.644  ? 1068 ASP AAA OD2 1 ? 
ATOM   783  N  N   . PRO A 1 91  ? -14.666 14.043  15.546  1.000 22.270  ? 1069 PRO AAA N   1 ? 
ATOM   784  C  CA  . PRO A 1 91  ? -14.541 12.608  15.640  1.000 22.150  ? 1069 PRO AAA CA  1 ? 
ATOM   785  C  C   . PRO A 1 91  ? -14.526 11.966  14.255  1.000 20.937  ? 1069 PRO AAA C   1 ? 
ATOM   786  O  O   . PRO A 1 91  ? -13.891 10.897  14.204  1.000 20.819  ? 1069 PRO AAA O   1 ? 
ATOM   787  C  CB  . PRO A 1 91  ? -15.835 12.143  16.374  1.000 24.843  ? 1069 PRO AAA CB  1 ? 
ATOM   788  C  CG  . PRO A 1 91  ? -16.212 13.370  17.176  1.000 28.443  ? 1069 PRO AAA CG  1 ? 
ATOM   789  C  CD  . PRO A 1 91  ? -15.821 14.592  16.378  1.000 22.075  ? 1069 PRO AAA CD  1 ? 
ATOM   790  N  N   . GLY A 1 92  ? -15.204 12.470  13.243  1.000 21.950  ? 1070 GLY AAA N   1 ? 
ATOM   791  C  CA  . GLY A 1 92  ? -15.174 11.766  11.955  1.000 23.094  ? 1070 GLY AAA CA  1 ? 
ATOM   792  C  C   . GLY A 1 92  ? -13.737 11.811  11.403  1.000 24.590  ? 1070 GLY AAA C   1 ? 
ATOM   793  O  O   . GLY A 1 92  ? -13.216 10.765  10.939  1.000 23.638  ? 1070 GLY AAA O   1 ? 
ATOM   794  N  N   . ASP A 1 93  ? -13.059 12.960  11.512  1.000 22.383  ? 1071 ASP AAA N   1 ? 
ATOM   795  C  CA  . ASP A 1 93  ? -11.680 13.031  11.002  1.000 22.644  ? 1071 ASP AAA CA  1 ? 
ATOM   796  C  C   . ASP A 1 93  ? -10.766 12.215  11.925  1.000 23.801  ? 1071 ASP AAA C   1 ? 
ATOM   797  O  O   . ASP A 1 93  ? -9.839  11.506  11.428  1.000 23.263  ? 1071 ASP AAA O   1 ? 
ATOM   798  C  CB  . ASP A 1 93  ? -11.164 14.477  10.971  1.000 24.441  ? 1071 ASP AAA CB  1 ? 
ATOM   799  C  CG  . ASP A 1 93  ? -11.650 15.286  9.764   1.000 26.498  ? 1071 ASP AAA CG  1 ? 
ATOM   800  O  OD1 . ASP A 1 93  ? -12.585 14.855  9.002   1.000 30.979  ? 1071 ASP AAA OD1 1 ? 
ATOM   801  O  OD2 . ASP A 1 93  ? -10.957 16.327  9.513   1.000 30.863  ? 1071 ASP AAA OD2 1 ? 
ATOM   802  N  N   . ARG A 1 94  ? -10.909 12.217  13.261  1.000 19.670  ? 1072 ARG AAA N   1 ? 
ATOM   803  C  CA  . ARG A 1 94  ? -10.012 11.493  14.128  1.000 21.195  ? 1072 ARG AAA CA  1 ? 
ATOM   804  C  C   . ARG A 1 94  ? -10.174 9.982   13.788  1.000 20.616  ? 1072 ARG AAA C   1 ? 
ATOM   805  O  O   . ARG A 1 94  ? -9.190  9.267   13.870  1.000 21.324  ? 1072 ARG AAA O   1 ? 
ATOM   806  C  CB  . ARG A 1 94  ? -10.291 11.777  15.614  1.000 22.504  ? 1072 ARG AAA CB  1 ? 
ATOM   807  C  CG  . ARG A 1 94  ? -9.748  13.171  15.926  1.000 27.702  ? 1072 ARG AAA CG  1 ? 
ATOM   808  C  CD  . ARG A 1 94  ? -9.915  13.591  17.372  1.000 32.154  ? 1072 ARG AAA CD  1 ? 
ATOM   809  N  NE  . ARG A 1 94  ? -9.085  14.760  17.791  1.000 36.294  ? 1072 ARG AAA NE  1 ? 
ATOM   810  C  CZ  . ARG A 1 94  ? -9.261  15.497  18.907  1.000 49.472  ? 1072 ARG AAA CZ  1 ? 
ATOM   811  N  NH1 . ARG A 1 94  ? -10.299 15.282  19.698  1.000 53.432  ? 1072 ARG AAA NH1 1 ? 
ATOM   812  N  NH2 . ARG A 1 94  ? -8.427  16.484  19.196  1.000 45.596  ? 1072 ARG AAA NH2 1 ? 
ATOM   813  N  N   . LEU A 1 95  ? -11.398 9.519   13.579  1.000 19.683  ? 1073 LEU AAA N   1 ? 
ATOM   814  C  CA  . LEU A 1 95  ? -11.593 8.070   13.324  1.000 17.661  ? 1073 LEU AAA CA  1 ? 
ATOM   815  C  C   . LEU A 1 95  ? -10.868 7.688   12.005  1.000 21.092  ? 1073 LEU AAA C   1 ? 
ATOM   816  O  O   . LEU A 1 95  ? -10.188 6.634   12.044  1.000 20.547  ? 1073 LEU AAA O   1 ? 
ATOM   817  C  CB  . LEU A 1 95  ? -13.063 7.748   13.206  1.000 18.768  ? 1073 LEU AAA CB  1 ? 
ATOM   818  C  CG  . LEU A 1 95  ? -13.450 6.303   12.839  1.000 18.589  ? 1073 LEU AAA CG  1 ? 
ATOM   819  C  CD1 . LEU A 1 95  ? -12.951 5.329   13.885  1.000 20.458  ? 1073 LEU AAA CD1 1 ? 
ATOM   820  C  CD2 . LEU A 1 95  ? -14.987 6.209   12.690  1.000 22.711  ? 1073 LEU AAA CD2 1 ? 
ATOM   821  N  N   . ILE A 1 96  ? -11.003 8.497   10.949  1.000 20.093  ? 1074 ILE AAA N   1 ? 
ATOM   822  C  CA  . ILE A 1 96  ? -10.298 8.158   9.683   1.000 21.673  ? 1074 ILE AAA CA  1 ? 
ATOM   823  C  C   . ILE A 1 96  ? -8.802  8.186   9.907   1.000 24.177  ? 1074 ILE AAA C   1 ? 
ATOM   824  O  O   . ILE A 1 96  ? -8.060  7.266   9.419   1.000 21.466  ? 1074 ILE AAA O   1 ? 
ATOM   825  C  CB  . ILE A 1 96  ? -10.728 9.096   8.552   1.000 23.018  ? 1074 ILE AAA CB  1 ? 
ATOM   826  C  CG1 . ILE A 1 96  ? -12.203 8.976   8.191   1.000 27.552  ? 1074 ILE AAA CG1 1 ? 
ATOM   827  C  CG2 . ILE A 1 96  ? -9.864  8.739   7.324   1.000 30.329  ? 1074 ILE AAA CG2 1 ? 
ATOM   828  C  CD1 . ILE A 1 96  ? -12.805 10.235  7.444   1.000 34.861  ? 1074 ILE AAA CD1 1 ? 
ATOM   829  N  N   . ARG A 1 97  ? -8.235  9.152   10.617  1.000 20.825  ? 1075 ARG AAA N   1 ? 
ATOM   830  C  CA  . ARG A 1 97  ? -6.801  9.190   10.860  1.000 22.374  ? 1075 ARG AAA CA  1 ? 
ATOM   831  C  C   . ARG A 1 97  ? -6.373  7.948   11.624  1.000 23.203  ? 1075 ARG AAA C   1 ? 
ATOM   832  O  O   . ARG A 1 97  ? -5.300  7.351   11.385  1.000 22.584  ? 1075 ARG AAA O   1 ? 
ATOM   833  C  CB  . ARG A 1 97  ? -6.323  10.427  11.655  1.000 24.312  ? 1075 ARG AAA CB  1 ? 
ATOM   834  C  CG  . ARG A 1 97  ? -6.534  11.677  10.821  1.000 24.075  ? 1075 ARG AAA CG  1 ? 
ATOM   835  C  CD  . ARG A 1 97  ? -5.664  12.789  11.402  1.000 24.934  ? 1075 ARG AAA CD  1 ? 
ATOM   836  N  NE  . ARG A 1 97  ? -5.858  13.171  12.805  1.000 27.255  ? 1075 ARG AAA NE  1 ? 
ATOM   837  C  CZ  . ARG A 1 97  ? -6.834  14.014  13.233  1.000 25.810  ? 1075 ARG AAA CZ  1 ? 
ATOM   838  N  NH1 . ARG A 1 97  ? -7.758  14.456  12.422  1.000 26.474  ? 1075 ARG AAA NH1 1 ? 
ATOM   839  N  NH2 . ARG A 1 97  ? -6.885  14.302  14.529  1.000 32.108  ? 1075 ARG AAA NH2 1 ? 
ATOM   840  N  N   . HIS A 1 98  ? -7.125  7.542   12.688  1.000 20.233  ? 1076 HIS AAA N   1 ? 
ATOM   841  C  CA  . HIS A 1 98  ? -6.693  6.433   13.491  1.000 19.392  ? 1076 HIS AAA CA  1 ? 
ATOM   842  C  C   . HIS A 1 98  ? -6.789  5.174   12.587  1.000 18.347  ? 1076 HIS AAA C   1 ? 
ATOM   843  O  O   . HIS A 1 98  ? -5.827  4.377   12.748  1.000 20.845  ? 1076 HIS AAA O   1 ? 
ATOM   844  C  CB  . HIS A 1 98  ? -7.704  6.234   14.668  1.000 20.405  ? 1076 HIS AAA CB  1 ? 
ATOM   845  C  CG  . HIS A 1 98  ? -7.247  5.263   15.696  1.000 22.808  ? 1076 HIS AAA CG  1 ? 
ATOM   846  N  ND1 . HIS A 1 98  ? -7.628  3.910   15.632  1.000 26.257  ? 1076 HIS AAA ND1 1 ? 
ATOM   847  C  CD2 . HIS A 1 98  ? -6.412  5.374   16.757  1.000 26.198  ? 1076 HIS AAA CD2 1 ? 
ATOM   848  C  CE1 . HIS A 1 98  ? -7.075  3.265   16.650  1.000 27.844  ? 1076 HIS AAA CE1 1 ? 
ATOM   849  N  NE2 . HIS A 1 98  ? -6.307  4.137   17.362  1.000 27.770  ? 1076 HIS AAA NE2 1 ? 
ATOM   850  N  N   . ARG A 1 99  ? -7.808  5.033   11.759  1.000 17.996  ? 1077 ARG AAA N   1 ? 
ATOM   851  C  CA  . ARG A 1 99  ? -7.902  3.846   10.862  1.000 17.903  ? 1077 ARG AAA CA  1 ? 
ATOM   852  C  C   . ARG A 1 99  ? -6.731  3.889   9.873   1.000 20.633  ? 1077 ARG AAA C   1 ? 
ATOM   853  O  O   . ARG A 1 99  ? -6.162  2.808   9.610   1.000 19.464  ? 1077 ARG AAA O   1 ? 
ATOM   854  C  CB  . ARG A 1 99  ? -9.214  3.789   10.142  1.000 18.730  ? 1077 ARG AAA CB  1 ? 
ATOM   855  C  CG  . ARG A 1 99  ? -10.351 3.438   11.128  1.000 19.315  ? 1077 ARG AAA CG  1 ? 
ATOM   856  C  CD  . ARG A 1 99  ? -11.651 3.651   10.451  1.000 19.633  ? 1077 ARG AAA CD  1 ? 
ATOM   857  N  NE  . ARG A 1 99  ? -12.750 3.021   11.206  1.000 20.948  ? 1077 ARG AAA NE  1 ? 
ATOM   858  C  CZ  . ARG A 1 99  ? -13.998 3.081   10.795  1.000 22.729  ? 1077 ARG AAA CZ  1 ? 
ATOM   859  N  NH1 . ARG A 1 99  ? -14.382 3.838   9.792   1.000 25.306  ? 1077 ARG AAA NH1 1 ? 
ATOM   860  N  NH2 . ARG A 1 99  ? -14.907 2.406   11.498  1.000 27.885  ? 1077 ARG AAA NH2 1 ? 
ATOM   861  N  N   . ALA A 1 100 ? -6.389  5.064   9.339   1.000 21.271  ? 1078 ALA AAA N   1 ? 
ATOM   862  C  CA  . ALA A 1 100 ? -5.269  5.101   8.359   1.000 22.287  ? 1078 ALA AAA CA  1 ? 
ATOM   863  C  C   . ALA A 1 100 ? -3.977  4.777   9.060   1.000 21.514  ? 1078 ALA AAA C   1 ? 
ATOM   864  O  O   . ALA A 1 100 ? -3.177  3.980   8.401   1.000 25.078  ? 1078 ALA AAA O   1 ? 
ATOM   865  C  CB  . ALA A 1 100 ? -5.161  6.546   7.811   1.000 23.591  ? 1078 ALA AAA CB  1 ? 
ATOM   866  N  N   . CYS A 1 101 ? -3.618  5.227   10.235  1.000 24.926  ? 1079 CYS AAA N   1 ? 
ATOM   867  C  CA  . CYS A 1 101 ? -2.426  4.914   10.997  1.000 24.844  ? 1079 CYS AAA CA  1 ? 
ATOM   868  C  C   . CYS A 1 101 ? -2.426  3.407   11.261  1.000 25.120  ? 1079 CYS AAA C   1 ? 
ATOM   869  O  O   . CYS A 1 101 ? -1.367  2.759   11.246  1.000 23.908  ? 1079 CYS AAA O   1 ? 
ATOM   870  C  CB  . CYS A 1 101 ? -2.252  5.676   12.307  1.000 30.147  ? 1079 CYS AAA CB  1 ? 
ATOM   871  S  SG  . CYS A 1 101 ? -1.726  7.393   11.933  1.000 42.347  ? 1079 CYS AAA SG  1 ? 
ATOM   872  N  N   . ALA A 1 102 ? -3.615  2.859   11.607  1.000 21.544  ? 1080 ALA AAA N   1 ? 
ATOM   873  C  CA  . ALA A 1 102 ? -3.678  1.453   11.931  1.000 19.703  ? 1080 ALA AAA CA  1 ? 
ATOM   874  C  C   . ALA A 1 102 ? -3.433  0.608   10.685  1.000 20.136  ? 1080 ALA AAA C   1 ? 
ATOM   875  O  O   . ALA A 1 102 ? -2.819  -0.443  10.843  1.000 18.863  ? 1080 ALA AAA O   1 ? 
ATOM   876  C  CB  . ALA A 1 102 ? -5.010  1.093   12.587  1.000 19.284  ? 1080 ALA AAA CB  1 ? 
ATOM   877  N  N   A LEU A 1 103 ? -3.885  1.032   9.523   0.500 19.250  ? 1081 LEU AAA N   1 ? 
ATOM   878  N  N   B LEU A 1 103 ? -3.971  1.022   9.520   0.500 18.238  ? 1081 LEU AAA N   1 ? 
ATOM   879  C  CA  A LEU A 1 103 ? -3.577  0.284   8.298   0.500 18.197  ? 1081 LEU AAA CA  1 ? 
ATOM   880  C  CA  B LEU A 1 103 ? -3.759  0.273   8.259   0.500 16.601  ? 1081 LEU AAA CA  1 ? 
ATOM   881  C  C   A LEU A 1 103 ? -2.057  0.236   8.160   0.500 19.109  ? 1081 LEU AAA C   1 ? 
ATOM   882  C  C   B LEU A 1 103 ? -2.257  0.281   7.949   0.500 17.618  ? 1081 LEU AAA C   1 ? 
ATOM   883  O  O   A LEU A 1 103 ? -1.378  -0.796  7.935   0.500 14.998  ? 1081 LEU AAA O   1 ? 
ATOM   884  O  O   B LEU A 1 103 ? -1.817  -0.856  7.587   0.500 16.161  ? 1081 LEU AAA O   1 ? 
ATOM   885  C  CB  A LEU A 1 103 ? -4.119  1.185   7.186   0.500 18.709  ? 1081 LEU AAA CB  1 ? 
ATOM   886  C  CB  B LEU A 1 103 ? -4.666  0.773   7.104   0.500 15.032  ? 1081 LEU AAA CB  1 ? 
ATOM   887  C  CG  A LEU A 1 103 ? -3.764  0.655   5.807   0.500 21.229  ? 1081 LEU AAA CG  1 ? 
ATOM   888  C  CG  B LEU A 1 103 ? -4.462  0.142   5.716   0.500 17.641  ? 1081 LEU AAA CG  1 ? 
ATOM   889  C  CD1 A LEU A 1 103 ? -4.533  -0.634  5.593   0.500 20.219  ? 1081 LEU AAA CD1 1 ? 
ATOM   890  C  CD1 B LEU A 1 103 ? -5.604  0.516   4.811   0.500 19.156  ? 1081 LEU AAA CD1 1 ? 
ATOM   891  C  CD2 A LEU A 1 103 ? -4.123  1.689   4.750   0.500 22.456  ? 1081 LEU AAA CD2 1 ? 
ATOM   892  C  CD2 B LEU A 1 103 ? -3.153  0.568   5.059   0.500 20.076  ? 1081 LEU AAA CD2 1 ? 
ATOM   893  N  N   . ARG A 1 104 ? -1.486  1.405   8.174   1.000 18.879  ? 1082 ARG AAA N   1 ? 
ATOM   894  C  CA  . ARG A 1 104 ? -0.042  1.479   7.956   1.000 19.871  ? 1082 ARG AAA CA  1 ? 
ATOM   895  C  C   . ARG A 1 104 ? 0.689   0.613   8.965   1.000 21.429  ? 1082 ARG AAA C   1 ? 
ATOM   896  O  O   . ARG A 1 104 ? 1.582   -0.213  8.609   1.000 19.901  ? 1082 ARG AAA O   1 ? 
ATOM   897  C  CB  . ARG A 1 104 ? 0.437   2.947   8.018   1.000 23.097  ? 1082 ARG AAA CB  1 ? 
ATOM   898  C  CG  . ARG A 1 104 ? 1.946   3.094   7.899   1.000 26.125  ? 1082 ARG AAA CG  1 ? 
ATOM   899  C  CD  . ARG A 1 104 ? 2.364   4.559   8.021   1.000 35.517  ? 1082 ARG AAA CD  1 ? 
ATOM   900  N  NE  . ARG A 1 104 ? 2.993   4.887   9.331   1.000 59.684  ? 1082 ARG AAA NE  1 ? 
ATOM   901  C  CZ  . ARG A 1 104 ? 2.460   4.861   10.588  1.000 68.522  ? 1082 ARG AAA CZ  1 ? 
ATOM   902  N  NH1 . ARG A 1 104 ? 1.214   4.508   10.854  1.000 53.578  ? 1082 ARG AAA NH1 1 ? 
ATOM   903  N  NH2 . ARG A 1 104 ? 3.220   5.176   11.622  1.000 85.863  ? 1082 ARG AAA NH2 1 ? 
ATOM   904  N  N   . ASP A 1 105 ? 0.328   0.705   10.268  1.000 19.978  ? 1083 ASP AAA N   1 ? 
ATOM   905  C  CA  . ASP A 1 105 ? 1.007   -0.059  11.294  1.000 19.615  ? 1083 ASP AAA CA  1 ? 
ATOM   906  C  C   . ASP A 1 105 ? 0.804   -1.574  11.059  1.000 18.117  ? 1083 ASP AAA C   1 ? 
ATOM   907  O  O   . ASP A 1 105 ? 1.732   -2.368  11.339  1.000 21.171  ? 1083 ASP AAA O   1 ? 
ATOM   908  C  CB  . ASP A 1 105 ? 0.511   0.260   12.709  1.000 24.933  ? 1083 ASP AAA CB  1 ? 
ATOM   909  C  CG  . ASP A 1 105 ? 0.905   1.673   13.150  1.000 31.644  ? 1083 ASP AAA CG  1 ? 
ATOM   910  O  OD1 . ASP A 1 105 ? 1.766   2.323   12.516  1.000 31.897  ? 1083 ASP AAA OD1 1 ? 
ATOM   911  O  OD2 . ASP A 1 105 ? 0.184   2.154   14.081  1.000 36.006  ? 1083 ASP AAA OD2 1 ? 
ATOM   912  N  N   . THR A 1 106 ? -0.397  -1.948  10.633  1.000 16.960  ? 1084 THR AAA N   1 ? 
ATOM   913  C  CA  . THR A 1 106 ? -0.678  -3.345  10.379  1.000 17.563  ? 1084 THR AAA CA  1 ? 
ATOM   914  C  C   . THR A 1 106 ? 0.167   -3.880  9.196   1.000 18.207  ? 1084 THR AAA C   1 ? 
ATOM   915  O  O   . THR A 1 106 ? 0.706   -4.993  9.310   1.000 17.533  ? 1084 THR AAA O   1 ? 
ATOM   916  C  CB  . THR A 1 106 ? -2.157  -3.579  10.132  1.000 17.131  ? 1084 THR AAA CB  1 ? 
ATOM   917  O  OG1 . THR A 1 106 ? -2.899  -3.177  11.326  1.000 19.553  ? 1084 THR AAA OG1 1 ? 
ATOM   918  C  CG2 . THR A 1 106 ? -2.483  -5.037  9.859   1.000 19.664  ? 1084 THR AAA CG2 1 ? 
ATOM   919  N  N   . ALA A 1 107 ? 0.226   -3.101  8.111   1.000 17.164  ? 1085 ALA AAA N   1 ? 
ATOM   920  C  CA  . ALA A 1 107 ? 1.047   -3.574  6.998   1.000 16.522  ? 1085 ALA AAA CA  1 ? 
ATOM   921  C  C   . ALA A 1 107 ? 2.484   -3.718  7.441   1.000 17.558  ? 1085 ALA AAA C   1 ? 
ATOM   922  O  O   . ALA A 1 107 ? 3.127   -4.737  7.102   1.000 17.397  ? 1085 ALA AAA O   1 ? 
ATOM   923  C  CB  . ALA A 1 107 ? 0.938   -2.564  5.856   1.000 17.267  ? 1085 ALA AAA CB  1 ? 
ATOM   924  N  N   . TYR A 1 108 ? 3.059   -2.758  8.172   1.000 16.789  ? 1086 TYR AAA N   1 ? 
ATOM   925  C  CA  . TYR A 1 108 ? 4.436   -2.874  8.608   1.000 17.530  ? 1086 TYR AAA CA  1 ? 
ATOM   926  C  C   . TYR A 1 108 ? 4.610   -4.043  9.566   1.000 18.194  ? 1086 TYR AAA C   1 ? 
ATOM   927  O  O   . TYR A 1 108 ? 5.642   -4.704  9.477   1.000 19.608  ? 1086 TYR AAA O   1 ? 
ATOM   928  C  CB  . TYR A 1 108 ? 4.926   -1.585  9.318   1.000 19.061  ? 1086 TYR AAA CB  1 ? 
ATOM   929  C  CG  . TYR A 1 108 ? 5.380   -0.545  8.311   1.000 19.210  ? 1086 TYR AAA CG  1 ? 
ATOM   930  C  CD1 . TYR A 1 108 ? 4.520   0.247   7.582   1.000 20.854  ? 1086 TYR AAA CD1 1 ? 
ATOM   931  C  CD2 . TYR A 1 108 ? 6.739   -0.399  8.037   1.000 22.666  ? 1086 TYR AAA CD2 1 ? 
ATOM   932  C  CE1 . TYR A 1 108 ? 4.962   1.249   6.705   1.000 20.832  ? 1086 TYR AAA CE1 1 ? 
ATOM   933  C  CE2 . TYR A 1 108 ? 7.222   0.591   7.192   1.000 22.918  ? 1086 TYR AAA CE2 1 ? 
ATOM   934  C  CZ  . TYR A 1 108 ? 6.317   1.414   6.522   1.000 24.297  ? 1086 TYR AAA CZ  1 ? 
ATOM   935  O  OH  . TYR A 1 108 ? 6.754   2.398   5.660   1.000 25.785  ? 1086 TYR AAA OH  1 ? 
ATOM   936  N  N   . ALA A 1 109 ? 3.631   -4.329  10.428  1.000 17.790  ? 1087 ALA AAA N   1 ? 
ATOM   937  C  CA  . ALA A 1 109 ? 3.795   -5.429  11.375  1.000 19.022  ? 1087 ALA AAA CA  1 ? 
ATOM   938  C  C   . ALA A 1 109 ? 3.745   -6.794  10.646  1.000 18.572  ? 1087 ALA AAA C   1 ? 
ATOM   939  O  O   . ALA A 1 109 ? 4.485   -7.705  10.969  1.000 20.358  ? 1087 ALA AAA O   1 ? 
ATOM   940  C  CB  . ALA A 1 109 ? 2.715   -5.340  12.432  1.000 22.414  ? 1087 ALA AAA CB  1 ? 
ATOM   941  N  N   . ILE A 1 110 ? 2.869   -6.953  9.653   1.000 17.647  ? 1088 ILE AAA N   1 ? 
ATOM   942  C  CA  . ILE A 1 110 ? 2.833   -8.222  8.881   1.000 16.862  ? 1088 ILE AAA CA  1 ? 
ATOM   943  C  C   . ILE A 1 110 ? 4.159   -8.369  8.146   1.000 18.370  ? 1088 ILE AAA C   1 ? 
ATOM   944  O  O   . ILE A 1 110 ? 4.723   -9.495  8.170   1.000 18.492  ? 1088 ILE AAA O   1 ? 
ATOM   945  C  CB  . ILE A 1 110 ? 1.676   -8.145  7.844   1.000 17.194  ? 1088 ILE AAA CB  1 ? 
ATOM   946  C  CG1 . ILE A 1 110 ? 0.334   -8.263  8.544   1.000 18.068  ? 1088 ILE AAA CG1 1 ? 
ATOM   947  C  CG2 . ILE A 1 110 ? 1.800   -9.336  6.847   1.000 17.788  ? 1088 ILE AAA CG2 1 ? 
ATOM   948  C  CD1 . ILE A 1 110 ? -0.861  -7.961  7.662   1.000 19.245  ? 1088 ILE AAA CD1 1 ? 
ATOM   949  N  N   . ILE A 1 111 ? 4.671   -7.315  7.535   1.000 18.146  ? 1089 ILE AAA N   1 ? 
ATOM   950  C  CA  . ILE A 1 111 ? 5.945   -7.422  6.819   1.000 17.792  ? 1089 ILE AAA CA  1 ? 
ATOM   951  C  C   . ILE A 1 111 ? 7.088   -7.736  7.790   1.000 20.234  ? 1089 ILE AAA C   1 ? 
ATOM   952  O  O   . ILE A 1 111 ? 7.927   -8.628  7.544   1.000 20.544  ? 1089 ILE AAA O   1 ? 
ATOM   953  C  CB  . ILE A 1 111 ? 6.110   -6.172  5.941   1.000 20.361  ? 1089 ILE AAA CB  1 ? 
ATOM   954  C  CG1 . ILE A 1 111 ? 5.159   -6.339  4.718   1.000 23.746  ? 1089 ILE AAA CG1 1 ? 
ATOM   955  C  CG2 . ILE A 1 111 ? 7.610   -5.874  5.650   1.000 26.143  ? 1089 ILE AAA CG2 1 ? 
ATOM   956  C  CD1 . ILE A 1 111 ? 4.748   -4.982  4.051   1.000 28.202  ? 1089 ILE AAA CD1 1 ? 
ATOM   957  N  N   . LYS A 1 112 ? 7.080   -7.125  8.993   1.000 20.033  ? 1090 LYS AAA N   1 ? 
ATOM   958  C  CA  . LYS A 1 112 ? 8.176   -7.426  9.923   1.000 22.908  ? 1090 LYS AAA CA  1 ? 
ATOM   959  C  C   . LYS A 1 112 ? 8.152   -8.904  10.290  1.000 21.854  ? 1090 LYS AAA C   1 ? 
ATOM   960  O  O   . LYS A 1 112 ? 9.228   -9.507  10.440  1.000 26.361  ? 1090 LYS AAA O   1 ? 
ATOM   961  C  CB  . LYS A 1 112 ? 7.990   -6.505  11.141  1.000 24.638  ? 1090 LYS AAA CB  1 ? 
ATOM   962  C  CG  . LYS A 1 112 ? 9.023   -6.781  12.234  1.000 33.538  ? 1090 LYS AAA CG  1 ? 
ATOM   963  C  CD  . LYS A 1 112 ? 8.759   -5.937  13.491  1.000 45.236  ? 1090 LYS AAA CD  1 ? 
ATOM   964  C  CE  . LYS A 1 112 ? 9.852   -6.060  14.546  1.000 56.582  ? 1090 LYS AAA CE  1 ? 
ATOM   965  N  NZ  . LYS A 1 112 ? 11.156  -5.648  13.984  1.000 61.527  ? 1090 LYS AAA NZ  1 ? 
ATOM   966  N  N   . GLU A 1 113 ? 6.982   -9.507  10.441  1.000 21.201  ? 1091 GLU AAA N   1 ? 
ATOM   967  C  CA  . GLU A 1 113 ? 6.873   -10.881 10.919  1.000 21.626  ? 1091 GLU AAA CA  1 ? 
ATOM   968  C  C   . GLU A 1 113 ? 7.059   -11.884 9.760   1.000 22.277  ? 1091 GLU AAA C   1 ? 
ATOM   969  O  O   . GLU A 1 113 ? 7.422   -13.056 10.047  1.000 24.454  ? 1091 GLU AAA O   1 ? 
ATOM   970  C  CB  . GLU A 1 113 ? 5.477   -11.158 11.451  1.000 26.713  ? 1091 GLU AAA CB  1 ? 
ATOM   971  C  CG  . GLU A 1 113 ? 5.275   -10.498 12.809  1.000 41.272  ? 1091 GLU AAA CG  1 ? 
ATOM   972  C  CD  . GLU A 1 113 ? 4.209   -11.229 13.610  1.000 58.817  ? 1091 GLU AAA CD  1 ? 
ATOM   973  O  OE1 . GLU A 1 113 ? 3.036   -11.240 13.137  1.000 57.099  ? 1091 GLU AAA OE1 1 ? 
ATOM   974  O  OE2 . GLU A 1 113 ? 4.558   -11.824 14.677  1.000 67.030  ? 1091 GLU AAA OE2 1 ? 
ATOM   975  N  N   . GLU A 1 114 ? 6.774   -11.475 8.494   1.000 17.945  ? 1092 GLU AAA N   1 ? 
ATOM   976  C  CA  . GLU A 1 114 ? 6.627   -12.531 7.483   1.000 18.063  ? 1092 GLU AAA CA  1 ? 
ATOM   977  C  C   . GLU A 1 114 ? 7.528   -12.277 6.255   1.000 19.403  ? 1092 GLU AAA C   1 ? 
ATOM   978  O  O   . GLU A 1 114 ? 7.624   -13.201 5.436   1.000 21.823  ? 1092 GLU AAA O   1 ? 
ATOM   979  C  CB  . GLU A 1 114 ? 5.186   -12.537 6.928   1.000 17.595  ? 1092 GLU AAA CB  1 ? 
ATOM   980  C  CG  . GLU A 1 114 ? 4.190   -12.871 8.071   1.000 19.398  ? 1092 GLU AAA CG  1 ? 
ATOM   981  C  CD  . GLU A 1 114 ? 2.744   -12.885 7.639   1.000 20.379  ? 1092 GLU AAA CD  1 ? 
ATOM   982  O  OE1 . GLU A 1 114 ? 2.382   -13.145 6.501   1.000 21.467  ? 1092 GLU AAA OE1 1 ? 
ATOM   983  O  OE2 . GLU A 1 114 ? 1.893   -12.648 8.616   1.000 21.271  ? 1092 GLU AAA OE2 1 ? 
ATOM   984  N  N   . LEU A 1 115 ? 8.179   -11.149 6.103   1.000 19.268  ? 1093 LEU AAA N   1 ? 
ATOM   985  C  CA  . LEU A 1 115 ? 9.098   -10.905 4.977   1.000 19.000  ? 1093 LEU AAA CA  1 ? 
ATOM   986  C  C   . LEU A 1 115 ? 10.479  -11.345 5.450   1.000 20.663  ? 1093 LEU AAA C   1 ? 
ATOM   987  O  O   . LEU A 1 115 ? 11.026  -10.791 6.416   1.000 22.990  ? 1093 LEU AAA O   1 ? 
ATOM   988  C  CB  . LEU A 1 115 ? 9.151   -9.398  4.682   1.000 20.613  ? 1093 LEU AAA CB  1 ? 
ATOM   989  C  CG  . LEU A 1 115 ? 10.247  -8.939  3.697   1.000 23.233  ? 1093 LEU AAA CG  1 ? 
ATOM   990  C  CD1 . LEU A 1 115 ? 10.027  -9.617  2.380   1.000 23.056  ? 1093 LEU AAA CD1 1 ? 
ATOM   991  C  CD2 . LEU A 1 115 ? 10.223  -7.427  3.510   1.000 22.907  ? 1093 LEU AAA CD2 1 ? 
ATOM   992  N  N   . ASP A 1 116 ? 11.137  -12.229 4.659   1.000 20.145  ? 1094 ASP AAA N   1 ? 
ATOM   993  C  CA  . ASP A 1 116 ? 12.541  -12.478 4.975   1.000 21.356  ? 1094 ASP AAA CA  1 ? 
ATOM   994  C  C   . ASP A 1 116 ? 13.421  -11.340 4.453   1.000 20.070  ? 1094 ASP AAA C   1 ? 
ATOM   995  O  O   . ASP A 1 116 ? 13.283  -10.920 3.305   1.000 19.948  ? 1094 ASP AAA O   1 ? 
ATOM   996  C  CB  . ASP A 1 116 ? 12.877  -13.783 4.244   1.000 21.038  ? 1094 ASP AAA CB  1 ? 
ATOM   997  C  CG  . ASP A 1 116 ? 14.242  -14.303 4.648   1.000 30.334  ? 1094 ASP AAA CG  1 ? 
ATOM   998  O  OD1 . ASP A 1 116 ? 15.258  -13.583 4.489   1.000 33.176  ? 1094 ASP AAA OD1 1 ? 
ATOM   999  O  OD2 . ASP A 1 116 ? 14.293  -15.457 5.129   1.000 31.854  ? 1094 ASP AAA OD2 1 ? 
ATOM   1000 N  N   . GLU A 1 117 ? 14.320  -10.836 5.310   1.000 21.983  ? 1095 GLU AAA N   1 ? 
ATOM   1001 C  CA  . GLU A 1 117 ? 15.128  -9.684  4.964   1.000 21.123  ? 1095 GLU AAA CA  1 ? 
ATOM   1002 C  C   . GLU A 1 117 ? 16.059  -9.982  3.771   1.000 22.218  ? 1095 GLU AAA C   1 ? 
ATOM   1003 O  O   . GLU A 1 117 ? 16.331  -9.047  2.991   1.000 22.429  ? 1095 GLU AAA O   1 ? 
ATOM   1004 C  CB  . GLU A 1 117 ? 16.009  -9.201  6.142   1.000 26.608  ? 1095 GLU AAA CB  1 ? 
ATOM   1005 C  CG  . GLU A 1 117 ? 15.250  -8.418  7.202   1.000 48.042  ? 1095 GLU AAA CG  1 ? 
ATOM   1006 C  CD  . GLU A 1 117 ? 16.086  -8.149  8.451   1.000 65.279  ? 1095 GLU AAA CD  1 ? 
ATOM   1007 O  OE1 . GLU A 1 117 ? 17.355  -8.260  8.377   1.000 66.440  ? 1095 GLU AAA OE1 1 ? 
ATOM   1008 O  OE2 . GLU A 1 117 ? 15.470  -7.858  9.504   1.000 79.361  ? 1095 GLU AAA OE2 1 ? 
ATOM   1009 N  N   . ASP A 1 118 ? 16.469  -11.275 3.663   1.000 23.182  ? 1096 ASP AAA N   1 ? 
ATOM   1010 C  CA  . ASP A 1 118 ? 17.334  -11.605 2.525   1.000 21.002  ? 1096 ASP AAA CA  1 ? 
ATOM   1011 C  C   . ASP A 1 118 ? 16.583  -11.642 1.201   1.000 19.811  ? 1096 ASP AAA C   1 ? 
ATOM   1012 O  O   . ASP A 1 118 ? 17.122  -11.421 0.108   1.000 20.016  ? 1096 ASP AAA O   1 ? 
ATOM   1013 C  CB  . ASP A 1 118 ? 18.050  -12.944 2.731   1.000 21.210  ? 1096 ASP AAA CB  1 ? 
ATOM   1014 C  CG  . ASP A 1 118 ? 19.121  -12.847 3.815   1.000 26.490  ? 1096 ASP AAA CG  1 ? 
ATOM   1015 O  OD1 . ASP A 1 118 ? 19.620  -11.718 4.083   1.000 30.878  ? 1096 ASP AAA OD1 1 ? 
ATOM   1016 O  OD2 . ASP A 1 118 ? 19.202  -13.853 4.532   1.000 36.014  ? 1096 ASP AAA OD2 1 ? 
ATOM   1017 N  N   . PHE A 1 119 ? 15.240  -11.919 1.261   1.000 19.262  ? 1097 PHE AAA N   1 ? 
ATOM   1018 C  CA  . PHE A 1 119 ? 14.426  -11.872 0.062   1.000 17.382  ? 1097 PHE AAA CA  1 ? 
ATOM   1019 C  C   . PHE A 1 119 ? 14.282  -10.399 -0.364  1.000 18.008  ? 1097 PHE AAA C   1 ? 
ATOM   1020 O  O   . PHE A 1 119 ? 14.405  -10.096 -1.545  1.000 18.143  ? 1097 PHE AAA O   1 ? 
ATOM   1021 C  CB  . PHE A 1 119 ? 13.034  -12.481 0.398   1.000 18.954  ? 1097 PHE AAA CB  1 ? 
ATOM   1022 C  CG  . PHE A 1 119 ? 12.132  -12.497 -0.812  1.000 17.915  ? 1097 PHE AAA CG  1 ? 
ATOM   1023 C  CD1 . PHE A 1 119 ? 12.185  -13.510 -1.793  1.000 19.347  ? 1097 PHE AAA CD1 1 ? 
ATOM   1024 C  CD2 . PHE A 1 119 ? 11.258  -11.425 -0.999  1.000 17.352  ? 1097 PHE AAA CD2 1 ? 
ATOM   1025 C  CE1 . PHE A 1 119 ? 11.386  -13.440 -2.924  1.000 20.111  ? 1097 PHE AAA CE1 1 ? 
ATOM   1026 C  CE2 . PHE A 1 119 ? 10.474  -11.350 -2.154  1.000 17.567  ? 1097 PHE AAA CE2 1 ? 
ATOM   1027 C  CZ  . PHE A 1 119 ? 10.513  -12.381 -3.103  1.000 18.827  ? 1097 PHE AAA CZ  1 ? 
ATOM   1028 N  N   . GLU A 1 120 ? 13.997  -9.491  0.597   1.000 18.773  ? 1098 GLU AAA N   1 ? 
ATOM   1029 C  CA  . GLU A 1 120 ? 13.910  -8.080  0.233   1.000 20.077  ? 1098 GLU AAA CA  1 ? 
ATOM   1030 C  C   . GLU A 1 120 ? 15.246  -7.588  -0.335  1.000 18.949  ? 1098 GLU AAA C   1 ? 
ATOM   1031 O  O   . GLU A 1 120 ? 15.205  -6.853  -1.291  1.000 19.970  ? 1098 GLU AAA O   1 ? 
ATOM   1032 C  CB  . GLU A 1 120 ? 13.491  -7.268  1.472   1.000 22.510  ? 1098 GLU AAA CB  1 ? 
ATOM   1033 C  CG  . GLU A 1 120 ? 13.465  -5.786  1.209   1.000 21.810  ? 1098 GLU AAA CG  1 ? 
ATOM   1034 C  CD  . GLU A 1 120 ? 12.498  -5.246  0.156   1.000 22.856  ? 1098 GLU AAA CD  1 ? 
ATOM   1035 O  OE1 . GLU A 1 120 ? 11.767  -6.012  -0.462  1.000 25.403  ? 1098 GLU AAA OE1 1 ? 
ATOM   1036 O  OE2 . GLU A 1 120 ? 12.582  -3.970  -0.109  1.000 27.545  ? 1098 GLU AAA OE2 1 ? 
ATOM   1037 N  N   . GLN A 1 121 ? 16.350  -8.028  0.321   1.000 19.615  ? 1099 GLN AAA N   1 ? 
ATOM   1038 C  CA  . GLN A 1 121 ? 17.643  -7.547  -0.199  1.000 22.735  ? 1099 GLN AAA CA  1 ? 
ATOM   1039 C  C   . GLN A 1 121 ? 17.889  -8.030  -1.623  1.000 22.069  ? 1099 GLN AAA C   1 ? 
ATOM   1040 O  O   . GLN A 1 121 ? 18.388  -7.254  -2.452  1.000 21.771  ? 1099 GLN AAA O   1 ? 
ATOM   1041 C  CB  . GLN A 1 121 ? 18.698  -8.060  0.751   1.000 22.003  ? 1099 GLN AAA CB  1 ? 
ATOM   1042 C  CG  . GLN A 1 121 ? 20.092  -7.491  0.360   1.000 23.922  ? 1099 GLN AAA CG  1 ? 
ATOM   1043 C  CD  . GLN A 1 121 ? 20.197  -6.009  0.627   1.000 31.974  ? 1099 GLN AAA CD  1 ? 
ATOM   1044 O  OE1 . GLN A 1 121 ? 19.606  -5.522  1.589   1.000 35.584  ? 1099 GLN AAA OE1 1 ? 
ATOM   1045 N  NE2 . GLN A 1 121 ? 20.892  -5.296  -0.253  1.000 31.594  ? 1099 GLN AAA NE2 1 ? 
ATOM   1046 N  N   . LEU A 1 122 ? 17.529  -9.290  -1.931  1.000 19.839  ? 1100 LEU AAA N   1 ? 
ATOM   1047 C  CA  . LEU A 1 122 ? 17.615  -9.776  -3.288  1.000 20.407  ? 1100 LEU AAA CA  1 ? 
ATOM   1048 C  C   . LEU A 1 122 ? 16.811  -8.923  -4.264  1.000 22.780  ? 1100 LEU AAA C   1 ? 
ATOM   1049 O  O   . LEU A 1 122 ? 17.264  -8.569  -5.386  1.000 21.561  ? 1100 LEU AAA O   1 ? 
ATOM   1050 C  CB  . LEU A 1 122 ? 17.247  -11.277 -3.330  1.000 20.374  ? 1100 LEU AAA CB  1 ? 
ATOM   1051 C  CG  . LEU A 1 122 ? 17.161  -11.859 -4.740  1.000 20.845  ? 1100 LEU AAA CG  1 ? 
ATOM   1052 C  CD1 . LEU A 1 122 ? 18.562  -11.802 -5.461  1.000 22.602  ? 1100 LEU AAA CD1 1 ? 
ATOM   1053 C  CD2 . LEU A 1 122 ? 16.680  -13.297 -4.680  1.000 23.448  ? 1100 LEU AAA CD2 1 ? 
ATOM   1054 N  N   . CYS A 1 123 ? 15.532  -8.606  -3.890  1.000 20.453  ? 1101 CYS AAA N   1 ? 
ATOM   1055 C  CA  . CYS A 1 123 ? 14.723  -7.820  -4.805  1.000 21.827  ? 1101 CYS AAA CA  1 ? 
ATOM   1056 C  C   . CYS A 1 123 ? 15.414  -6.473  -5.064  1.000 21.429  ? 1101 CYS AAA C   1 ? 
ATOM   1057 O  O   . CYS A 1 123 ? 15.333  -5.968  -6.194  1.000 22.822  ? 1101 CYS AAA O   1 ? 
ATOM   1058 C  CB  . CYS A 1 123 ? 13.349  -7.582  -4.169  1.000 19.959  ? 1101 CYS AAA CB  1 ? 
ATOM   1059 S  SG  . CYS A 1 123 ? 12.282  -9.052  -4.155  1.000 20.720  ? 1101 CYS AAA SG  1 ? 
ATOM   1060 N  N   . GLU A 1 124 ? 15.904  -5.848  -4.004  1.000 21.743  ? 1102 GLU AAA N   1 ? 
ATOM   1061 C  CA  . GLU A 1 124 ? 16.554  -4.527  -4.099  1.000 24.617  ? 1102 GLU AAA CA  1 ? 
ATOM   1062 C  C   . GLU A 1 124 ? 17.741  -4.641  -5.062  1.000 28.056  ? 1102 GLU AAA C   1 ? 
ATOM   1063 O  O   . GLU A 1 124 ? 17.945  -3.771  -5.924  1.000 29.879  ? 1102 GLU AAA O   1 ? 
ATOM   1064 C  CB  . GLU A 1 124 ? 16.955  -4.020  -2.718  1.000 23.865  ? 1102 GLU AAA CB  1 ? 
ATOM   1065 C  CG  . GLU A 1 124 ? 15.708  -3.640  -1.872  1.000 30.070  ? 1102 GLU AAA CG  1 ? 
ATOM   1066 C  CD  . GLU A 1 124 ? 15.847  -2.968  -0.502  1.000 39.871  ? 1102 GLU AAA CD  1 ? 
ATOM   1067 O  OE1 . GLU A 1 124 ? 16.955  -2.487  -0.245  1.000 46.984  ? 1102 GLU AAA OE1 1 ? 
ATOM   1068 O  OE2 . GLU A 1 124 ? 14.810  -2.864  0.315   1.000 36.879  ? 1102 GLU AAA OE2 1 ? 
ATOM   1069 N  N   . GLU A 1 125 ? 18.506  -5.741  -4.925  1.000 23.783  ? 1103 GLU AAA N   1 ? 
ATOM   1070 C  CA  . GLU A 1 125 ? 19.699  -5.810  -5.806  1.000 25.510  ? 1103 GLU AAA CA  1 ? 
ATOM   1071 C  C   . GLU A 1 125 ? 19.312  -6.070  -7.234  1.000 27.059  ? 1103 GLU AAA C   1 ? 
ATOM   1072 O  O   . GLU A 1 125 ? 20.015  -5.558  -8.114  1.000 32.716  ? 1103 GLU AAA O   1 ? 
ATOM   1073 C  CB  . GLU A 1 125 ? 20.740  -6.794  -5.241  1.000 24.321  ? 1103 GLU AAA CB  1 ? 
ATOM   1074 C  CG  . GLU A 1 125 ? 21.277  -6.292  -3.905  1.000 24.725  ? 1103 GLU AAA CG  1 ? 
ATOM   1075 C  CD  . GLU A 1 125 ? 22.319  -7.139  -3.129  1.000 26.614  ? 1103 GLU AAA CD  1 ? 
ATOM   1076 O  OE1 . GLU A 1 125 ? 22.671  -8.224  -3.644  1.000 26.069  ? 1103 GLU AAA OE1 1 ? 
ATOM   1077 O  OE2 . GLU A 1 125 ? 22.709  -6.804  -1.992  1.000 28.467  ? 1103 GLU AAA OE2 1 ? 
ATOM   1078 N  N   . ILE A 1 126 ? 18.304  -6.878  -7.577  1.000 23.325  ? 1104 ILE AAA N   1 ? 
ATOM   1079 C  CA  . ILE A 1 126 ? 17.880  -7.034  -8.931  1.000 24.695  ? 1104 ILE AAA CA  1 ? 
ATOM   1080 C  C   . ILE A 1 126 ? 17.362  -5.678  -9.431  1.000 30.302  ? 1104 ILE AAA C   1 ? 
ATOM   1081 O  O   . ILE A 1 126 ? 17.695  -5.236  -10.537 1.000 33.255  ? 1104 ILE AAA O   1 ? 
ATOM   1082 C  CB  . ILE A 1 126 ? 16.809  -8.112  -9.033  1.000 26.332  ? 1104 ILE AAA CB  1 ? 
ATOM   1083 C  CG1 . ILE A 1 126 ? 17.273  -9.437  -8.410  1.000 24.483  ? 1104 ILE AAA CG1 1 ? 
ATOM   1084 C  CG2 . ILE A 1 126 ? 16.317  -8.260  -10.466 1.000 28.302  ? 1104 ILE AAA CG2 1 ? 
ATOM   1085 C  CD1 . ILE A 1 126 ? 16.111  -10.394 -8.229  1.000 27.751  ? 1104 ILE AAA CD1 1 ? 
ATOM   1086 N  N   . GLN A 1 127 ? 16.544  -4.958  -8.639  1.000 30.049  ? 1105 GLN AAA N   1 ? 
ATOM   1087 C  CA  . GLN A 1 127 ? 15.977  -3.685  -9.095  1.000 32.415  ? 1105 GLN AAA CA  1 ? 
ATOM   1088 C  C   . GLN A 1 127 ? 17.118  -2.730  -9.497  1.000 35.544  ? 1105 GLN AAA C   1 ? 
ATOM   1089 O  O   . GLN A 1 127 ? 17.062  -2.084  -10.550 1.000 36.810  ? 1105 GLN AAA O   1 ? 
ATOM   1090 C  CB  . GLN A 1 127 ? 15.123  -3.071  -7.962  1.000 28.255  ? 1105 GLN AAA CB  1 ? 
ATOM   1091 C  CG  . GLN A 1 127 ? 14.619  -1.645  -8.260  1.000 35.703  ? 1105 GLN AAA CG  1 ? 
ATOM   1092 C  CD  . GLN A 1 127 ? 13.861  -1.008  -7.113  1.000 38.780  ? 1105 GLN AAA CD  1 ? 
ATOM   1093 O  OE1 . GLN A 1 127 ? 14.375  -0.833  -5.992  1.000 38.002  ? 1105 GLN AAA OE1 1 ? 
ATOM   1094 N  NE2 . GLN A 1 127 ? 12.619  -0.621  -7.376  1.000 39.049  ? 1105 GLN AAA NE2 1 ? 
ATOM   1095 N  N   . GLU A 1 128 ? 18.141  -2.655  -8.653  1.000 32.603  ? 1106 GLU AAA N   1 ? 
ATOM   1096 C  CA  . GLU A 1 128 ? 19.245  -1.715  -8.835  1.000 37.927  ? 1106 GLU AAA CA  1 ? 
ATOM   1097 C  C   . GLU A 1 128 ? 20.094  -2.083  -10.052 1.000 43.858  ? 1106 GLU AAA C   1 ? 
ATOM   1098 O  O   . GLU A 1 128 ? 20.801  -1.212  -10.574 1.000 47.611  ? 1106 GLU AAA O   1 ? 
ATOM   1099 C  CB  . GLU A 1 128 ? 20.045  -1.605  -7.531  1.000 34.308  ? 1106 GLU AAA CB  1 ? 
ATOM   1100 C  CG  . GLU A 1 128 ? 21.450  -1.042  -7.701  1.000 61.324  ? 1106 GLU AAA CG  1 ? 
ATOM   1101 C  CD  . GLU A 1 128 ? 21.552  0.445   -8.002  1.000 75.866  ? 1106 GLU AAA CD  1 ? 
ATOM   1102 O  OE1 . GLU A 1 128 ? 21.268  0.849   -9.164  1.000 82.609  ? 1106 GLU AAA OE1 1 ? 
ATOM   1103 O  OE2 . GLU A 1 128 ? 21.927  1.202   -7.076  1.000 87.823  ? 1106 GLU AAA OE2 1 ? 
ATOM   1104 N  N   A SER A 1 129 ? 20.004  -3.341  -10.515 0.500 40.979  ? 1107 SER AAA N   1 ? 
ATOM   1105 N  N   B SER A 1 129 ? 20.038  -3.348  -10.482 0.500 49.117  ? 1107 SER AAA N   1 ? 
ATOM   1106 C  CA  A SER A 1 129 ? 20.779  -3.861  -11.640 0.500 44.124  ? 1107 SER AAA CA  1 ? 
ATOM   1107 C  CA  B SER A 1 129 ? 20.800  -3.813  -11.632 0.500 54.833  ? 1107 SER AAA CA  1 ? 
ATOM   1108 C  C   A SER A 1 129 ? 20.160  -3.448  -12.972 0.500 48.683  ? 1107 SER AAA C   1 ? 
ATOM   1109 C  C   B SER A 1 129 ? 19.948  -3.765  -12.897 0.500 57.796  ? 1107 SER AAA C   1 ? 
ATOM   1110 O  O   A SER A 1 129 ? 20.754  -3.678  -14.025 0.500 45.600  ? 1107 SER AAA O   1 ? 
ATOM   1111 O  O   B SER A 1 129 ? 20.182  -4.536  -13.826 0.500 59.515  ? 1107 SER AAA O   1 ? 
ATOM   1112 C  CB  A SER A 1 129 ? 20.923  -5.379  -11.584 0.500 34.396  ? 1107 SER AAA CB  1 ? 
ATOM   1113 C  CB  B SER A 1 129 ? 21.337  -5.200  -11.404 0.500 51.836  ? 1107 SER AAA CB  1 ? 
ATOM   1114 O  OG  A SER A 1 129 ? 19.704  -6.032  -11.924 0.500 32.354  ? 1107 SER AAA OG  1 ? 
ATOM   1115 O  OG  B SER A 1 129 ? 22.464  -5.146  -10.546 0.500 53.234  ? 1107 SER AAA OG  1 ? 
ATOM   1116 N  N   . ARG A 1 130 ? 18.956  -2.867  -12.918 1.000 53.545  ? 1108 ARG AAA N   1 ? 
ATOM   1117 C  CA  . ARG A 1 130 ? 18.138  -2.694  -14.107 1.000 63.740  ? 1108 ARG AAA CA  1 ? 
ATOM   1118 C  C   . ARG A 1 130 ? 18.241  -1.249  -14.620 1.000 71.356  ? 1108 ARG AAA C   1 ? 
ATOM   1119 O  O   . ARG A 1 130 ? 18.590  -0.290  -13.902 1.000 68.846  ? 1108 ARG AAA O   1 ? 
ATOM   1120 C  CB  . ARG A 1 130 ? 16.697  -3.161  -13.876 1.000 59.979  ? 1108 ARG AAA CB  1 ? 
ATOM   1121 C  CG  . ARG A 1 130 ? 16.609  -4.667  -13.684 1.000 61.558  ? 1108 ARG AAA CG  1 ? 
ATOM   1122 C  CD  . ARG A 1 130 ? 15.260  -5.347  -13.783 1.000 58.974  ? 1108 ARG AAA CD  1 ? 
ATOM   1123 N  NE  . ARG A 1 130 ? 15.580  -6.780  -13.855 1.000 54.956  ? 1108 ARG AAA NE  1 ? 
ATOM   1124 C  CZ  . ARG A 1 130 ? 14.684  -7.742  -14.037 1.000 55.121  ? 1108 ARG AAA CZ  1 ? 
ATOM   1125 N  NH1 . ARG A 1 130 ? 15.044  -9.019  -14.085 1.000 51.299  ? 1108 ARG AAA NH1 1 ? 
ATOM   1126 N  NH2 . ARG A 1 130 ? 13.413  -7.411  -14.198 1.000 61.422  ? 1108 ARG AAA NH2 1 ? 
ATOM   1127 O  OXT . ARG A 1 130 ? 17.969  -1.052  -15.805 1.000 78.440  ? 1108 ARG AAA OXT 1 ? 
HETATM 1128 S  S   . SO4 B 2 .   ? 1.536   -13.476 -11.230 1.000 31.275  ? 1201 SO4 AAA S   1 ? 
HETATM 1129 O  O1  . SO4 B 2 .   ? 2.553   -13.549 -12.190 1.000 29.461  ? 1201 SO4 AAA O1  1 ? 
HETATM 1130 O  O2  . SO4 B 2 .   ? 1.427   -14.853 -10.617 1.000 36.617  ? 1201 SO4 AAA O2  1 ? 
HETATM 1131 O  O3  . SO4 B 2 .   ? 1.964   -12.563 -10.213 1.000 34.062  ? 1201 SO4 AAA O3  1 ? 
HETATM 1132 O  O4  . SO4 B 2 .   ? 0.240   -13.097 -11.694 1.000 32.303  ? 1201 SO4 AAA O4  1 ? 
HETATM 1133 CL CL  . CL  C 3 .   ? -17.657 3.182   10.518  1.000 67.205  ? 1202 CL  AAA CL  1 ? 
HETATM 1134 C  C4  . HNU D 4 .   ? -4.681  9.224   15.782  1.000 75.917  ? 1203 HNU AAA C4  1 ? 
HETATM 1135 C  C5  . HNU D 4 .   ? -6.175  9.472   16.105  1.000 58.919  ? 1203 HNU AAA C5  1 ? 
HETATM 1136 C  C6  . HNU D 4 .   ? -6.447  10.882  16.660  1.000 71.928  ? 1203 HNU AAA C6  1 ? 
HETATM 1137 C  C7  . HNU D 4 .   ? -5.958  12.004  15.756  1.000 70.636  ? 1203 HNU AAA C7  1 ? 
HETATM 1138 C  C8  . HNU D 4 .   ? -4.834  12.877  16.267  1.000 72.534  ? 1203 HNU AAA C8  1 ? 
HETATM 1139 C  C9  . HNU D 4 .   ? -7.463  8.630   18.116  1.000 49.217  ? 1203 HNU AAA C9  1 ? 
HETATM 1140 C  C10 . HNU D 4 .   ? -8.693  9.456   17.867  1.000 80.320  ? 1203 HNU AAA C10 1 ? 
HETATM 1141 N  N1  . HNU D 4 .   ? -4.032  9.294   14.659  1.000 68.583  ? 1203 HNU AAA N1  1 ? 
HETATM 1142 N  N2  . HNU D 4 .   ? -5.115  13.641  17.315  1.000 78.993  ? 1203 HNU AAA N2  1 ? 
HETATM 1143 C  C3  . HNU D 4 .   ? -3.057  8.364   14.309  1.000 67.648  ? 1203 HNU AAA C3  1 ? 
HETATM 1144 N  N3  . HNU D 4 .   ? -6.630  8.459   17.064  1.000 61.512  ? 1203 HNU AAA N3  1 ? 
HETATM 1145 C  C1  . HNU D 4 .   ? -1.148  9.483   13.307  1.000 66.178  ? 1203 HNU AAA C1  1 ? 
HETATM 1146 C  C2  . HNU D 4 .   ? -1.923  8.393   13.333  1.000 65.634  ? 1203 HNU AAA C2  1 ? 
HETATM 1147 O  O1  . HNU D 4 .   ? -3.886  8.808   16.669  1.000 99.528  ? 1203 HNU AAA O1  1 ? 
HETATM 1148 O  O2  . HNU D 4 .   ? -3.737  12.907  15.696  1.000 71.395  ? 1203 HNU AAA O2  1 ? 
HETATM 1149 O  O3  . HNU D 4 .   ? -7.248  8.112   19.210  1.000 31.844  ? 1203 HNU AAA O3  1 ? 
HETATM 1150 C  C1  . EDO E 5 .   ? 8.558   -13.535 0.218   1.000 20.860  ? 1204 EDO AAA C1  1 ? 
HETATM 1151 O  O1  . EDO E 5 .   ? 7.963   -14.808 0.296   1.000 22.622  ? 1204 EDO AAA O1  1 ? 
HETATM 1152 C  C2  . EDO E 5 .   ? 8.642   -12.858 1.563   1.000 28.270  ? 1204 EDO AAA C2  1 ? 
HETATM 1153 O  O2  . EDO E 5 .   ? 9.754   -13.477 2.293   1.000 28.682  ? 1204 EDO AAA O2  1 ? 
HETATM 1154 C  C1  . EDO F 5 .   ? -8.205  -8.533  -2.018  1.000 63.247  ? 1205 EDO AAA C1  1 ? 
HETATM 1155 O  O1  . EDO F 5 .   ? -7.259  -7.459  -2.044  1.000 54.990  ? 1205 EDO AAA O1  1 ? 
HETATM 1156 C  C2  . EDO F 5 .   ? -9.584  -7.993  -1.913  1.000 62.981  ? 1205 EDO AAA C2  1 ? 
HETATM 1157 O  O2  . EDO F 5 .   ? -10.327 -8.692  -0.958  1.000 66.992  ? 1205 EDO AAA O2  1 ? 
HETATM 1158 S  S   . SO4 G 2 .   ? 2.796   5.054   -11.972 0.500 116.738 ? 1206 SO4 AAA S   1 ? 
HETATM 1159 O  O1  . SO4 G 2 .   ? 3.192   4.657   -13.298 0.500 107.479 ? 1206 SO4 AAA O1  1 ? 
HETATM 1160 O  O2  . SO4 G 2 .   ? 2.046   3.985   -11.362 0.500 102.475 ? 1206 SO4 AAA O2  1 ? 
HETATM 1161 O  O3  . SO4 G 2 .   ? 3.964   5.332   -11.183 0.500 115.628 ? 1206 SO4 AAA O3  1 ? 
HETATM 1162 O  O4  . SO4 G 2 .   ? 1.990   6.245   -12.044 0.500 108.835 ? 1206 SO4 AAA O4  1 ? 
HETATM 1163 O  O   . HOH H 6 .   ? -7.330  8.664   20.258  1.000 99.792  ? 1301 HOH AAA O   1 ? 
HETATM 1164 O  O   . HOH H 6 .   ? -2.102  8.431   -7.403  1.000 38.372  ? 1302 HOH AAA O   1 ? 
HETATM 1165 O  O   . HOH H 6 .   ? -2.636  -16.213 2.306   1.000 56.784  ? 1303 HOH AAA O   1 ? 
HETATM 1166 O  O   . HOH H 6 .   ? -8.106  21.119  11.498  1.000 52.722  ? 1304 HOH AAA O   1 ? 
HETATM 1167 O  O   . HOH H 6 .   ? 8.707   -9.783  -13.465 1.000 56.495  ? 1305 HOH AAA O   1 ? 
HETATM 1168 O  O   . HOH H 6 .   ? -10.934 20.248  1.239   1.000 65.902  ? 1306 HOH AAA O   1 ? 
HETATM 1169 O  O   . HOH H 6 .   ? 22.422  -5.105  -8.352  1.000 36.097  ? 1307 HOH AAA O   1 ? 
HETATM 1170 O  O   . HOH H 6 .   ? 7.823   4.435   2.602   1.000 59.393  ? 1308 HOH AAA O   1 ? 
HETATM 1171 O  O   . HOH H 6 .   ? 0.687   6.073   -13.905 1.000 46.220  ? 1309 HOH AAA O   1 ? 
HETATM 1172 O  O   . HOH H 6 .   ? 0.049   14.768  2.690   1.000 50.535  ? 1310 HOH AAA O   1 ? 
HETATM 1173 O  O   . HOH H 6 .   ? 17.681  -18.788 -16.214 1.000 87.876  ? 1311 HOH AAA O   1 ? 
HETATM 1174 O  O   . HOH H 6 .   ? -3.125  11.728  13.784  1.000 71.627  ? 1312 HOH AAA O   1 ? 
HETATM 1175 O  O   . HOH H 6 .   ? -7.026  10.189  13.880  1.000 130.591 ? 1313 HOH AAA O   1 ? 
HETATM 1176 O  O   . HOH H 6 .   ? -4.367  -13.047 2.396   1.000 44.105  ? 1314 HOH AAA O   1 ? 
HETATM 1177 O  O   . HOH H 6 .   ? -0.210  -19.331 -10.100 1.000 33.171  ? 1315 HOH AAA O   1 ? 
HETATM 1178 O  O   . HOH H 6 .   ? 4.542   3.157   -10.319 1.000 68.321  ? 1316 HOH AAA O   1 ? 
HETATM 1179 O  O   . HOH H 6 .   ? 9.301   -0.937  -7.565  1.000 32.039  ? 1317 HOH AAA O   1 ? 
HETATM 1180 O  O   . HOH H 6 .   ? 23.864  -3.290  -9.856  1.000 55.158  ? 1318 HOH AAA O   1 ? 
HETATM 1181 O  O   . HOH H 6 .   ? 6.322   -13.498 -14.171 1.000 53.866  ? 1319 HOH AAA O   1 ? 
HETATM 1182 O  O   . HOH H 6 .   ? 16.706  -1.272  -5.388  1.000 46.304  ? 1320 HOH AAA O   1 ? 
HETATM 1183 O  O   . HOH H 6 .   ? -3.358  6.672   15.577  1.000 59.194  ? 1321 HOH AAA O   1 ? 
HETATM 1184 O  O   . HOH H 6 .   ? -2.725  14.144  17.583  1.000 71.818  ? 1322 HOH AAA O   1 ? 
HETATM 1185 O  O   . HOH H 6 .   ? 1.918   -12.444 11.079  1.000 40.615  ? 1323 HOH AAA O   1 ? 
HETATM 1186 O  O   . HOH H 6 .   ? 19.258  0.886   -11.787 1.000 76.915  ? 1324 HOH AAA O   1 ? 
HETATM 1187 O  O   . HOH H 6 .   ? -16.137 8.393   -1.928  1.000 66.988  ? 1325 HOH AAA O   1 ? 
HETATM 1188 O  O   . HOH H 6 .   ? 20.263  -8.611  -11.650 1.000 45.990  ? 1326 HOH AAA O   1 ? 
HETATM 1189 O  O   . HOH H 6 .   ? -11.608 17.837  7.602   1.000 51.341  ? 1327 HOH AAA O   1 ? 
HETATM 1190 O  O   . HOH H 6 .   ? -11.326 13.211  20.747  1.000 47.763  ? 1328 HOH AAA O   1 ? 
HETATM 1191 O  O   . HOH H 6 .   ? -7.495  10.093  2.183   1.000 31.506  ? 1329 HOH AAA O   1 ? 
HETATM 1192 O  O   . HOH H 6 .   ? 6.597   -18.534 -9.822  0.500 42.474  ? 1330 HOH AAA O   1 ? 
HETATM 1193 O  O   . HOH H 6 .   ? -5.422  -6.210  -11.496 1.000 35.930  ? 1331 HOH AAA O   1 ? 
HETATM 1194 O  O   . HOH H 6 .   ? -2.584  15.082  -9.026  1.000 41.675  ? 1332 HOH AAA O   1 ? 
HETATM 1195 O  O   . HOH H 6 .   ? 12.496  -20.052 -8.741  1.000 52.961  ? 1333 HOH AAA O   1 ? 
HETATM 1196 O  O   . HOH H 6 .   ? -5.200  -9.609  -8.584  1.000 41.975  ? 1334 HOH AAA O   1 ? 
HETATM 1197 O  O   . HOH H 6 .   ? -9.948  10.768  3.383   1.000 42.205  ? 1335 HOH AAA O   1 ? 
HETATM 1198 O  O   . HOH H 6 .   ? -5.857  8.548   -1.106  1.000 29.536  ? 1336 HOH AAA O   1 ? 
HETATM 1199 O  O   . HOH H 6 .   ? 5.493   4.876   8.447   1.000 49.734  ? 1337 HOH AAA O   1 ? 
HETATM 1200 O  O   . HOH H 6 .   ? 24.350  -4.745  -1.679  1.000 42.624  ? 1338 HOH AAA O   1 ? 
HETATM 1201 O  O   . HOH H 6 .   ? 11.250  -17.082 -0.176  1.000 25.075  ? 1339 HOH AAA O   1 ? 
HETATM 1202 O  O   . HOH H 6 .   ? -7.285  6.128   -4.989  1.000 35.745  ? 1340 HOH AAA O   1 ? 
HETATM 1203 O  O   . HOH H 6 .   ? -2.679  6.880   18.039  1.000 51.498  ? 1341 HOH AAA O   1 ? 
HETATM 1204 O  O   . HOH H 6 .   ? -4.187  -4.767  13.106  1.000 36.538  ? 1342 HOH AAA O   1 ? 
HETATM 1205 O  O   . HOH H 6 .   ? -12.485 -3.654  4.513   1.000 28.406  ? 1343 HOH AAA O   1 ? 
HETATM 1206 O  O   . HOH H 6 .   ? -16.744 14.893  10.220  1.000 76.157  ? 1344 HOH AAA O   1 ? 
HETATM 1207 O  O   . HOH H 6 .   ? -13.096 5.379   8.014   1.000 44.737  ? 1345 HOH AAA O   1 ? 
HETATM 1208 O  O   . HOH H 6 .   ? -4.133  19.250  6.149   1.000 44.145  ? 1346 HOH AAA O   1 ? 
HETATM 1209 O  O   . HOH H 6 .   ? -7.415  5.680   0.555   1.000 28.565  ? 1347 HOH AAA O   1 ? 
HETATM 1210 O  O   . HOH H 6 .   ? 2.453   5.941   -6.144  1.000 37.231  ? 1348 HOH AAA O   1 ? 
HETATM 1211 O  O   . HOH H 6 .   ? -12.738 -5.697  0.918   1.000 47.909  ? 1349 HOH AAA O   1 ? 
HETATM 1212 O  O   . HOH H 6 .   ? -13.589 9.532   16.516  1.000 25.609  ? 1350 HOH AAA O   1 ? 
HETATM 1213 O  O   . HOH H 6 .   ? 3.350   -8.856  14.383  1.000 73.701  ? 1351 HOH AAA O   1 ? 
HETATM 1214 O  O   . HOH H 6 .   ? -16.223 -0.524  8.217   1.000 49.835  ? 1352 HOH AAA O   1 ? 
HETATM 1215 O  O   . HOH H 6 .   ? -4.239  16.750  12.473  1.000 49.100  ? 1353 HOH AAA O   1 ? 
HETATM 1216 O  O   . HOH H 6 .   ? 14.636  -11.887 -17.231 1.000 50.548  ? 1354 HOH AAA O   1 ? 
HETATM 1217 O  O   . HOH H 6 .   ? 3.319   -2.427  -16.413 1.000 60.417  ? 1355 HOH AAA O   1 ? 
HETATM 1218 O  O   . HOH H 6 .   ? 0.121   12.495  1.329   1.000 27.111  ? 1356 HOH AAA O   1 ? 
HETATM 1219 O  O   . HOH H 6 .   ? 0.039   2.356   -12.204 1.000 51.703  ? 1357 HOH AAA O   1 ? 
HETATM 1220 O  O   . HOH H 6 .   ? -17.367 14.308  13.187  1.000 46.612  ? 1358 HOH AAA O   1 ? 
HETATM 1221 O  O   . HOH H 6 .   ? -3.482  15.492  10.402  1.000 39.823  ? 1359 HOH AAA O   1 ? 
HETATM 1222 O  O   . HOH H 6 .   ? -6.153  7.740   2.093   1.000 29.765  ? 1360 HOH AAA O   1 ? 
HETATM 1223 O  O   . HOH H 6 .   ? 5.594   -15.402 1.507   1.000 19.851  ? 1361 HOH AAA O   1 ? 
HETATM 1224 O  O   . HOH H 6 .   ? -5.111  -8.988  -2.737  1.000 50.915  ? 1362 HOH AAA O   1 ? 
HETATM 1225 O  O   . HOH H 6 .   ? 20.246  -9.104  3.611   1.000 42.467  ? 1363 HOH AAA O   1 ? 
HETATM 1226 O  O   . HOH H 6 .   ? -7.493  -9.510  7.960   1.000 34.619  ? 1364 HOH AAA O   1 ? 
HETATM 1227 O  O   . HOH H 6 .   ? 7.466   -7.460  -15.880 1.000 64.191  ? 1365 HOH AAA O   1 ? 
HETATM 1228 O  O   . HOH H 6 .   ? 3.824   -1.606  12.937  1.000 29.737  ? 1366 HOH AAA O   1 ? 
HETATM 1229 O  O   . HOH H 6 .   ? 4.786   7.697   0.559   1.000 27.472  ? 1367 HOH AAA O   1 ? 
HETATM 1230 O  O   . HOH H 6 .   ? -3.051  20.202  -1.919  1.000 52.306  ? 1368 HOH AAA O   1 ? 
HETATM 1231 O  O   . HOH H 6 .   ? -15.414 18.449  17.504  1.000 29.715  ? 1369 HOH AAA O   1 ? 
HETATM 1232 O  O   . HOH H 6 .   ? -7.512  0.143   -10.022 1.000 46.423  ? 1370 HOH AAA O   1 ? 
HETATM 1233 O  O   . HOH H 6 .   ? 2.018   -12.667 2.428   1.000 30.844  ? 1371 HOH AAA O   1 ? 
HETATM 1234 O  O   . HOH H 6 .   ? -13.150 2.148   7.155   1.000 33.161  ? 1372 HOH AAA O   1 ? 
HETATM 1235 O  O   . HOH H 6 .   ? -4.269  21.620  -3.512  1.000 51.163  ? 1373 HOH AAA O   1 ? 
HETATM 1236 O  O   . HOH H 6 .   ? 11.642  -0.283  -9.950  1.000 58.683  ? 1374 HOH AAA O   1 ? 
HETATM 1237 O  O   . HOH H 6 .   ? 5.845   3.182   -4.810  1.000 39.936  ? 1375 HOH AAA O   1 ? 
HETATM 1238 O  O   . HOH H 6 .   ? 10.437  -20.704 -13.426 1.000 67.731  ? 1376 HOH AAA O   1 ? 
HETATM 1239 O  O   . HOH H 6 .   ? -5.467  14.216  -7.714  1.000 44.965  ? 1377 HOH AAA O   1 ? 
HETATM 1240 O  O   . HOH H 6 .   ? 17.268  -15.632 5.436   1.000 45.088  ? 1378 HOH AAA O   1 ? 
HETATM 1241 O  O   . HOH H 6 .   ? 8.720   -13.842 12.377  1.000 44.607  ? 1379 HOH AAA O   1 ? 
HETATM 1242 O  O   . HOH H 6 .   ? 13.154  0.006   -3.564  1.000 40.820  ? 1380 HOH AAA O   1 ? 
HETATM 1243 O  O   . HOH H 6 .   ? 6.030   -15.167 4.272   1.000 26.378  ? 1381 HOH AAA O   1 ? 
HETATM 1244 O  O   . HOH H 6 .   ? -7.590  -0.064  15.322  1.000 32.164  ? 1382 HOH AAA O   1 ? 
HETATM 1245 O  O   . HOH H 6 .   ? -4.305  -2.575  15.085  1.000 53.828  ? 1383 HOH AAA O   1 ? 
HETATM 1246 O  O   . HOH H 6 .   ? 0.165   13.910  5.627   1.000 47.707  ? 1384 HOH AAA O   1 ? 
HETATM 1247 O  O   . HOH H 6 .   ? 8.016   -11.965 -12.851 1.000 31.437  ? 1385 HOH AAA O   1 ? 
HETATM 1248 O  O   . HOH H 6 .   ? 12.231  -17.314 4.766   1.000 37.770  ? 1386 HOH AAA O   1 ? 
HETATM 1249 O  O   . HOH H 6 .   ? -1.303  -13.917 -3.044  1.000 16.714  ? 1387 HOH AAA O   1 ? 
HETATM 1250 O  O   . HOH H 6 .   ? -1.099  12.973  -2.235  1.000 28.940  ? 1388 HOH AAA O   1 ? 
HETATM 1251 O  O   . HOH H 6 .   ? 16.765  -13.386 6.853   1.000 63.893  ? 1389 HOH AAA O   1 ? 
HETATM 1252 O  O   . HOH H 6 .   ? -9.124  2.060   14.127  1.000 26.993  ? 1390 HOH AAA O   1 ? 
HETATM 1253 O  O   . HOH H 6 .   ? 4.740   -13.795 16.683  1.000 74.461  ? 1391 HOH AAA O   1 ? 
HETATM 1254 O  O   . HOH H 6 .   ? 14.040  -15.875 -5.140  1.000 36.709  ? 1392 HOH AAA O   1 ? 
HETATM 1255 O  O   . HOH H 6 .   ? -6.943  16.250  16.714  1.000 41.639  ? 1393 HOH AAA O   1 ? 
HETATM 1256 O  O   . HOH H 6 .   ? -7.749  -4.721  -2.624  1.000 42.552  ? 1394 HOH AAA O   1 ? 
HETATM 1257 O  O   . HOH H 6 .   ? 11.303  4.285   2.106   1.000 82.960  ? 1395 HOH AAA O   1 ? 
HETATM 1258 O  O   . HOH H 6 .   ? -7.919  -3.788  -8.236  1.000 38.757  ? 1396 HOH AAA O   1 ? 
HETATM 1259 O  O   . HOH H 6 .   ? -4.003  3.954   14.891  1.000 39.228  ? 1397 HOH AAA O   1 ? 
HETATM 1260 O  O   . HOH H 6 .   ? -9.551  8.657   -4.759  1.000 59.213  ? 1398 HOH AAA O   1 ? 
HETATM 1261 O  O   . HOH H 6 .   ? -13.659 19.735  13.563  1.000 50.273  ? 1399 HOH AAA O   1 ? 
HETATM 1262 O  O   . HOH H 6 .   ? -2.524  -10.877 9.951   1.000 48.164  ? 1400 HOH AAA O   1 ? 
HETATM 1263 O  O   . HOH H 6 .   ? 3.577   9.316   2.306   1.000 32.410  ? 1401 HOH AAA O   1 ? 
HETATM 1264 O  O   . HOH H 6 .   ? -5.399  13.175  20.133  1.000 70.912  ? 1402 HOH AAA O   1 ? 
HETATM 1265 O  O   . HOH H 6 .   ? 7.305   0.782   -11.355 1.000 49.060  ? 1403 HOH AAA O   1 ? 
HETATM 1266 O  O   . HOH H 6 .   ? -10.989 -5.415  12.595  1.000 54.958  ? 1404 HOH AAA O   1 ? 
HETATM 1267 O  O   . HOH H 6 .   ? -15.036 8.835   9.831   1.000 46.859  ? 1405 HOH AAA O   1 ? 
HETATM 1268 O  O   . HOH H 6 .   ? 1.652   12.932  -2.953  1.000 46.046  ? 1406 HOH AAA O   1 ? 
HETATM 1269 O  O   . HOH H 6 .   ? 4.346   -5.531  -8.675  1.000 20.914  ? 1407 HOH AAA O   1 ? 
HETATM 1270 O  O   . HOH H 6 .   ? 8.001   -18.973 -0.165  1.000 19.545  ? 1408 HOH AAA O   1 ? 
HETATM 1271 O  O   . HOH H 6 .   ? -6.802  18.288  15.036  1.000 51.056  ? 1409 HOH AAA O   1 ? 
HETATM 1272 O  O   . HOH H 6 .   ? -14.988 13.269  8.668   1.000 51.359  ? 1410 HOH AAA O   1 ? 
HETATM 1273 O  O   . HOH H 6 .   ? -13.113 12.136  4.133   1.000 56.892  ? 1411 HOH AAA O   1 ? 
HETATM 1274 O  O   . HOH H 6 .   ? -12.711 -7.405  10.118  1.000 38.477  ? 1412 HOH AAA O   1 ? 
HETATM 1275 O  O   . HOH H 6 .   ? 5.175   2.810   -7.240  1.000 45.085  ? 1413 HOH AAA O   1 ? 
HETATM 1276 O  O   . HOH H 6 .   ? 9.158   2.491   1.992   1.000 43.537  ? 1414 HOH AAA O   1 ? 
HETATM 1277 O  O   . HOH H 6 .   ? -4.406  -11.422 8.566   1.000 37.149  ? 1415 HOH AAA O   1 ? 
HETATM 1278 O  O   . HOH H 6 .   ? -2.462  1.525   15.189  1.000 60.399  ? 1416 HOH AAA O   1 ? 
HETATM 1279 O  O   . HOH H 6 .   ? 14.425  -11.986 8.016   1.000 36.992  ? 1417 HOH AAA O   1 ? 
HETATM 1280 O  O   . HOH H 6 .   ? 6.679   -7.327  -10.289 1.000 25.554  ? 1418 HOH AAA O   1 ? 
HETATM 1281 O  O   . HOH H 6 .   ? -13.086 13.931  18.574  1.000 28.193  ? 1419 HOH AAA O   1 ? 
HETATM 1282 O  O   . HOH H 6 .   ? -8.820  1.300   -8.390  1.000 54.893  ? 1420 HOH AAA O   1 ? 
HETATM 1283 O  O   . HOH H 6 .   ? -1.157  -9.475  -14.204 1.000 39.786  ? 1421 HOH AAA O   1 ? 
HETATM 1284 O  O   . HOH H 6 .   ? 16.764  -4.781  2.013   1.000 54.641  ? 1422 HOH AAA O   1 ? 
HETATM 1285 O  O   . HOH H 6 .   ? 10.618  -16.308 2.509   1.000 45.087  ? 1423 HOH AAA O   1 ? 
HETATM 1286 O  O   . HOH H 6 .   ? 16.377  -6.165  3.713   1.000 43.496  ? 1424 HOH AAA O   1 ? 
HETATM 1287 O  O   . HOH H 6 .   ? 5.441   -7.546  13.788  1.000 42.988  ? 1425 HOH AAA O   1 ? 
HETATM 1288 O  O   . HOH H 6 .   ? -1.393  15.706  -1.828  1.000 35.029  ? 1426 HOH AAA O   1 ? 
HETATM 1289 O  O   . HOH H 6 .   ? 8.346   -3.608  8.838   1.000 35.638  ? 1427 HOH AAA O   1 ? 
HETATM 1290 O  O   . HOH H 6 .   ? 15.000  -17.308 -7.605  1.000 50.369  ? 1428 HOH AAA O   1 ? 
HETATM 1291 O  O   . HOH H 6 .   ? -9.646  6.042   -0.626  1.000 43.909  ? 1429 HOH AAA O   1 ? 
HETATM 1292 O  O   . HOH H 6 .   ? -3.835  -4.420  -12.989 1.000 30.712  ? 1430 HOH AAA O   1 ? 
HETATM 1293 O  O   . HOH H 6 .   ? -17.020 4.813   8.727   1.000 58.513  ? 1431 HOH AAA O   1 ? 
HETATM 1294 O  O   . HOH H 6 .   ? 7.005   7.130   2.077   1.000 37.061  ? 1432 HOH AAA O   1 ? 
HETATM 1295 O  O   . HOH H 6 .   ? -14.590 -7.155  4.919   1.000 65.306  ? 1433 HOH AAA O   1 ? 
HETATM 1296 O  O   . HOH H 6 .   ? -5.715  -6.695  8.866   1.000 35.259  ? 1434 HOH AAA O   1 ? 
HETATM 1297 O  O   . HOH H 6 .   ? 2.651   7.735   6.249   1.000 32.312  ? 1435 HOH AAA O   1 ? 
HETATM 1298 O  O   . HOH H 6 .   ? 18.907  -11.806 -17.894 1.000 68.538  ? 1436 HOH AAA O   1 ? 
HETATM 1299 O  O   . HOH H 6 .   ? -12.183 17.141  5.305   1.000 54.241  ? 1437 HOH AAA O   1 ? 
HETATM 1300 O  O   . HOH H 6 .   ? -14.592 20.445  1.308   1.000 69.086  ? 1438 HOH AAA O   1 ? 
HETATM 1301 O  O   . HOH H 6 .   ? 4.584   1.209   12.064  1.000 49.707  ? 1439 HOH AAA O   1 ? 
HETATM 1302 O  O   . HOH H 6 .   ? 1.576   -6.979  -16.203 1.000 49.977  ? 1440 HOH AAA O   1 ? 
HETATM 1303 O  O   . HOH H 6 .   ? 0.816   -10.204 -12.637 1.000 43.472  ? 1441 HOH AAA O   1 ? 
HETATM 1304 O  O   . HOH H 6 .   ? 20.534  -21.866 -13.685 1.000 65.721  ? 1442 HOH AAA O   1 ? 
HETATM 1305 O  O   . HOH H 6 .   ? -9.773  21.221  14.482  1.000 35.702  ? 1443 HOH AAA O   1 ? 
HETATM 1306 O  O   . HOH H 6 .   ? -13.565 5.212   -0.548  1.000 48.096  ? 1444 HOH AAA O   1 ? 
HETATM 1307 O  O   . HOH H 6 .   ? 6.717   1.695   -7.504  1.000 51.243  ? 1445 HOH AAA O   1 ? 
HETATM 1308 O  O   . HOH H 6 .   ? 21.399  -2.262  0.460   1.000 58.691  ? 1446 HOH AAA O   1 ? 
HETATM 1309 O  O   . HOH H 6 .   ? 21.353  -11.005 -14.069 1.000 59.590  ? 1447 HOH AAA O   1 ? 
HETATM 1310 O  O   . HOH H 6 .   ? 9.312   1.807   3.896   1.000 51.381  ? 1448 HOH AAA O   1 ? 
HETATM 1311 O  O   . HOH H 6 .   ? 17.223  -17.319 -17.868 1.000 58.677  ? 1449 HOH AAA O   1 ? 
HETATM 1312 O  O   . HOH H 6 .   ? 3.144   -12.073 -15.295 1.000 64.171  ? 1450 HOH AAA O   1 ? 
HETATM 1313 O  O   . HOH H 6 .   ? -9.585  -3.547  -2.181  1.000 37.343  ? 1451 HOH AAA O   1 ? 
HETATM 1314 O  O   . HOH H 6 .   ? -8.836  19.268  3.912   1.000 54.560  ? 1452 HOH AAA O   1 ? 
HETATM 1315 O  O   . HOH H 6 .   ? 10.788  -12.165 9.397   1.000 59.862  ? 1453 HOH AAA O   1 ? 
HETATM 1316 O  O   . HOH H 6 .   ? -1.706  20.500  -9.026  1.000 53.703  ? 1454 HOH AAA O   1 ? 
HETATM 1317 O  O   . HOH H 6 .   ? 11.965  -14.948 7.365   1.000 77.644  ? 1455 HOH AAA O   1 ? 
HETATM 1318 O  O   . HOH H 6 .   ? -4.873  -13.817 -0.113  1.000 48.996  ? 1456 HOH AAA O   1 ? 
HETATM 1319 O  O   . HOH H 6 .   ? -2.498  -1.443  14.106  1.000 47.849  ? 1457 HOH AAA O   1 ? 
HETATM 1320 O  O   . HOH H 6 .   ? -11.018 7.381   1.724   1.000 64.995  ? 1458 HOH AAA O   1 ? 
HETATM 1321 O  O   . HOH H 6 .   ? -11.835 8.048   -8.315  1.000 65.970  ? 1459 HOH AAA O   1 ? 
HETATM 1322 O  O   . HOH H 6 .   ? 9.552   -15.660 6.545   1.000 39.284  ? 1460 HOH AAA O   1 ? 
HETATM 1323 O  O   . HOH H 6 .   ? 24.562  -5.251  -13.118 1.000 67.247  ? 1461 HOH AAA O   1 ? 
HETATM 1324 O  O   . HOH H 6 .   ? -2.403  11.029  -9.570  1.000 50.654  ? 1462 HOH AAA O   1 ? 
HETATM 1325 O  O   . HOH H 6 .   ? -7.324  -5.207  -10.064 1.000 55.374  ? 1463 HOH AAA O   1 ? 
HETATM 1326 O  O   . HOH H 6 .   ? 22.867  -12.673 3.999   1.000 58.450  ? 1464 HOH AAA O   1 ? 
HETATM 1327 O  O   . HOH H 6 .   ? -14.954 21.631  -1.702  0.500 91.331  ? 1465 HOH AAA O   1 ? 
HETATM 1328 O  O   . HOH H 6 .   ? -17.353 17.181  18.734  1.000 64.637  ? 1466 HOH AAA O   1 ? 
HETATM 1329 O  O   . HOH H 6 .   ? -16.041 1.842   7.488   1.000 50.937  ? 1467 HOH AAA O   1 ? 
HETATM 1330 O  O   . HOH H 6 .   ? 3.024   -5.323  -17.192 1.000 69.469  ? 1468 HOH AAA O   1 ? 
HETATM 1331 O  O   . HOH H 6 .   ? -15.840 1.776   0.335   1.000 54.903  ? 1469 HOH AAA O   1 ? 
HETATM 1332 O  O   . HOH H 6 .   ? -3.882  -13.042 -2.115  1.000 28.783  ? 1470 HOH AAA O   1 ? 
HETATM 1333 O  O   . HOH H 6 .   ? 10.122  -14.231 8.123   1.000 46.356  ? 1471 HOH AAA O   1 ? 
HETATM 1334 O  O   . HOH H 6 .   ? -16.432 -0.771  11.065  1.000 60.211  ? 1472 HOH AAA O   1 ? 
HETATM 1335 O  O   . HOH H 6 .   ? -8.327  7.547   -2.993  1.000 39.779  ? 1473 HOH AAA O   1 ? 
HETATM 1336 O  O   . HOH H 6 .   ? -18.240 16.831  13.271  1.000 62.777  ? 1474 HOH AAA O   1 ? 
HETATM 1337 O  O   . HOH H 6 .   ? -8.118  -13.184 -2.801  1.000 53.774  ? 1475 HOH AAA O   1 ? 
HETATM 1338 O  O   . HOH H 6 .   ? -0.295  -3.215  14.244  1.000 48.046  ? 1476 HOH AAA O   1 ? 
HETATM 1339 O  O   . HOH H 6 .   ? 0.820   -14.091 12.616  1.000 49.389  ? 1477 HOH AAA O   1 ? 
HETATM 1340 O  O   . HOH H 6 .   ? -3.586  2.049   -10.189 1.000 67.218  ? 1478 HOH AAA O   1 ? 
HETATM 1341 O  O   . HOH H 6 .   ? -2.781  -6.168  -15.022 1.000 33.660  ? 1479 HOH AAA O   1 ? 
HETATM 1342 O  O   . HOH H 6 .   ? 8.435   -7.424  -12.557 1.000 37.677  ? 1480 HOH AAA O   1 ? 
HETATM 1343 O  O   . HOH H 6 .   ? 6.032   -3.175  12.972  1.000 33.805  ? 1481 HOH AAA O   1 ? 
HETATM 1344 O  O   . HOH H 6 .   ? -6.566  22.363  9.855   1.000 55.903  ? 1482 HOH AAA O   1 ? 
HETATM 1345 O  O   . HOH H 6 .   ? -16.918 2.538   4.417   1.000 55.930  ? 1483 HOH AAA O   1 ? 
HETATM 1346 O  O   . HOH H 6 .   ? 22.967  -8.893  -10.814 1.000 44.417  ? 1484 HOH AAA O   1 ? 
HETATM 1347 O  O   . HOH H 6 .   ? 8.195   -4.912  16.334  1.000 60.353  ? 1485 HOH AAA O   1 ? 
HETATM 1348 O  O   . HOH H 6 .   ? 11.089  -3.210  3.372   1.000 48.133  ? 1486 HOH AAA O   1 ? 
HETATM 1349 O  O   . HOH H 6 .   ? 2.486   -2.227  15.147  1.000 54.693  ? 1487 HOH AAA O   1 ? 
HETATM 1350 O  O   . HOH H 6 .   ? -5.843  -11.488 -3.212  1.000 47.820  ? 1488 HOH AAA O   1 ? 
HETATM 1351 O  O   . HOH H 6 .   ? -7.374  -9.041  -8.469  1.000 67.863  ? 1489 HOH AAA O   1 ? 
HETATM 1352 O  O   . HOH H 6 .   ? 10.489  -5.237  8.372   1.000 65.571  ? 1490 HOH AAA O   1 ? 
HETATM 1353 O  O   . HOH H 6 .   ? 16.533  1.523   -8.318  1.000 65.983  ? 1491 HOH AAA O   1 ? 
HETATM 1354 O  O   . HOH H 6 .   ? -11.707 -5.030  -1.509  1.000 56.681  ? 1492 HOH AAA O   1 ? 
HETATM 1355 O  O   . HOH H 6 .   ? -3.707  9.577   -8.960  1.000 88.726  ? 1493 HOH AAA O   1 ? 
HETATM 1356 O  O   . HOH H 6 .   ? 9.581   -6.238  -14.091 1.000 66.386  ? 1494 HOH AAA O   1 ? 
HETATM 1357 O  O   . HOH H 6 .   ? 8.326   -2.357  11.341  1.000 44.927  ? 1495 HOH AAA O   1 ? 
HETATM 1358 O  O   . HOH H 6 .   ? -15.621 11.622  7.828   1.000 67.937  ? 1496 HOH AAA O   1 ? 
HETATM 1359 O  O   . HOH H 6 .   ? -15.292 6.636   7.018   1.000 55.716  ? 1497 HOH AAA O   1 ? 
HETATM 1360 O  O   . HOH H 6 .   ? -5.702  -9.717  -5.044  1.000 58.273  ? 1498 HOH AAA O   1 ? 
HETATM 1361 O  O   . HOH H 6 .   ? 22.883  -3.502  -6.095  1.000 48.700  ? 1499 HOH AAA O   1 ? 
HETATM 1362 O  O   . HOH H 6 .   ? 2.864   -14.858 0.820   1.000 21.108  ? 1500 HOH AAA O   1 ? 
HETATM 1363 O  O   . HOH H 6 .   ? -8.332  -8.319  -5.937  1.000 62.420  ? 1501 HOH AAA O   1 ? 
HETATM 1364 O  O   . HOH H 6 .   ? 4.675   9.428   4.516   1.000 54.083  ? 1502 HOH AAA O   1 ? 
HETATM 1365 O  O   . HOH H 6 .   ? 5.016   8.639   -2.390  1.000 52.927  ? 1503 HOH AAA O   1 ? 
HETATM 1366 O  O   . HOH H 6 .   ? 7.770   -9.079  14.500  1.000 56.237  ? 1504 HOH AAA O   1 ? 
HETATM 1367 O  O   . HOH H 6 .   ? 2.013   9.101   7.968   1.000 62.711  ? 1505 HOH AAA O   1 ? 
HETATM 1368 O  O   . HOH H 6 .   ? 5.713   -12.249 -16.109 1.000 62.952  ? 1506 HOH AAA O   1 ? 
HETATM 1369 O  O   . HOH H 6 .   ? -0.496  -7.656  12.371  1.000 56.711  ? 1507 HOH AAA O   1 ? 
HETATM 1370 O  O   . HOH H 6 .   ? -0.519  -5.436  14.023  1.000 56.816  ? 1508 HOH AAA O   1 ? 
HETATM 1371 O  O   . HOH H 6 .   ? -2.467  1.186   -11.783 1.000 55.017  ? 1509 HOH AAA O   1 ? 
HETATM 1372 O  O   . HOH H 6 .   ? -9.276  10.633  -6.062  1.000 55.189  ? 1510 HOH AAA O   1 ? 
HETATM 1373 O  O   . HOH H 6 .   ? -7.650  0.923   -12.713 1.000 50.694  ? 1511 HOH AAA O   1 ? 
HETATM 1374 O  O   . HOH H 6 .   ? -14.990 -4.968  4.974   1.000 52.238  ? 1512 HOH AAA O   1 ? 
HETATM 1375 O  O   . HOH H 6 .   ? 2.354   12.854  -0.296  1.000 41.144  ? 1513 HOH AAA O   1 ? 
HETATM 1376 O  O   . HOH H 6 .   ? 13.619  -6.309  5.048   1.000 47.398  ? 1514 HOH AAA O   1 ? 
HETATM 1377 O  O   . HOH H 6 .   ? -13.230 -3.621  13.694  1.000 60.965  ? 1515 HOH AAA O   1 ? 
HETATM 1378 O  O   . HOH H 6 .   ? -12.538 11.358  18.402  1.000 30.345  ? 1516 HOH AAA O   1 ? 
HETATM 1379 O  O   . HOH H 6 .   ? 13.346  -19.823 4.729   1.000 57.787  ? 1517 HOH AAA O   1 ? 
HETATM 1380 O  O   . HOH H 6 .   ? 2.139   12.145  7.027   1.000 57.045  ? 1518 HOH AAA O   1 ? 
HETATM 1381 O  O   . HOH H 6 .   ? -9.171  -5.352  -5.839  1.000 57.386  ? 1519 HOH AAA O   1 ? 
HETATM 1382 O  O   . HOH H 6 .   ? 5.660   -5.087  14.754  1.000 46.439  ? 1520 HOH AAA O   1 ? 
HETATM 1383 O  O   . HOH H 6 .   ? -2.064  -5.984  -17.358 1.000 49.499  ? 1521 HOH AAA O   1 ? 
HETATM 1384 O  O   . HOH H 6 .   ? -14.470 -8.964  2.421   1.000 55.428  ? 1522 HOH AAA O   1 ? 
HETATM 1385 O  O   . HOH H 6 .   ? -4.061  -8.410  9.945   1.000 43.285  ? 1523 HOH AAA O   1 ? 
HETATM 1386 O  O   . HOH H 6 .   ? -1.843  -8.610  11.715  1.000 60.754  ? 1524 HOH AAA O   1 ? 
HETATM 1387 O  O   . HOH H 6 .   ? -16.325 13.460  -11.688 1.000 81.139  ? 1525 HOH AAA O   1 ? 
HETATM 1388 O  O   . HOH H 6 .   ? 11.271  -3.967  5.131   1.000 58.373  ? 1526 HOH AAA O   1 ? 
HETATM 1389 O  O   . HOH H 6 .   ? 3.245   -4.535  16.109  1.000 48.643  ? 1527 HOH AAA O   1 ? 
HETATM 1390 O  O   . HOH H 6 .   ? 1.832   -6.450  15.969  1.000 62.610  ? 1528 HOH AAA O   1 ? 
HETATM 1391 O  O   . HOH H 6 .   ? -7.873  10.837  -9.006  1.000 65.881  ? 1529 HOH AAA O   1 ? 
HETATM 1392 O  O   . HOH H 6 .   ? -14.820 8.465   4.647   1.000 55.850  ? 1530 HOH AAA O   1 ? 
# 
